data_6KTK
#
_entry.id   6KTK
#
_cell.length_a   90.610
_cell.length_b   127.560
_cell.length_c   137.570
_cell.angle_alpha   90.00
_cell.angle_beta   90.00
_cell.angle_gamma   90.00
#
_symmetry.space_group_name_H-M   'P 21 21 21'
#
loop_
_entity.id
_entity.type
_entity.pdbx_description
1 polymer 'Scyllo-inositol dehydrogenase with L-glucose dehydrogenase activity'
2 non-polymer '1,4-DIHYDRONICOTINAMIDE ADENINE DINUCLEOTIDE'
3 non-polymer 'TETRAETHYLENE GLYCOL'
4 non-polymer L-glucono-1,5-lactone
5 water water
#
_entity_poly.entity_id   1
_entity_poly.type   'polypeptide(L)'
_entity_poly.pdbx_seq_one_letter_code
;MSNAEKALGVALIGTGFMGKCHAMAWRNVATAFGGLPPRLEVLADMPADKAHSLASSFGFARGTADWREAVSDPAVDVVS
ITTPNGLHREMAEAALAAGKHVWLEKPMALSVEDAQAMEAAARASDRRTIIGYNYTRSPAFRAAVDLIAEGAIGRPIHFR
GMYDEDYMADPDLPWSWALTRKDGGLGALGDLGCHLVSVMVSLMGPVARVYAQADTVITDRPHQGGTARVENEDQAQALI
RFASGTSGEFSCSRVARGYRCRLAWEVQGTEGTLRFDQERMNELWLYQPGRPEIDGFRRILTGPAQPGFAAFCPGGGHNF
GFNEQKVVEAEMLRQAIAGRGKAWPDFTDGLTIERVIHGMATSAQTGQPVNFLEHHHHHH
;
_entity_poly.pdbx_strand_id   A,B,C,D
#
loop_
_chem_comp.id
_chem_comp.type
_chem_comp.name
_chem_comp.formula
8S0 L-saccharide L-glucono-1,5-lactone 'C6 H10 O6'
NAI non-polymer '1,4-DIHYDRONICOTINAMIDE ADENINE DINUCLEOTIDE' 'C21 H29 N7 O14 P2'
PG4 non-polymer 'TETRAETHYLENE GLYCOL' 'C8 H18 O5'
#
# COMPACT_ATOMS: atom_id res chain seq x y z
N LYS A 6 43.59 -6.16 21.75
CA LYS A 6 42.72 -4.93 21.77
C LYS A 6 41.43 -5.15 20.99
N ALA A 7 41.30 -6.20 20.18
CA ALA A 7 39.99 -6.65 19.69
C ALA A 7 39.13 -7.02 20.92
N LEU A 8 37.85 -6.70 20.89
CA LEU A 8 36.89 -7.02 21.97
C LEU A 8 36.71 -8.54 22.02
N GLY A 9 36.87 -9.17 23.19
CA GLY A 9 36.59 -10.62 23.36
C GLY A 9 35.13 -10.83 23.72
N VAL A 10 34.44 -11.71 22.99
CA VAL A 10 32.96 -11.88 23.10
C VAL A 10 32.63 -13.25 23.70
N ALA A 11 31.75 -13.25 24.69
CA ALA A 11 31.02 -14.46 25.14
C ALA A 11 29.58 -14.33 24.68
N LEU A 12 28.99 -15.44 24.22
CA LEU A 12 27.57 -15.48 23.81
C LEU A 12 26.88 -16.57 24.63
N ILE A 13 25.82 -16.22 25.37
CA ILE A 13 25.00 -17.21 26.11
C ILE A 13 23.68 -17.36 25.35
N GLY A 14 23.39 -18.56 24.85
CA GLY A 14 22.17 -18.86 24.08
C GLY A 14 22.44 -18.78 22.59
N THR A 15 21.70 -19.56 21.79
CA THR A 15 21.93 -19.69 20.33
C THR A 15 20.60 -19.68 19.57
N GLY A 16 19.52 -19.27 20.22
CA GLY A 16 18.16 -19.29 19.64
C GLY A 16 17.94 -18.11 18.73
N PHE A 17 16.71 -17.61 18.70
CA PHE A 17 16.31 -16.43 17.88
C PHE A 17 17.36 -15.34 18.09
N MET A 18 17.58 -14.91 19.33
CA MET A 18 18.47 -13.77 19.60
C MET A 18 19.93 -14.21 19.67
N GLY A 19 20.24 -15.39 20.23
CA GLY A 19 21.63 -15.89 20.26
C GLY A 19 22.24 -15.89 18.86
N LYS A 20 21.55 -16.43 17.87
CA LYS A 20 22.08 -16.50 16.49
C LYS A 20 22.11 -15.09 15.89
N CYS A 21 21.14 -14.24 16.21
CA CYS A 21 21.13 -12.83 15.75
C CYS A 21 22.34 -12.08 16.31
N HIS A 22 22.63 -12.23 17.61
CA HIS A 22 23.85 -11.64 18.23
C HIS A 22 25.11 -12.19 17.56
N ALA A 23 25.17 -13.50 17.33
CA ALA A 23 26.35 -14.14 16.70
C ALA A 23 26.63 -13.52 15.32
N MET A 24 25.60 -13.33 14.52
CA MET A 24 25.76 -12.73 13.17
C MET A 24 26.18 -11.27 13.32
N ALA A 25 25.69 -10.57 14.34
CA ALA A 25 26.00 -9.15 14.56
C ALA A 25 27.48 -9.01 14.94
N TRP A 26 27.92 -9.78 15.93
CA TRP A 26 29.33 -9.72 16.39
C TRP A 26 30.28 -10.08 15.24
N ARG A 27 29.87 -10.99 14.36
CA ARG A 27 30.71 -11.49 13.25
CA ARG A 27 30.69 -11.49 13.23
C ARG A 27 30.97 -10.38 12.22
N ASN A 28 30.00 -9.49 11.98
CA ASN A 28 30.12 -8.50 10.87
C ASN A 28 30.18 -7.05 11.34
N VAL A 29 30.23 -6.79 12.65
CA VAL A 29 30.21 -5.39 13.14
C VAL A 29 31.43 -4.61 12.60
N ALA A 30 32.62 -5.21 12.56
CA ALA A 30 33.81 -4.50 12.03
C ALA A 30 33.77 -4.46 10.50
N THR A 31 33.17 -5.46 9.86
CA THR A 31 33.01 -5.45 8.38
C THR A 31 32.22 -4.19 8.02
N ALA A 32 31.12 -3.94 8.72
CA ALA A 32 30.24 -2.78 8.45
C ALA A 32 30.91 -1.47 8.88
N PHE A 33 31.44 -1.40 10.10
CA PHE A 33 31.77 -0.12 10.77
C PHE A 33 33.29 0.11 10.87
N GLY A 34 34.12 -0.85 10.47
CA GLY A 34 35.59 -0.72 10.54
C GLY A 34 36.12 -1.05 11.92
N GLY A 35 37.41 -0.79 12.15
CA GLY A 35 38.11 -1.18 13.39
C GLY A 35 38.44 -2.66 13.39
N LEU A 36 38.72 -3.20 14.56
CA LEU A 36 39.18 -4.61 14.72
C LEU A 36 37.97 -5.51 14.92
N PRO A 37 37.87 -6.62 14.16
CA PRO A 37 36.79 -7.58 14.35
C PRO A 37 36.82 -8.10 15.78
N PRO A 38 35.71 -8.03 16.55
CA PRO A 38 35.64 -8.68 17.84
C PRO A 38 36.03 -10.16 17.74
N ARG A 39 36.69 -10.70 18.75
CA ARG A 39 37.08 -12.14 18.78
CA ARG A 39 37.08 -12.13 18.79
C ARG A 39 35.95 -12.92 19.45
N LEU A 40 35.44 -13.93 18.76
CA LEU A 40 34.33 -14.77 19.27
C LEU A 40 34.97 -15.88 20.11
N GLU A 41 34.95 -15.72 21.43
CA GLU A 41 35.79 -16.54 22.34
C GLU A 41 35.01 -17.74 22.84
N VAL A 42 33.88 -17.54 23.52
CA VAL A 42 33.15 -18.67 24.16
C VAL A 42 31.66 -18.54 23.90
N LEU A 43 31.06 -19.63 23.45
CA LEU A 43 29.59 -19.75 23.28
C LEU A 43 29.10 -20.73 24.33
N ALA A 44 28.03 -20.40 25.04
CA ALA A 44 27.40 -21.29 26.03
C ALA A 44 25.99 -21.63 25.57
N ASP A 45 25.65 -22.91 25.61
CA ASP A 45 24.30 -23.41 25.29
C ASP A 45 24.17 -24.82 25.86
N MET A 46 22.95 -25.31 26.00
CA MET A 46 22.71 -26.70 26.48
C MET A 46 21.86 -27.43 25.44
N PRO A 47 22.15 -28.72 25.18
CA PRO A 47 23.23 -29.44 25.84
C PRO A 47 24.62 -29.18 25.24
N ALA A 48 25.66 -29.80 25.80
CA ALA A 48 27.08 -29.58 25.44
C ALA A 48 27.33 -29.82 23.95
N ASP A 49 26.82 -30.91 23.37
CA ASP A 49 27.08 -31.26 21.95
C ASP A 49 26.54 -30.14 21.05
N LYS A 50 25.40 -29.54 21.42
CA LYS A 50 24.81 -28.40 20.66
C LYS A 50 25.75 -27.19 20.77
N ALA A 51 26.29 -26.92 21.95
CA ALA A 51 27.22 -25.79 22.17
C ALA A 51 28.48 -26.00 21.31
N HIS A 52 29.01 -27.21 21.29
CA HIS A 52 30.24 -27.53 20.49
C HIS A 52 29.96 -27.34 19.00
N SER A 53 28.82 -27.83 18.51
CA SER A 53 28.43 -27.78 17.07
CA SER A 53 28.48 -27.77 17.06
C SER A 53 28.20 -26.31 16.65
N LEU A 54 27.45 -25.56 17.44
CA LEU A 54 27.14 -24.15 17.08
C LEU A 54 28.37 -23.27 17.28
N ALA A 55 29.24 -23.54 18.25
CA ALA A 55 30.50 -22.78 18.38
C ALA A 55 31.28 -22.93 17.06
N SER A 56 31.35 -24.14 16.51
CA SER A 56 32.12 -24.43 15.28
C SER A 56 31.51 -23.65 14.10
N SER A 57 30.19 -23.72 13.90
CA SER A 57 29.56 -23.08 12.72
C SER A 57 29.48 -21.55 12.90
N PHE A 58 29.31 -21.05 14.13
CA PHE A 58 29.24 -19.60 14.45
C PHE A 58 30.64 -18.98 14.46
N GLY A 59 31.70 -19.79 14.52
CA GLY A 59 33.09 -19.31 14.53
C GLY A 59 33.57 -18.90 15.92
N PHE A 60 32.97 -19.43 16.99
CA PHE A 60 33.46 -19.18 18.37
C PHE A 60 34.61 -20.15 18.64
N ALA A 61 35.62 -19.70 19.39
CA ALA A 61 36.84 -20.50 19.65
C ALA A 61 36.44 -21.80 20.36
N ARG A 62 35.41 -21.79 21.21
CA ARG A 62 34.90 -23.01 21.85
C ARG A 62 33.45 -22.83 22.31
N GLY A 63 32.79 -23.96 22.53
CA GLY A 63 31.45 -24.05 23.12
C GLY A 63 31.53 -24.73 24.47
N THR A 64 30.64 -24.35 25.38
CA THR A 64 30.51 -24.99 26.71
C THR A 64 29.03 -25.09 27.06
N ALA A 65 28.65 -26.05 27.91
CA ALA A 65 27.28 -26.18 28.43
C ALA A 65 27.10 -25.31 29.68
N ASP A 66 28.16 -24.62 30.11
CA ASP A 66 28.19 -23.90 31.41
C ASP A 66 28.29 -22.40 31.15
N TRP A 67 27.18 -21.68 31.29
CA TRP A 67 27.16 -20.21 31.09
C TRP A 67 28.18 -19.51 32.00
N ARG A 68 28.43 -20.01 33.22
CA ARG A 68 29.35 -19.34 34.17
C ARG A 68 30.78 -19.41 33.62
N GLU A 69 31.10 -20.48 32.90
CA GLU A 69 32.44 -20.64 32.25
C GLU A 69 32.61 -19.53 31.21
N ALA A 70 31.57 -19.27 30.41
CA ALA A 70 31.64 -18.26 29.33
C ALA A 70 31.84 -16.87 29.94
N VAL A 71 31.10 -16.57 31.00
CA VAL A 71 31.09 -15.24 31.67
C VAL A 71 32.46 -14.97 32.31
N SER A 72 33.12 -16.00 32.85
CA SER A 72 34.33 -15.87 33.70
C SER A 72 35.61 -15.99 32.87
N ASP A 73 35.52 -16.32 31.58
CA ASP A 73 36.71 -16.60 30.76
C ASP A 73 37.55 -15.33 30.65
N PRO A 74 38.87 -15.39 30.96
CA PRO A 74 39.70 -14.17 30.92
C PRO A 74 39.81 -13.49 29.55
N ALA A 75 39.54 -14.20 28.44
CA ALA A 75 39.63 -13.63 27.08
C ALA A 75 38.35 -12.85 26.76
N VAL A 76 37.34 -12.93 27.62
CA VAL A 76 36.01 -12.31 27.39
C VAL A 76 36.01 -10.90 28.00
N ASP A 77 35.56 -9.91 27.23
CA ASP A 77 35.40 -8.52 27.69
C ASP A 77 33.91 -8.17 27.78
N VAL A 78 33.10 -8.78 26.93
CA VAL A 78 31.65 -8.45 26.82
C VAL A 78 30.86 -9.75 26.66
N VAL A 79 29.69 -9.80 27.30
CA VAL A 79 28.80 -10.99 27.29
C VAL A 79 27.48 -10.63 26.63
N SER A 80 27.12 -11.32 25.56
CA SER A 80 25.76 -11.31 24.96
C SER A 80 24.92 -12.32 25.74
N ILE A 81 23.84 -11.88 26.37
CA ILE A 81 22.96 -12.78 27.17
C ILE A 81 21.61 -12.88 26.46
N THR A 82 21.31 -14.04 25.88
CA THR A 82 20.09 -14.24 25.05
C THR A 82 19.29 -15.43 25.58
N THR A 83 19.38 -15.68 26.89
CA THR A 83 18.69 -16.80 27.57
C THR A 83 17.28 -16.35 27.93
N PRO A 84 16.42 -17.27 28.39
CA PRO A 84 15.07 -16.92 28.82
C PRO A 84 15.06 -15.90 29.96
N ASN A 85 13.97 -15.14 30.04
CA ASN A 85 13.85 -13.94 30.90
C ASN A 85 14.18 -14.28 32.35
N GLY A 86 13.79 -15.46 32.83
CA GLY A 86 13.95 -15.85 34.24
C GLY A 86 15.41 -16.03 34.62
N LEU A 87 16.33 -16.10 33.65
CA LEU A 87 17.78 -16.27 33.91
C LEU A 87 18.54 -14.96 33.72
N HIS A 88 17.91 -13.90 33.18
CA HIS A 88 18.62 -12.64 32.86
C HIS A 88 19.31 -12.07 34.10
N ARG A 89 18.63 -12.02 35.24
CA ARG A 89 19.18 -11.29 36.40
C ARG A 89 20.43 -12.02 36.90
N GLU A 90 20.34 -13.33 37.08
CA GLU A 90 21.46 -14.14 37.62
C GLU A 90 22.67 -13.97 36.69
N MET A 91 22.44 -14.09 35.39
CA MET A 91 23.53 -14.08 34.39
C MET A 91 24.11 -12.67 34.26
N ALA A 92 23.29 -11.63 34.23
CA ALA A 92 23.78 -10.25 34.06
C ALA A 92 24.59 -9.84 35.30
N GLU A 93 24.09 -10.14 36.50
CA GLU A 93 24.79 -9.77 37.76
C GLU A 93 26.13 -10.51 37.82
N ALA A 94 26.17 -11.78 37.44
CA ALA A 94 27.42 -12.59 37.45
C ALA A 94 28.42 -11.99 36.46
N ALA A 95 27.97 -11.60 35.27
CA ALA A 95 28.85 -11.03 34.23
C ALA A 95 29.42 -9.70 34.73
N LEU A 96 28.59 -8.83 35.31
CA LEU A 96 29.01 -7.52 35.86
C LEU A 96 30.01 -7.75 37.00
N ALA A 97 29.72 -8.72 37.88
CA ALA A 97 30.58 -9.04 39.05
C ALA A 97 31.94 -9.54 38.56
N ALA A 98 31.99 -10.21 37.40
CA ALA A 98 33.23 -10.74 36.79
C ALA A 98 33.96 -9.64 36.00
N GLY A 99 33.42 -8.41 35.97
CA GLY A 99 34.06 -7.25 35.30
C GLY A 99 33.82 -7.25 33.79
N LYS A 100 32.70 -7.80 33.32
CA LYS A 100 32.38 -7.83 31.88
C LYS A 100 31.31 -6.80 31.55
N HIS A 101 31.41 -6.17 30.39
CA HIS A 101 30.31 -5.36 29.80
C HIS A 101 29.20 -6.34 29.41
N VAL A 102 27.94 -5.88 29.36
CA VAL A 102 26.79 -6.79 29.15
C VAL A 102 25.87 -6.24 28.04
N TRP A 103 25.59 -7.10 27.06
CA TRP A 103 24.53 -6.91 26.05
C TRP A 103 23.38 -7.84 26.41
N LEU A 104 22.37 -7.32 27.09
CA LEU A 104 21.28 -8.14 27.68
C LEU A 104 20.03 -8.08 26.79
N GLU A 105 19.44 -9.22 26.47
CA GLU A 105 18.17 -9.21 25.72
C GLU A 105 17.06 -8.64 26.60
N LYS A 106 16.03 -8.06 25.98
CA LYS A 106 14.82 -7.57 26.67
C LYS A 106 13.92 -8.75 27.02
N PRO A 107 12.98 -8.58 27.99
CA PRO A 107 13.02 -7.49 28.95
C PRO A 107 14.16 -7.75 29.95
N MET A 108 14.45 -6.82 30.85
CA MET A 108 15.60 -6.98 31.79
C MET A 108 15.42 -8.26 32.61
N ALA A 109 14.28 -8.44 33.27
CA ALA A 109 14.01 -9.58 34.17
C ALA A 109 12.51 -9.78 34.30
N LEU A 110 12.04 -10.40 35.38
CA LEU A 110 10.61 -10.76 35.55
C LEU A 110 9.88 -9.68 36.35
N SER A 111 10.60 -8.90 37.16
CA SER A 111 9.98 -7.94 38.10
C SER A 111 10.77 -6.63 38.11
N VAL A 112 10.15 -5.58 38.62
CA VAL A 112 10.82 -4.28 38.83
C VAL A 112 11.92 -4.48 39.87
N GLU A 113 11.63 -5.25 40.92
CA GLU A 113 12.60 -5.55 42.00
C GLU A 113 13.88 -6.14 41.39
N ASP A 114 13.75 -7.11 40.49
CA ASP A 114 14.90 -7.72 39.76
C ASP A 114 15.67 -6.64 39.01
N ALA A 115 14.96 -5.79 38.26
CA ALA A 115 15.57 -4.75 37.41
C ALA A 115 16.33 -3.75 38.29
N GLN A 116 15.75 -3.40 39.45
CA GLN A 116 16.39 -2.46 40.41
C GLN A 116 17.73 -3.02 40.87
N ALA A 117 17.77 -4.30 41.22
CA ALA A 117 19.00 -4.97 41.70
C ALA A 117 20.04 -4.97 40.58
N MET A 118 19.62 -5.20 39.34
CA MET A 118 20.52 -5.24 38.16
C MET A 118 21.04 -3.82 37.89
N GLU A 119 20.17 -2.81 38.03
CA GLU A 119 20.52 -1.39 37.79
C GLU A 119 21.61 -0.97 38.78
N ALA A 120 21.46 -1.38 40.04
CA ALA A 120 22.44 -1.08 41.12
C ALA A 120 23.76 -1.80 40.81
N ALA A 121 23.70 -3.07 40.39
CA ALA A 121 24.89 -3.90 40.11
C ALA A 121 25.68 -3.29 38.95
N ALA A 122 25.01 -2.75 37.94
CA ALA A 122 25.66 -2.16 36.75
C ALA A 122 26.43 -0.89 37.17
N ARG A 123 25.80 -0.03 37.97
CA ARG A 123 26.46 1.22 38.48
C ARG A 123 27.70 0.84 39.29
N ALA A 124 27.60 -0.15 40.19
CA ALA A 124 28.72 -0.58 41.06
C ALA A 124 29.89 -1.14 40.22
N SER A 125 29.60 -1.83 39.11
CA SER A 125 30.60 -2.55 38.28
C SER A 125 31.43 -1.57 37.43
N ASP A 126 30.90 -0.38 37.13
CA ASP A 126 31.50 0.57 36.17
C ASP A 126 31.77 -0.12 34.83
N ARG A 127 30.85 -0.98 34.38
CA ARG A 127 30.94 -1.64 33.04
C ARG A 127 29.77 -1.10 32.21
N ARG A 128 29.90 -1.14 30.89
CA ARG A 128 28.83 -0.67 29.97
C ARG A 128 27.76 -1.75 29.88
N THR A 129 26.50 -1.32 29.79
CA THR A 129 25.34 -2.21 29.57
C THR A 129 24.52 -1.63 28.41
N ILE A 130 23.88 -2.51 27.66
CA ILE A 130 22.84 -2.11 26.67
C ILE A 130 21.81 -3.23 26.64
N ILE A 131 20.55 -2.87 26.43
CA ILE A 131 19.45 -3.87 26.35
C ILE A 131 19.02 -3.95 24.89
N GLY A 132 18.64 -5.16 24.44
CA GLY A 132 18.42 -5.51 23.03
C GLY A 132 17.15 -4.94 22.42
N TYR A 133 16.86 -3.66 22.62
CA TYR A 133 15.71 -2.97 21.98
C TYR A 133 16.04 -2.64 20.53
N ASN A 134 16.09 -3.68 19.71
CA ASN A 134 16.69 -3.57 18.36
C ASN A 134 15.80 -2.74 17.42
N TYR A 135 14.53 -2.49 17.76
CA TYR A 135 13.65 -1.71 16.85
C TYR A 135 14.00 -0.22 16.92
N THR A 136 14.81 0.21 17.88
CA THR A 136 15.33 1.61 17.95
C THR A 136 16.54 1.78 17.04
N ARG A 137 16.94 0.76 16.27
CA ARG A 137 18.24 0.76 15.53
C ARG A 137 18.02 0.88 14.02
N SER A 138 16.80 0.76 13.51
CA SER A 138 16.59 0.81 12.05
C SER A 138 16.97 2.21 11.56
N PRO A 139 17.50 2.36 10.33
CA PRO A 139 17.70 3.68 9.76
C PRO A 139 16.42 4.53 9.76
N ALA A 140 15.26 3.92 9.52
CA ALA A 140 13.98 4.65 9.47
C ALA A 140 13.68 5.24 10.85
N PHE A 141 13.79 4.43 11.90
CA PHE A 141 13.49 4.89 13.27
C PHE A 141 14.44 6.05 13.61
N ARG A 142 15.73 5.84 13.42
CA ARG A 142 16.75 6.84 13.77
C ARG A 142 16.54 8.11 12.94
N ALA A 143 16.12 7.98 11.67
CA ALA A 143 15.82 9.15 10.82
C ALA A 143 14.61 9.91 11.39
N ALA A 144 13.59 9.19 11.87
CA ALA A 144 12.38 9.80 12.46
C ALA A 144 12.75 10.62 13.69
N VAL A 145 13.59 10.06 14.56
CA VAL A 145 14.01 10.77 15.79
C VAL A 145 14.71 12.07 15.39
N ASP A 146 15.59 12.01 14.39
CA ASP A 146 16.32 13.23 13.95
C ASP A 146 15.34 14.22 13.34
N LEU A 147 14.38 13.76 12.54
CA LEU A 147 13.39 14.66 11.90
C LEU A 147 12.58 15.36 12.99
N ILE A 148 12.14 14.65 14.02
CA ILE A 148 11.37 15.28 15.11
C ILE A 148 12.21 16.36 15.79
N ALA A 149 13.49 16.09 16.06
CA ALA A 149 14.41 17.03 16.73
C ALA A 149 14.62 18.27 15.86
N GLU A 150 14.61 18.12 14.54
CA GLU A 150 14.82 19.23 13.58
C GLU A 150 13.54 20.05 13.39
N GLY A 151 12.41 19.61 13.95
CA GLY A 151 11.10 20.29 13.84
C GLY A 151 10.35 19.95 12.57
N ALA A 152 10.61 18.80 11.95
CA ALA A 152 9.98 18.41 10.67
C ALA A 152 8.46 18.26 10.84
N ILE A 153 7.96 17.92 12.03
CA ILE A 153 6.50 17.77 12.26
C ILE A 153 6.01 18.79 13.28
N GLY A 154 6.78 19.83 13.55
CA GLY A 154 6.38 20.83 14.56
C GLY A 154 6.33 20.22 15.94
N ARG A 155 5.39 20.66 16.75
CA ARG A 155 5.24 20.22 18.16
C ARG A 155 4.45 18.91 18.17
N PRO A 156 5.01 17.78 18.67
CA PRO A 156 4.21 16.57 18.80
C PRO A 156 2.96 16.81 19.68
N ILE A 157 1.80 16.31 19.24
CA ILE A 157 0.51 16.47 19.99
C ILE A 157 -0.11 15.11 20.29
N HIS A 158 0.32 14.05 19.61
CA HIS A 158 -0.23 12.70 19.87
C HIS A 158 0.73 11.60 19.39
N PHE A 159 0.82 10.54 20.18
CA PHE A 159 1.50 9.30 19.80
C PHE A 159 0.45 8.19 19.75
N ARG A 160 0.48 7.39 18.68
CA ARG A 160 -0.31 6.14 18.66
C ARG A 160 0.62 5.01 18.24
N GLY A 161 0.73 3.99 19.09
CA GLY A 161 1.62 2.85 18.81
C GLY A 161 0.92 1.54 19.08
N MET A 162 1.27 0.53 18.30
CA MET A 162 0.76 -0.85 18.51
C MET A 162 1.91 -1.82 18.24
N TYR A 163 1.80 -3.02 18.77
CA TYR A 163 2.76 -4.09 18.42
C TYR A 163 1.97 -5.39 18.44
N ASP A 164 1.47 -5.75 17.25
CA ASP A 164 0.66 -6.97 17.05
C ASP A 164 1.51 -8.08 16.44
N GLU A 165 1.40 -9.26 17.03
CA GLU A 165 1.89 -10.53 16.44
C GLU A 165 0.89 -11.62 16.78
N ASP A 166 1.00 -12.78 16.15
CA ASP A 166 0.01 -13.85 16.35
C ASP A 166 0.70 -15.16 16.73
N TYR A 167 1.92 -15.13 17.26
CA TYR A 167 2.70 -16.35 17.59
C TYR A 167 1.99 -17.16 18.68
N MET A 168 1.05 -16.60 19.45
CA MET A 168 0.28 -17.39 20.46
C MET A 168 -1.21 -17.46 20.08
N ALA A 169 -1.61 -17.07 18.88
CA ALA A 169 -3.04 -17.04 18.50
C ALA A 169 -3.62 -18.46 18.49
N ASP A 170 -2.81 -19.47 18.19
CA ASP A 170 -3.25 -20.89 18.08
CA ASP A 170 -3.27 -20.88 18.08
C ASP A 170 -3.47 -21.44 19.49
N PRO A 171 -4.72 -21.79 19.88
CA PRO A 171 -5.01 -22.28 21.23
C PRO A 171 -4.33 -23.62 21.54
N ASP A 172 -3.93 -24.34 20.50
CA ASP A 172 -3.32 -25.69 20.62
C ASP A 172 -1.81 -25.55 20.86
N LEU A 173 -1.20 -24.35 20.76
CA LEU A 173 0.23 -24.19 21.11
C LEU A 173 0.38 -24.47 22.60
N PRO A 174 1.34 -25.35 22.96
CA PRO A 174 1.42 -25.84 24.33
C PRO A 174 1.77 -24.74 25.32
N TRP A 175 1.33 -25.02 26.54
CA TRP A 175 1.72 -24.29 27.76
C TRP A 175 3.24 -24.33 27.91
N SER A 176 3.78 -23.31 28.55
CA SER A 176 5.21 -23.24 28.96
C SER A 176 5.30 -22.44 30.26
N TRP A 177 6.44 -22.55 30.94
CA TRP A 177 6.71 -21.81 32.20
C TRP A 177 6.70 -20.29 31.94
N ALA A 178 6.85 -19.86 30.68
CA ALA A 178 6.80 -18.42 30.29
C ALA A 178 5.39 -17.87 30.56
N LEU A 179 4.39 -18.75 30.71
CA LEU A 179 2.97 -18.34 30.85
C LEU A 179 2.56 -18.30 32.32
N THR A 180 3.47 -18.53 33.26
CA THR A 180 3.23 -18.24 34.70
C THR A 180 3.83 -16.88 35.03
N ARG A 181 3.24 -16.18 36.00
CA ARG A 181 3.77 -14.88 36.47
C ARG A 181 5.09 -15.10 37.21
N LYS A 182 5.18 -16.13 38.03
CA LYS A 182 6.38 -16.35 38.90
C LYS A 182 7.60 -16.66 38.03
N ASP A 183 7.45 -17.48 37.00
CA ASP A 183 8.60 -18.00 36.19
C ASP A 183 8.67 -17.28 34.84
N GLY A 184 7.58 -16.64 34.39
CA GLY A 184 7.52 -16.02 33.05
C GLY A 184 7.35 -14.51 33.09
N GLY A 185 6.96 -13.94 34.24
CA GLY A 185 6.69 -12.49 34.38
C GLY A 185 5.48 -12.08 33.55
N LEU A 186 5.58 -10.96 32.83
CA LEU A 186 4.47 -10.43 32.02
C LEU A 186 4.28 -11.27 30.76
N GLY A 187 3.15 -11.11 30.11
CA GLY A 187 2.82 -11.80 28.85
C GLY A 187 3.22 -10.94 27.67
N ALA A 188 2.26 -10.52 26.86
CA ALA A 188 2.50 -9.64 25.70
C ALA A 188 3.22 -8.36 26.12
N LEU A 189 3.01 -7.85 27.32
CA LEU A 189 3.70 -6.62 27.77
C LEU A 189 5.21 -6.88 27.88
N GLY A 190 5.61 -8.07 28.31
CA GLY A 190 7.03 -8.45 28.43
C GLY A 190 7.64 -8.80 27.08
N ASP A 191 6.91 -9.48 26.21
CA ASP A 191 7.44 -9.95 24.90
C ASP A 191 7.51 -8.78 23.92
N LEU A 192 6.44 -7.97 23.84
CA LEU A 192 6.26 -6.94 22.78
C LEU A 192 6.14 -5.55 23.40
N GLY A 193 5.36 -5.40 24.46
CA GLY A 193 5.10 -4.09 25.10
C GLY A 193 6.39 -3.34 25.38
N CYS A 194 7.42 -4.01 25.91
CA CYS A 194 8.69 -3.33 26.29
C CYS A 194 9.34 -2.75 25.03
N HIS A 195 9.30 -3.47 23.90
CA HIS A 195 9.80 -2.94 22.60
C HIS A 195 9.05 -1.65 22.24
N LEU A 196 7.73 -1.67 22.34
CA LEU A 196 6.94 -0.47 21.95
C LEU A 196 7.25 0.67 22.91
N VAL A 197 7.48 0.39 24.19
CA VAL A 197 7.87 1.47 25.16
C VAL A 197 9.23 2.04 24.73
N SER A 198 10.19 1.21 24.34
CA SER A 198 11.55 1.67 23.97
C SER A 198 11.46 2.66 22.80
N VAL A 199 10.62 2.36 21.81
CA VAL A 199 10.38 3.23 20.64
C VAL A 199 9.62 4.49 21.09
N MET A 200 8.54 4.29 21.85
CA MET A 200 7.64 5.39 22.27
C MET A 200 8.41 6.44 23.10
N VAL A 201 9.20 6.05 24.10
CA VAL A 201 9.90 7.03 24.97
C VAL A 201 11.06 7.67 24.20
N SER A 202 11.60 6.98 23.20
CA SER A 202 12.63 7.53 22.30
C SER A 202 12.03 8.63 21.42
N LEU A 203 10.74 8.54 21.11
CA LEU A 203 10.04 9.55 20.28
C LEU A 203 9.50 10.67 21.15
N MET A 204 8.88 10.35 22.29
CA MET A 204 7.98 11.28 23.04
C MET A 204 8.56 11.68 24.39
N GLY A 205 9.67 11.08 24.80
CA GLY A 205 10.25 11.28 26.13
C GLY A 205 9.52 10.44 27.17
N PRO A 206 9.85 10.66 28.46
CA PRO A 206 9.34 9.83 29.55
C PRO A 206 7.81 9.81 29.71
N VAL A 207 7.32 8.69 30.21
CA VAL A 207 5.88 8.47 30.56
C VAL A 207 5.63 9.00 31.97
N ALA A 208 4.57 9.77 32.17
CA ALA A 208 4.15 10.31 33.48
C ALA A 208 2.99 9.51 34.06
N ARG A 209 2.10 8.99 33.21
CA ARG A 209 0.87 8.29 33.69
C ARG A 209 0.40 7.30 32.65
N VAL A 210 -0.10 6.16 33.11
CA VAL A 210 -0.79 5.20 32.21
C VAL A 210 -2.13 4.82 32.85
N TYR A 211 -3.11 4.54 31.99
CA TYR A 211 -4.34 3.82 32.37
C TYR A 211 -4.49 2.66 31.38
N ALA A 212 -4.54 1.42 31.85
CA ALA A 212 -4.43 0.23 30.98
C ALA A 212 -5.60 -0.73 31.18
N GLN A 213 -5.85 -1.51 30.15
CA GLN A 213 -6.76 -2.69 30.17
CA GLN A 213 -6.73 -2.69 30.22
C GLN A 213 -5.98 -3.87 29.59
N ALA A 214 -6.31 -5.08 29.98
CA ALA A 214 -5.63 -6.27 29.43
C ALA A 214 -6.60 -7.44 29.42
N ASP A 215 -6.27 -8.45 28.62
CA ASP A 215 -7.06 -9.70 28.57
C ASP A 215 -6.12 -10.87 28.32
N THR A 216 -6.49 -12.01 28.88
CA THR A 216 -5.98 -13.33 28.48
C THR A 216 -7.10 -13.98 27.68
N VAL A 217 -6.89 -14.17 26.38
CA VAL A 217 -7.91 -14.66 25.41
C VAL A 217 -7.90 -16.19 25.44
N ILE A 218 -6.74 -16.80 25.60
CA ILE A 218 -6.57 -18.26 25.72
C ILE A 218 -6.05 -18.55 27.12
N THR A 219 -6.93 -18.93 28.05
CA THR A 219 -6.60 -18.98 29.50
C THR A 219 -6.04 -20.35 29.86
N ASP A 220 -6.19 -21.35 29.00
CA ASP A 220 -5.75 -22.73 29.29
C ASP A 220 -5.12 -23.31 28.03
N ARG A 221 -4.03 -24.06 28.19
CA ARG A 221 -3.28 -24.62 27.04
C ARG A 221 -2.89 -26.05 27.33
N PRO A 222 -2.65 -26.85 26.26
CA PRO A 222 -2.22 -28.23 26.40
C PRO A 222 -0.92 -28.33 27.19
N HIS A 223 -0.88 -29.26 28.12
CA HIS A 223 0.31 -29.53 28.96
C HIS A 223 0.40 -31.04 29.17
N GLN A 224 1.27 -31.71 28.42
CA GLN A 224 1.62 -33.14 28.63
C GLN A 224 0.34 -33.97 28.64
N GLY A 225 -0.55 -33.74 27.66
CA GLY A 225 -1.81 -34.47 27.47
C GLY A 225 -2.94 -33.90 28.30
N GLY A 226 -2.63 -33.04 29.28
CA GLY A 226 -3.62 -32.36 30.11
C GLY A 226 -3.71 -30.88 29.75
N THR A 227 -4.02 -30.04 30.74
CA THR A 227 -4.18 -28.58 30.52
CA THR A 227 -4.21 -28.58 30.53
C THR A 227 -3.54 -27.81 31.68
N ALA A 228 -3.07 -26.60 31.42
CA ALA A 228 -2.50 -25.72 32.44
C ALA A 228 -2.91 -24.27 32.15
N ARG A 229 -2.96 -23.47 33.21
CA ARG A 229 -3.46 -22.07 33.20
C ARG A 229 -2.39 -21.14 32.64
N VAL A 230 -2.78 -20.29 31.70
CA VAL A 230 -2.01 -19.12 31.23
C VAL A 230 -2.31 -17.99 32.21
N GLU A 231 -1.29 -17.49 32.92
CA GLU A 231 -1.48 -16.55 34.05
C GLU A 231 -1.27 -15.11 33.60
N ASN A 232 -0.62 -14.87 32.45
CA ASN A 232 -0.29 -13.50 32.04
C ASN A 232 -1.08 -13.13 30.78
N GLU A 233 -1.03 -11.85 30.39
CA GLU A 233 -1.96 -11.25 29.42
C GLU A 233 -1.55 -11.60 27.99
N ASP A 234 -2.53 -11.80 27.11
CA ASP A 234 -2.31 -12.04 25.66
C ASP A 234 -2.30 -10.70 24.92
N GLN A 235 -2.98 -9.69 25.47
CA GLN A 235 -3.06 -8.34 24.84
C GLN A 235 -3.24 -7.31 25.95
N ALA A 236 -2.81 -6.09 25.69
CA ALA A 236 -3.01 -4.96 26.62
C ALA A 236 -3.05 -3.68 25.82
N GLN A 237 -3.80 -2.71 26.33
CA GLN A 237 -3.92 -1.37 25.72
C GLN A 237 -3.83 -0.35 26.84
N ALA A 238 -3.32 0.84 26.53
CA ALA A 238 -3.15 1.88 27.55
C ALA A 238 -3.29 3.26 26.92
N LEU A 239 -3.86 4.20 27.66
CA LEU A 239 -3.75 5.64 27.39
C LEU A 239 -2.56 6.17 28.17
N ILE A 240 -1.77 7.02 27.52
CA ILE A 240 -0.49 7.55 28.05
C ILE A 240 -0.64 9.04 28.27
N ARG A 241 -0.10 9.55 29.37
CA ARG A 241 0.30 10.98 29.47
C ARG A 241 1.81 11.01 29.58
N PHE A 242 2.47 11.76 28.70
CA PHE A 242 3.94 11.93 28.74
C PHE A 242 4.26 13.02 29.77
N ALA A 243 5.49 13.00 30.27
CA ALA A 243 6.00 14.06 31.18
C ALA A 243 5.80 15.42 30.50
N SER A 244 5.78 15.47 29.17
CA SER A 244 5.57 16.69 28.35
C SER A 244 4.12 17.20 28.48
N GLY A 245 3.21 16.35 28.93
CA GLY A 245 1.75 16.59 28.95
C GLY A 245 1.07 16.02 27.73
N THR A 246 1.83 15.51 26.74
CA THR A 246 1.25 15.04 25.47
C THR A 246 0.52 13.70 25.72
N SER A 247 -0.49 13.43 24.91
CA SER A 247 -1.27 12.17 24.97
C SER A 247 -0.60 11.06 24.14
N GLY A 248 -0.90 9.83 24.50
CA GLY A 248 -0.51 8.65 23.73
C GLY A 248 -1.56 7.55 23.80
N GLU A 249 -1.58 6.71 22.77
CA GLU A 249 -2.29 5.42 22.72
C GLU A 249 -1.24 4.33 22.53
N PHE A 250 -1.44 3.19 23.17
CA PHE A 250 -0.44 2.12 23.25
C PHE A 250 -1.18 0.78 23.26
N SER A 251 -0.71 -0.20 22.51
CA SER A 251 -1.24 -1.57 22.65
C SER A 251 -0.19 -2.59 22.27
N CYS A 252 -0.38 -3.82 22.72
CA CYS A 252 0.41 -4.95 22.23
C CYS A 252 -0.49 -6.18 22.27
N SER A 253 -0.14 -7.17 21.46
CA SER A 253 -0.91 -8.43 21.43
C SER A 253 -0.05 -9.54 20.86
N ARG A 254 -0.16 -10.74 21.43
CA ARG A 254 0.51 -11.95 20.91
C ARG A 254 -0.54 -12.88 20.28
N VAL A 255 -1.78 -12.40 20.09
CA VAL A 255 -2.89 -13.24 19.53
C VAL A 255 -3.60 -12.48 18.40
N ALA A 256 -2.95 -11.49 17.80
CA ALA A 256 -3.55 -10.65 16.74
C ALA A 256 -3.33 -11.31 15.37
N ARG A 257 -4.32 -12.06 14.90
CA ARG A 257 -4.17 -13.00 13.76
C ARG A 257 -3.79 -12.26 12.47
N GLY A 258 -2.74 -12.73 11.82
CA GLY A 258 -2.30 -12.21 10.52
C GLY A 258 -1.10 -11.29 10.65
N TYR A 259 -0.81 -10.83 11.87
CA TYR A 259 0.34 -9.93 12.12
C TYR A 259 1.53 -10.77 12.58
N ARG A 260 2.72 -10.43 12.11
CA ARG A 260 3.95 -11.22 12.38
C ARG A 260 4.99 -10.38 13.11
N CYS A 261 5.10 -9.10 12.77
CA CYS A 261 6.03 -8.19 13.47
C CYS A 261 5.50 -6.76 13.34
N ARG A 262 4.22 -6.57 13.64
CA ARG A 262 3.53 -5.30 13.34
C ARG A 262 3.75 -4.32 14.51
N LEU A 263 4.99 -3.90 14.72
CA LEU A 263 5.31 -2.75 15.60
C LEU A 263 5.08 -1.51 14.74
N ALA A 264 3.99 -0.81 14.97
CA ALA A 264 3.60 0.32 14.10
C ALA A 264 3.33 1.52 14.99
N TRP A 265 3.81 2.68 14.59
CA TRP A 265 3.61 3.87 15.43
C TRP A 265 3.43 5.08 14.53
N GLU A 266 2.87 6.13 15.10
CA GLU A 266 2.86 7.43 14.42
C GLU A 266 2.94 8.52 15.47
N VAL A 267 3.61 9.60 15.10
CA VAL A 267 3.66 10.83 15.91
C VAL A 267 2.99 11.92 15.09
N GLN A 268 1.90 12.46 15.62
CA GLN A 268 1.17 13.58 15.00
C GLN A 268 1.65 14.87 15.67
N GLY A 269 2.00 15.86 14.86
CA GLY A 269 2.52 17.15 15.34
C GLY A 269 1.77 18.30 14.72
N THR A 270 2.02 19.51 15.19
CA THR A 270 1.28 20.68 14.68
C THR A 270 1.73 21.08 13.28
N GLU A 271 2.86 20.56 12.78
CA GLU A 271 3.33 20.88 11.40
C GLU A 271 3.62 19.61 10.60
N GLY A 272 3.14 18.45 11.05
CA GLY A 272 3.28 17.24 10.23
C GLY A 272 2.99 15.98 10.99
N THR A 273 3.13 14.83 10.32
CA THR A 273 2.93 13.49 10.90
C THR A 273 4.03 12.56 10.39
N LEU A 274 4.56 11.72 11.29
CA LEU A 274 5.47 10.61 10.94
C LEU A 274 4.76 9.30 11.26
N ARG A 275 4.85 8.33 10.36
CA ARG A 275 4.17 7.02 10.55
C ARG A 275 5.09 5.91 10.07
N PHE A 276 5.08 4.78 10.77
CA PHE A 276 6.01 3.66 10.52
C PHE A 276 5.35 2.34 10.86
N ASP A 277 5.72 1.29 10.13
CA ASP A 277 5.27 -0.10 10.38
C ASP A 277 6.48 -1.00 10.16
N GLN A 278 6.92 -1.69 11.20
CA GLN A 278 8.11 -2.58 11.16
C GLN A 278 7.96 -3.69 10.12
N GLU A 279 6.74 -4.09 9.73
CA GLU A 279 6.59 -5.14 8.67
C GLU A 279 7.06 -4.60 7.32
N ARG A 280 7.10 -3.28 7.17
CA ARG A 280 7.76 -2.58 6.03
C ARG A 280 8.83 -1.66 6.60
N MET A 281 9.86 -2.23 7.21
CA MET A 281 10.81 -1.46 8.05
C MET A 281 11.64 -0.49 7.20
N ASN A 282 11.53 -0.53 5.87
CA ASN A 282 12.33 0.38 5.00
C ASN A 282 11.50 1.59 4.57
N GLU A 283 10.31 1.80 5.11
CA GLU A 283 9.47 2.95 4.71
C GLU A 283 9.15 3.81 5.93
N LEU A 284 9.37 5.11 5.76
CA LEU A 284 8.98 6.11 6.78
C LEU A 284 8.04 7.08 6.08
N TRP A 285 6.84 7.28 6.61
CA TRP A 285 5.82 8.17 6.01
C TRP A 285 5.88 9.52 6.70
N LEU A 286 6.10 10.58 5.93
CA LEU A 286 6.20 11.96 6.47
C LEU A 286 5.21 12.86 5.75
N TYR A 287 4.27 13.41 6.49
CA TYR A 287 3.39 14.49 5.97
C TYR A 287 3.90 15.82 6.51
N GLN A 288 4.13 16.76 5.60
CA GLN A 288 4.33 18.19 5.95
C GLN A 288 3.42 18.98 5.03
N PRO A 289 2.89 20.14 5.48
CA PRO A 289 2.04 20.94 4.63
C PRO A 289 2.74 21.27 3.32
N GLY A 290 2.00 21.22 2.22
CA GLY A 290 2.50 21.55 0.87
C GLY A 290 1.44 22.29 0.10
N ARG A 291 1.80 22.81 -1.07
CA ARG A 291 0.79 23.52 -1.89
C ARG A 291 -0.30 22.51 -2.24
N PRO A 292 -1.58 22.95 -2.28
CA PRO A 292 -2.70 22.03 -2.41
C PRO A 292 -2.63 21.07 -3.60
N GLU A 293 -2.01 21.48 -4.72
CA GLU A 293 -1.90 20.64 -5.94
C GLU A 293 -1.03 19.40 -5.71
N ILE A 294 -0.09 19.41 -4.75
CA ILE A 294 0.84 18.26 -4.57
C ILE A 294 0.81 17.74 -3.13
N ASP A 295 -0.13 18.21 -2.32
CA ASP A 295 -0.14 17.97 -0.86
C ASP A 295 -0.36 16.48 -0.59
N GLY A 296 0.44 15.88 0.29
CA GLY A 296 0.26 14.48 0.70
C GLY A 296 1.46 13.92 1.42
N PHE A 297 1.30 12.77 2.05
CA PHE A 297 2.39 12.04 2.72
C PHE A 297 3.46 11.63 1.71
N ARG A 298 4.71 11.71 2.12
CA ARG A 298 5.88 11.21 1.35
C ARG A 298 6.23 9.81 1.84
N ARG A 299 6.52 8.90 0.92
CA ARG A 299 7.12 7.59 1.25
C ARG A 299 8.63 7.76 1.22
N ILE A 300 9.28 7.82 2.37
CA ILE A 300 10.76 7.93 2.41
C ILE A 300 11.30 6.50 2.42
N LEU A 301 11.96 6.09 1.35
CA LEU A 301 12.54 4.74 1.25
C LEU A 301 13.96 4.78 1.84
N THR A 302 14.24 3.83 2.74
CA THR A 302 15.52 3.77 3.47
C THR A 302 16.69 3.71 2.49
N GLY A 303 17.71 4.49 2.77
CA GLY A 303 18.93 4.59 1.97
C GLY A 303 20.01 5.32 2.74
N PRO A 304 21.13 5.68 2.09
CA PRO A 304 22.29 6.21 2.79
C PRO A 304 22.15 7.58 3.48
N ALA A 305 21.04 8.31 3.26
CA ALA A 305 20.77 9.56 3.99
C ALA A 305 20.39 9.27 5.45
N GLN A 306 20.00 8.03 5.76
CA GLN A 306 19.48 7.66 7.10
C GLN A 306 20.59 7.05 7.94
N PRO A 307 20.56 7.31 9.27
CA PRO A 307 21.61 6.84 10.18
C PRO A 307 21.88 5.34 10.03
N GLY A 308 23.15 4.97 9.88
CA GLY A 308 23.61 3.57 9.91
C GLY A 308 23.62 2.92 8.54
N PHE A 309 22.75 3.33 7.62
CA PHE A 309 22.52 2.55 6.39
C PHE A 309 23.81 2.46 5.56
N ALA A 310 24.55 3.56 5.44
CA ALA A 310 25.73 3.65 4.54
C ALA A 310 26.82 2.65 4.96
N ALA A 311 26.84 2.21 6.21
CA ALA A 311 27.78 1.19 6.71
C ALA A 311 27.49 -0.18 6.07
N PHE A 312 26.28 -0.38 5.53
CA PHE A 312 25.84 -1.69 4.98
C PHE A 312 25.70 -1.67 3.47
N CYS A 313 25.46 -0.51 2.88
CA CYS A 313 25.15 -0.41 1.43
C CYS A 313 25.24 1.04 1.00
N PRO A 314 25.88 1.34 -0.14
CA PRO A 314 25.94 2.72 -0.64
C PRO A 314 24.70 3.14 -1.44
N GLY A 315 23.85 2.19 -1.83
CA GLY A 315 22.70 2.44 -2.73
C GLY A 315 21.38 2.43 -1.99
N GLY A 316 20.58 3.49 -2.14
CA GLY A 316 19.25 3.54 -1.51
C GLY A 316 18.34 2.47 -2.06
N GLY A 317 17.34 2.06 -1.27
CA GLY A 317 16.27 1.17 -1.74
C GLY A 317 16.66 -0.29 -1.68
N HIS A 318 17.92 -0.61 -1.35
CA HIS A 318 18.38 -1.99 -1.07
C HIS A 318 18.02 -2.31 0.38
N ASN A 319 16.91 -3.03 0.58
CA ASN A 319 16.20 -3.12 1.87
C ASN A 319 17.18 -3.55 2.98
N PHE A 320 17.22 -2.76 4.03
CA PHE A 320 17.92 -3.05 5.30
C PHE A 320 17.12 -4.14 6.02
N GLY A 321 17.80 -5.11 6.64
CA GLY A 321 17.11 -6.26 7.26
C GLY A 321 17.00 -6.15 8.77
N PHE A 322 16.09 -6.92 9.35
CA PHE A 322 15.92 -7.05 10.80
C PHE A 322 17.28 -7.34 11.45
N ASN A 323 18.01 -8.32 10.92
CA ASN A 323 19.27 -8.77 11.54
C ASN A 323 20.30 -7.63 11.57
N GLU A 324 20.28 -6.72 10.61
CA GLU A 324 21.27 -5.61 10.56
C GLU A 324 20.97 -4.60 11.66
N GLN A 325 19.74 -4.54 12.19
CA GLN A 325 19.47 -3.72 13.40
C GLN A 325 20.44 -4.14 14.50
N LYS A 326 20.71 -5.45 14.61
CA LYS A 326 21.55 -6.01 15.69
C LYS A 326 23.02 -5.65 15.44
N VAL A 327 23.43 -5.52 14.18
CA VAL A 327 24.83 -5.09 13.85
C VAL A 327 25.00 -3.64 14.33
N VAL A 328 24.01 -2.79 14.07
CA VAL A 328 24.01 -1.39 14.58
C VAL A 328 24.09 -1.40 16.11
N GLU A 329 23.29 -2.23 16.78
CA GLU A 329 23.25 -2.31 18.26
C GLU A 329 24.64 -2.70 18.75
N ALA A 330 25.26 -3.71 18.13
CA ALA A 330 26.62 -4.18 18.51
C ALA A 330 27.59 -3.01 18.40
N GLU A 331 27.50 -2.23 17.32
CA GLU A 331 28.42 -1.08 17.09
C GLU A 331 28.22 -0.04 18.18
N MET A 332 26.98 0.23 18.59
CA MET A 332 26.73 1.24 19.64
C MET A 332 27.38 0.79 20.95
N LEU A 333 27.30 -0.51 21.27
CA LEU A 333 27.94 -1.05 22.49
C LEU A 333 29.46 -0.98 22.34
N ARG A 334 29.99 -1.37 21.18
CA ARG A 334 31.44 -1.34 20.89
C ARG A 334 31.95 0.08 21.15
N GLN A 335 31.26 1.10 20.64
CA GLN A 335 31.72 2.52 20.74
C GLN A 335 31.59 2.97 22.20
N ALA A 336 30.56 2.52 22.91
CA ALA A 336 30.37 2.88 24.34
C ALA A 336 31.53 2.32 25.15
N ILE A 337 31.94 1.08 24.87
CA ILE A 337 33.07 0.42 25.59
C ILE A 337 34.34 1.23 25.34
N ALA A 338 34.51 1.75 24.12
CA ALA A 338 35.71 2.52 23.70
C ALA A 338 35.65 3.97 24.22
N GLY A 339 34.56 4.38 24.88
CA GLY A 339 34.39 5.73 25.43
C GLY A 339 34.06 6.75 24.35
N ARG A 340 33.55 6.31 23.19
CA ARG A 340 33.32 7.20 22.01
C ARG A 340 31.82 7.35 21.72
N GLY A 341 30.97 7.18 22.74
CA GLY A 341 29.50 7.30 22.61
C GLY A 341 28.83 6.66 23.79
N LYS A 342 27.59 7.06 24.09
CA LYS A 342 26.80 6.44 25.17
C LYS A 342 25.78 5.48 24.52
N ALA A 343 25.68 4.26 25.03
CA ALA A 343 24.72 3.25 24.54
C ALA A 343 23.38 3.47 25.23
N TRP A 344 22.28 3.30 24.49
CA TRP A 344 20.91 3.43 25.05
C TRP A 344 20.10 2.21 24.64
N PRO A 345 19.26 1.64 25.53
CA PRO A 345 19.25 1.99 26.96
C PRO A 345 20.24 1.14 27.77
N ASP A 346 20.95 1.76 28.71
CA ASP A 346 21.74 1.03 29.73
C ASP A 346 20.77 0.52 30.79
N PHE A 347 21.24 -0.12 31.85
CA PHE A 347 20.34 -0.74 32.85
C PHE A 347 19.55 0.35 33.61
N THR A 348 20.06 1.58 33.72
CA THR A 348 19.34 2.70 34.39
C THR A 348 18.16 3.12 33.53
N ASP A 349 18.40 3.36 32.24
CA ASP A 349 17.29 3.74 31.32
CA ASP A 349 17.35 3.70 31.23
C ASP A 349 16.36 2.53 31.13
N GLY A 350 16.88 1.31 31.13
CA GLY A 350 16.07 0.07 31.02
C GLY A 350 15.15 -0.11 32.21
N LEU A 351 15.59 0.21 33.42
CA LEU A 351 14.75 0.08 34.63
C LEU A 351 13.49 0.95 34.47
N THR A 352 13.62 2.14 33.88
CA THR A 352 12.45 3.03 33.65
C THR A 352 11.45 2.31 32.75
N ILE A 353 11.93 1.64 31.70
CA ILE A 353 11.03 0.91 30.77
C ILE A 353 10.35 -0.23 31.54
N GLU A 354 11.06 -0.92 32.42
CA GLU A 354 10.45 -2.01 33.25
C GLU A 354 9.36 -1.42 34.13
N ARG A 355 9.57 -0.24 34.72
CA ARG A 355 8.56 0.40 35.58
C ARG A 355 7.30 0.70 34.75
N VAL A 356 7.46 1.16 33.50
CA VAL A 356 6.30 1.51 32.63
C VAL A 356 5.52 0.23 32.33
N ILE A 357 6.14 -0.85 31.86
CA ILE A 357 5.35 -2.06 31.47
C ILE A 357 4.73 -2.68 32.71
N HIS A 358 5.41 -2.69 33.85
CA HIS A 358 4.84 -3.27 35.11
C HIS A 358 3.73 -2.35 35.64
N GLY A 359 3.84 -1.04 35.40
CA GLY A 359 2.80 -0.07 35.80
C GLY A 359 1.54 -0.28 34.96
N MET A 360 1.71 -0.57 33.68
CA MET A 360 0.57 -0.89 32.77
C MET A 360 -0.12 -2.16 33.27
N ALA A 361 0.65 -3.22 33.57
CA ALA A 361 0.09 -4.48 34.10
C ALA A 361 -0.69 -4.20 35.40
N THR A 362 -0.11 -3.42 36.31
CA THR A 362 -0.74 -3.07 37.60
C THR A 362 -2.04 -2.29 37.33
N SER A 363 -1.99 -1.32 36.42
CA SER A 363 -3.17 -0.50 36.07
C SER A 363 -4.29 -1.41 35.53
N ALA A 364 -3.94 -2.34 34.65
CA ALA A 364 -4.94 -3.26 34.03
C ALA A 364 -5.52 -4.17 35.11
N GLN A 365 -4.70 -4.64 36.06
CA GLN A 365 -5.15 -5.57 37.13
C GLN A 365 -6.10 -4.85 38.09
N THR A 366 -5.84 -3.59 38.42
CA THR A 366 -6.54 -2.86 39.51
C THR A 366 -7.63 -1.94 38.97
N GLY A 367 -7.64 -1.62 37.67
CA GLY A 367 -8.63 -0.70 37.07
C GLY A 367 -8.38 0.72 37.49
N GLN A 368 -7.14 1.06 37.86
CA GLN A 368 -6.74 2.41 38.34
C GLN A 368 -5.56 2.91 37.51
N PRO A 369 -5.47 4.23 37.27
CA PRO A 369 -4.29 4.80 36.61
C PRO A 369 -3.06 4.64 37.51
N VAL A 370 -1.89 4.66 36.90
CA VAL A 370 -0.59 4.55 37.61
C VAL A 370 0.27 5.73 37.18
N ASN A 371 0.81 6.46 38.14
CA ASN A 371 1.66 7.65 37.92
C ASN A 371 3.13 7.27 38.13
N PHE A 372 4.03 7.94 37.42
CA PHE A 372 5.49 7.75 37.52
C PHE A 372 6.15 9.09 37.90
N ALA B 7 37.56 -26.38 5.57
CA ALA B 7 37.01 -25.01 5.34
C ALA B 7 37.50 -24.49 3.98
N LEU B 8 36.61 -23.80 3.26
CA LEU B 8 36.93 -23.16 1.96
C LEU B 8 37.87 -21.97 2.17
N GLY B 9 38.96 -21.91 1.41
CA GLY B 9 39.85 -20.74 1.40
C GLY B 9 39.35 -19.69 0.42
N VAL B 10 39.14 -18.46 0.88
CA VAL B 10 38.49 -17.38 0.09
C VAL B 10 39.51 -16.28 -0.24
N ALA B 11 39.57 -15.91 -1.52
CA ALA B 11 40.16 -14.64 -2.01
C ALA B 11 39.01 -13.72 -2.39
N LEU B 12 39.12 -12.44 -2.08
CA LEU B 12 38.15 -11.39 -2.47
C LEU B 12 38.92 -10.30 -3.22
N ILE B 13 38.52 -10.02 -4.46
CA ILE B 13 39.08 -8.90 -5.26
C ILE B 13 38.02 -7.79 -5.31
N GLY B 14 38.36 -6.61 -4.78
CA GLY B 14 37.46 -5.45 -4.71
C GLY B 14 36.78 -5.36 -3.37
N THR B 15 36.44 -4.14 -2.94
CA THR B 15 35.92 -3.86 -1.58
C THR B 15 34.78 -2.84 -1.61
N GLY B 16 34.20 -2.57 -2.78
CA GLY B 16 33.15 -1.55 -2.96
C GLY B 16 31.78 -2.11 -2.61
N PHE B 17 30.75 -1.67 -3.33
CA PHE B 17 29.34 -2.07 -3.10
C PHE B 17 29.31 -3.60 -2.97
N MET B 18 29.76 -4.32 -4.00
CA MET B 18 29.67 -5.80 -3.99
C MET B 18 30.83 -6.40 -3.18
N GLY B 19 32.05 -5.85 -3.24
CA GLY B 19 33.16 -6.40 -2.45
C GLY B 19 32.79 -6.53 -0.97
N LYS B 20 32.23 -5.48 -0.38
CA LYS B 20 31.85 -5.49 1.06
C LYS B 20 30.65 -6.43 1.26
N CYS B 21 29.73 -6.49 0.29
CA CYS B 21 28.57 -7.42 0.33
C CYS B 21 29.07 -8.87 0.36
N HIS B 22 30.02 -9.24 -0.52
CA HIS B 22 30.62 -10.60 -0.54
C HIS B 22 31.34 -10.87 0.78
N ALA B 23 32.08 -9.89 1.30
CA ALA B 23 32.86 -10.05 2.54
C ALA B 23 31.89 -10.39 3.68
N MET B 24 30.79 -9.65 3.78
CA MET B 24 29.79 -9.90 4.85
C MET B 24 29.17 -11.29 4.65
N ALA B 25 28.98 -11.71 3.40
CA ALA B 25 28.34 -13.00 3.05
C ALA B 25 29.27 -14.15 3.46
N TRP B 26 30.53 -14.09 3.07
CA TRP B 26 31.51 -15.15 3.40
C TRP B 26 31.65 -15.25 4.93
N ARG B 27 31.57 -14.14 5.65
CA ARG B 27 31.76 -14.12 7.13
C ARG B 27 30.60 -14.84 7.83
N ASN B 28 29.36 -14.76 7.32
CA ASN B 28 28.20 -15.31 8.05
C ASN B 28 27.58 -16.53 7.37
N VAL B 29 28.12 -17.02 6.24
CA VAL B 29 27.47 -18.15 5.52
C VAL B 29 27.39 -19.39 6.43
N ALA B 30 28.42 -19.73 7.21
CA ALA B 30 28.37 -20.91 8.11
C ALA B 30 27.52 -20.60 9.34
N THR B 31 27.48 -19.35 9.79
CA THR B 31 26.60 -18.96 10.92
C THR B 31 25.16 -19.30 10.54
N ALA B 32 24.74 -18.91 9.34
CA ALA B 32 23.36 -19.14 8.86
C ALA B 32 23.12 -20.62 8.59
N PHE B 33 24.00 -21.28 7.83
CA PHE B 33 23.70 -22.57 7.17
C PHE B 33 24.48 -23.75 7.78
N GLY B 34 25.38 -23.50 8.73
CA GLY B 34 26.14 -24.58 9.38
C GLY B 34 27.40 -24.94 8.60
N GLY B 35 28.07 -26.02 9.02
CA GLY B 35 29.35 -26.44 8.45
C GLY B 35 30.49 -25.56 8.96
N LEU B 36 31.62 -25.58 8.27
CA LEU B 36 32.84 -24.84 8.68
C LEU B 36 32.82 -23.44 8.08
N PRO B 37 33.12 -22.39 8.87
CA PRO B 37 33.30 -21.05 8.33
C PRO B 37 34.41 -21.03 7.29
N PRO B 38 34.16 -20.48 6.09
CA PRO B 38 35.22 -20.24 5.13
C PRO B 38 36.36 -19.43 5.76
N ARG B 39 37.60 -19.77 5.40
CA ARG B 39 38.82 -19.04 5.79
C ARG B 39 38.96 -17.83 4.88
N LEU B 40 38.96 -16.62 5.43
CA LEU B 40 39.16 -15.38 4.66
C LEU B 40 40.66 -15.15 4.53
N GLU B 41 41.23 -15.57 3.40
CA GLU B 41 42.70 -15.73 3.25
C GLU B 41 43.32 -14.44 2.70
N VAL B 42 42.84 -13.93 1.57
CA VAL B 42 43.49 -12.76 0.92
C VAL B 42 42.43 -11.83 0.32
N LEU B 43 42.59 -10.54 0.61
CA LEU B 43 41.78 -9.44 0.05
C LEU B 43 42.69 -8.64 -0.89
N ALA B 44 42.28 -8.46 -2.14
CA ALA B 44 43.01 -7.66 -3.15
C ALA B 44 42.21 -6.38 -3.44
N ASP B 45 42.87 -5.24 -3.33
CA ASP B 45 42.29 -3.92 -3.68
C ASP B 45 43.46 -2.98 -4.01
N MET B 46 43.16 -1.81 -4.54
CA MET B 46 44.19 -0.76 -4.81
C MET B 46 43.72 0.57 -4.24
N PRO B 47 44.62 1.40 -3.68
CA PRO B 47 46.03 1.03 -3.49
C PRO B 47 46.25 0.14 -2.27
N ALA B 48 47.51 -0.23 -2.03
CA ALA B 48 47.94 -1.22 -1.01
C ALA B 48 47.44 -0.83 0.38
N ASP B 49 47.52 0.45 0.76
CA ASP B 49 47.09 0.95 2.10
C ASP B 49 45.63 0.57 2.34
N LYS B 50 44.79 0.74 1.33
CA LYS B 50 43.33 0.45 1.40
C LYS B 50 43.12 -1.08 1.52
N ALA B 51 43.84 -1.89 0.74
CA ALA B 51 43.80 -3.37 0.86
C ALA B 51 44.19 -3.81 2.28
N HIS B 52 45.23 -3.22 2.86
CA HIS B 52 45.70 -3.61 4.22
C HIS B 52 44.66 -3.22 5.27
N SER B 53 44.13 -2.00 5.17
CA SER B 53 43.11 -1.44 6.11
C SER B 53 41.85 -2.30 6.07
N LEU B 54 41.32 -2.59 4.87
CA LEU B 54 40.05 -3.34 4.73
C LEU B 54 40.27 -4.84 4.99
N ALA B 55 41.46 -5.40 4.72
CA ALA B 55 41.76 -6.80 5.12
C ALA B 55 41.62 -6.94 6.64
N SER B 56 42.09 -5.94 7.39
CA SER B 56 42.02 -5.91 8.88
C SER B 56 40.57 -5.86 9.33
N SER B 57 39.78 -4.89 8.85
CA SER B 57 38.37 -4.71 9.32
C SER B 57 37.46 -5.81 8.76
N PHE B 58 37.72 -6.38 7.58
CA PHE B 58 36.91 -7.46 6.97
C PHE B 58 37.31 -8.83 7.52
N GLY B 59 38.46 -8.90 8.21
CA GLY B 59 38.95 -10.14 8.85
C GLY B 59 39.66 -11.08 7.91
N PHE B 60 40.25 -10.56 6.83
CA PHE B 60 41.10 -11.36 5.89
C PHE B 60 42.51 -11.44 6.48
N ALA B 61 43.16 -12.58 6.33
CA ALA B 61 44.49 -12.87 6.92
C ALA B 61 45.51 -11.89 6.34
N ARG B 62 45.34 -11.45 5.09
CA ARG B 62 46.26 -10.44 4.51
C ARG B 62 45.58 -9.69 3.37
N GLY B 63 46.05 -8.46 3.14
CA GLY B 63 45.68 -7.60 2.01
C GLY B 63 46.81 -7.51 1.02
N THR B 64 46.49 -7.38 -0.27
CA THR B 64 47.50 -7.18 -1.33
C THR B 64 46.95 -6.17 -2.35
N ALA B 65 47.83 -5.45 -3.03
CA ALA B 65 47.49 -4.60 -4.19
C ALA B 65 47.68 -5.39 -5.49
N ASP B 66 48.06 -6.68 -5.39
CA ASP B 66 48.38 -7.54 -6.55
C ASP B 66 47.34 -8.66 -6.63
N TRP B 67 46.26 -8.46 -7.38
CA TRP B 67 45.17 -9.46 -7.48
C TRP B 67 45.71 -10.77 -8.07
N ARG B 68 46.71 -10.72 -8.93
CA ARG B 68 47.25 -11.93 -9.63
C ARG B 68 47.82 -12.91 -8.60
N GLU B 69 48.59 -12.45 -7.62
CA GLU B 69 49.18 -13.36 -6.59
C GLU B 69 48.07 -13.81 -5.63
N ALA B 70 47.02 -13.01 -5.43
CA ALA B 70 45.84 -13.38 -4.59
C ALA B 70 45.19 -14.64 -5.18
N VAL B 71 44.97 -14.66 -6.49
CA VAL B 71 44.26 -15.77 -7.19
C VAL B 71 45.15 -17.02 -7.25
N SER B 72 46.48 -16.87 -7.18
CA SER B 72 47.45 -17.99 -7.34
C SER B 72 47.79 -18.63 -5.98
N ASP B 73 47.38 -18.00 -4.88
CA ASP B 73 47.69 -18.44 -3.50
C ASP B 73 47.17 -19.86 -3.28
N PRO B 74 48.02 -20.81 -2.80
CA PRO B 74 47.60 -22.20 -2.61
C PRO B 74 46.56 -22.38 -1.49
N ALA B 75 46.50 -21.42 -0.57
CA ALA B 75 45.52 -21.41 0.55
C ALA B 75 44.14 -20.95 0.04
N VAL B 76 44.03 -20.51 -1.22
CA VAL B 76 42.76 -20.02 -1.83
C VAL B 76 42.13 -21.13 -2.66
N ASP B 77 40.82 -21.37 -2.48
CA ASP B 77 40.03 -22.38 -3.23
C ASP B 77 39.01 -21.68 -4.14
N VAL B 78 38.51 -20.53 -3.71
CA VAL B 78 37.39 -19.82 -4.39
C VAL B 78 37.71 -18.33 -4.39
N VAL B 79 37.40 -17.65 -5.49
CA VAL B 79 37.68 -16.20 -5.69
C VAL B 79 36.37 -15.46 -5.92
N SER B 80 36.08 -14.48 -5.06
CA SER B 80 35.00 -13.47 -5.29
C SER B 80 35.60 -12.34 -6.13
N ILE B 81 35.01 -12.07 -7.30
CA ILE B 81 35.49 -11.00 -8.20
C ILE B 81 34.42 -9.91 -8.27
N THR B 82 34.70 -8.76 -7.67
CA THR B 82 33.72 -7.65 -7.51
C THR B 82 34.28 -6.36 -8.11
N THR B 83 35.16 -6.48 -9.09
CA THR B 83 35.82 -5.33 -9.75
C THR B 83 34.92 -4.83 -10.87
N PRO B 84 35.25 -3.67 -11.48
CA PRO B 84 34.50 -3.14 -12.62
C PRO B 84 34.41 -4.11 -13.81
N ASN B 85 33.35 -3.96 -14.61
CA ASN B 85 32.95 -4.87 -15.71
C ASN B 85 34.14 -5.16 -16.62
N GLY B 86 34.95 -4.14 -16.94
CA GLY B 86 36.07 -4.25 -17.88
C GLY B 86 37.15 -5.23 -17.43
N LEU B 87 37.22 -5.54 -16.13
CA LEU B 87 38.28 -6.43 -15.55
C LEU B 87 37.77 -7.85 -15.34
N HIS B 88 36.47 -8.12 -15.52
CA HIS B 88 35.86 -9.43 -15.20
C HIS B 88 36.55 -10.55 -15.99
N ARG B 89 36.71 -10.38 -17.30
CA ARG B 89 37.23 -11.48 -18.17
C ARG B 89 38.64 -11.86 -17.72
N GLU B 90 39.54 -10.88 -17.61
CA GLU B 90 40.96 -11.12 -17.26
C GLU B 90 41.03 -11.84 -15.91
N MET B 91 40.27 -11.37 -14.92
CA MET B 91 40.36 -11.89 -13.54
C MET B 91 39.73 -13.29 -13.45
N ALA B 92 38.57 -13.50 -14.07
CA ALA B 92 37.87 -14.80 -14.04
C ALA B 92 38.72 -15.86 -14.75
N GLU B 93 39.27 -15.54 -15.92
CA GLU B 93 40.11 -16.47 -16.72
C GLU B 93 41.37 -16.83 -15.92
N ALA B 94 42.01 -15.86 -15.29
CA ALA B 94 43.23 -16.07 -14.47
C ALA B 94 42.89 -16.97 -13.28
N ALA B 95 41.77 -16.70 -12.61
CA ALA B 95 41.32 -17.49 -11.44
C ALA B 95 41.02 -18.93 -11.88
N LEU B 96 40.33 -19.14 -13.00
CA LEU B 96 39.99 -20.51 -13.49
C LEU B 96 41.28 -21.22 -13.89
N ALA B 97 42.21 -20.51 -14.55
CA ALA B 97 43.52 -21.04 -15.01
C ALA B 97 44.35 -21.51 -13.80
N ALA B 98 44.24 -20.82 -12.66
CA ALA B 98 44.93 -21.17 -11.40
C ALA B 98 44.16 -22.29 -10.65
N GLY B 99 43.06 -22.79 -11.23
CA GLY B 99 42.26 -23.89 -10.68
C GLY B 99 41.39 -23.46 -9.50
N LYS B 100 40.93 -22.21 -9.48
CA LYS B 100 40.04 -21.69 -8.40
C LYS B 100 38.60 -21.66 -8.90
N HIS B 101 37.65 -21.98 -8.01
CA HIS B 101 36.20 -21.73 -8.22
C HIS B 101 35.98 -20.22 -8.25
N VAL B 102 34.94 -19.75 -8.94
CA VAL B 102 34.78 -18.28 -9.15
C VAL B 102 33.35 -17.84 -8.84
N TRP B 103 33.24 -16.83 -7.99
CA TRP B 103 31.99 -16.06 -7.73
C TRP B 103 32.17 -14.71 -8.43
N LEU B 104 31.56 -14.54 -9.60
CA LEU B 104 31.79 -13.36 -10.46
C LEU B 104 30.58 -12.43 -10.38
N GLU B 105 30.80 -11.14 -10.23
CA GLU B 105 29.70 -10.15 -10.25
C GLU B 105 29.17 -10.03 -11.68
N LYS B 106 27.91 -9.65 -11.81
CA LYS B 106 27.26 -9.41 -13.13
C LYS B 106 27.66 -8.02 -13.62
N PRO B 107 27.52 -7.73 -14.94
CA PRO B 107 27.31 -8.76 -15.95
C PRO B 107 28.65 -9.47 -16.17
N MET B 108 28.70 -10.52 -16.99
CA MET B 108 29.93 -11.36 -17.13
C MET B 108 31.07 -10.48 -17.65
N ALA B 109 30.84 -9.68 -18.69
CA ALA B 109 31.89 -8.85 -19.33
C ALA B 109 31.22 -7.75 -20.15
N LEU B 110 31.96 -7.11 -21.05
CA LEU B 110 31.42 -6.00 -21.88
C LEU B 110 30.75 -6.56 -23.15
N SER B 111 31.13 -7.73 -23.63
CA SER B 111 30.67 -8.26 -24.94
C SER B 111 30.31 -9.73 -24.83
N VAL B 112 29.45 -10.21 -25.74
CA VAL B 112 29.13 -11.65 -25.87
C VAL B 112 30.42 -12.40 -26.19
N GLU B 113 31.26 -11.85 -27.08
CA GLU B 113 32.56 -12.48 -27.45
C GLU B 113 33.35 -12.80 -26.18
N ASP B 114 33.48 -11.82 -25.28
CA ASP B 114 34.20 -11.97 -23.98
C ASP B 114 33.53 -13.06 -23.14
N ALA B 115 32.21 -13.04 -23.03
CA ALA B 115 31.45 -14.03 -22.21
C ALA B 115 31.66 -15.42 -22.79
N GLN B 116 31.67 -15.57 -24.11
CA GLN B 116 31.85 -16.88 -24.81
C GLN B 116 33.22 -17.44 -24.42
N ALA B 117 34.27 -16.62 -24.43
CA ALA B 117 35.64 -17.05 -24.06
C ALA B 117 35.66 -17.47 -22.59
N MET B 118 34.95 -16.73 -21.72
CA MET B 118 34.90 -17.02 -20.26
C MET B 118 34.15 -18.33 -20.02
N GLU B 119 33.06 -18.55 -20.76
CA GLU B 119 32.23 -19.79 -20.68
C GLU B 119 33.10 -20.99 -21.05
N ALA B 120 33.96 -20.84 -22.06
CA ALA B 120 34.86 -21.91 -22.54
C ALA B 120 35.92 -22.21 -21.47
N ALA B 121 36.51 -21.17 -20.88
CA ALA B 121 37.56 -21.29 -19.83
C ALA B 121 36.97 -21.99 -18.61
N ALA B 122 35.73 -21.66 -18.22
CA ALA B 122 35.03 -22.28 -17.07
C ALA B 122 34.85 -23.77 -17.32
N ARG B 123 34.37 -24.15 -18.52
CA ARG B 123 34.18 -25.59 -18.89
C ARG B 123 35.54 -26.30 -18.86
N ALA B 124 36.60 -25.66 -19.38
CA ALA B 124 37.96 -26.23 -19.47
C ALA B 124 38.60 -26.42 -18.09
N SER B 125 38.19 -25.64 -17.08
CA SER B 125 38.84 -25.61 -15.74
C SER B 125 38.29 -26.73 -14.84
N ASP B 126 37.08 -27.21 -15.12
CA ASP B 126 36.31 -28.15 -14.24
C ASP B 126 36.21 -27.55 -12.83
N ARG B 127 36.03 -26.23 -12.73
CA ARG B 127 35.81 -25.51 -11.45
C ARG B 127 34.37 -24.97 -11.47
N ARG B 128 33.78 -24.77 -10.29
CA ARG B 128 32.41 -24.24 -10.16
C ARG B 128 32.46 -22.72 -10.38
N THR B 129 31.43 -22.19 -11.02
CA THR B 129 31.24 -20.73 -11.23
C THR B 129 29.80 -20.38 -10.85
N ILE B 130 29.61 -19.19 -10.32
CA ILE B 130 28.27 -18.59 -10.13
C ILE B 130 28.38 -17.10 -10.40
N ILE B 131 27.35 -16.50 -10.97
CA ILE B 131 27.31 -15.05 -11.24
C ILE B 131 26.36 -14.38 -10.24
N GLY B 132 26.68 -13.16 -9.83
CA GLY B 132 26.05 -12.43 -8.70
C GLY B 132 24.64 -11.94 -8.98
N TYR B 133 23.76 -12.78 -9.53
CA TYR B 133 22.34 -12.44 -9.78
C TYR B 133 21.56 -12.60 -8.47
N ASN B 134 21.81 -11.69 -7.52
CA ASN B 134 21.39 -11.87 -6.11
C ASN B 134 19.88 -11.71 -5.95
N TYR B 135 19.15 -11.14 -6.92
CA TYR B 135 17.69 -10.99 -6.80
C TYR B 135 16.97 -12.33 -6.99
N THR B 136 17.68 -13.37 -7.44
CA THR B 136 17.10 -14.73 -7.52
C THR B 136 17.25 -15.48 -6.20
N ARG B 137 17.73 -14.82 -5.13
CA ARG B 137 18.06 -15.49 -3.85
C ARG B 137 17.07 -15.11 -2.75
N SER B 138 16.18 -14.13 -2.94
CA SER B 138 15.24 -13.75 -1.86
C SER B 138 14.31 -14.92 -1.56
N PRO B 139 13.90 -15.12 -0.29
CA PRO B 139 12.89 -16.12 0.02
C PRO B 139 11.62 -15.92 -0.82
N ALA B 140 11.19 -14.68 -1.03
CA ALA B 140 9.96 -14.39 -1.79
C ALA B 140 10.12 -14.89 -3.22
N PHE B 141 11.25 -14.60 -3.86
CA PHE B 141 11.47 -15.05 -5.25
C PHE B 141 11.48 -16.57 -5.30
N ARG B 142 12.22 -17.20 -4.40
CA ARG B 142 12.37 -18.67 -4.43
C ARG B 142 11.02 -19.31 -4.13
N ALA B 143 10.21 -18.70 -3.26
CA ALA B 143 8.86 -19.20 -2.94
C ALA B 143 7.98 -19.12 -4.19
N ALA B 144 8.11 -18.06 -4.99
CA ALA B 144 7.29 -17.85 -6.20
C ALA B 144 7.62 -18.95 -7.22
N VAL B 145 8.90 -19.26 -7.39
CA VAL B 145 9.31 -20.32 -8.35
C VAL B 145 8.67 -21.63 -7.90
N ASP B 146 8.74 -21.94 -6.61
CA ASP B 146 8.16 -23.20 -6.10
C ASP B 146 6.64 -23.17 -6.30
N LEU B 147 5.97 -22.05 -6.06
CA LEU B 147 4.50 -21.96 -6.25
C LEU B 147 4.15 -22.23 -7.70
N ILE B 148 4.90 -21.69 -8.65
CA ILE B 148 4.62 -21.93 -10.09
C ILE B 148 4.80 -23.43 -10.37
N ALA B 149 5.85 -24.05 -9.82
CA ALA B 149 6.15 -25.49 -10.03
C ALA B 149 5.03 -26.36 -9.45
N GLU B 150 4.33 -25.90 -8.40
CA GLU B 150 3.23 -26.64 -7.74
C GLU B 150 1.89 -26.37 -8.45
N GLY B 151 1.90 -25.58 -9.53
CA GLY B 151 0.69 -25.25 -10.31
C GLY B 151 -0.21 -24.26 -9.58
N ALA B 152 0.32 -23.48 -8.63
CA ALA B 152 -0.46 -22.53 -7.80
C ALA B 152 -1.14 -21.49 -8.69
N ILE B 153 -0.59 -21.15 -9.86
CA ILE B 153 -1.25 -20.17 -10.77
C ILE B 153 -1.55 -20.82 -12.14
N GLY B 154 -1.61 -22.15 -12.19
CA GLY B 154 -1.90 -22.84 -13.46
C GLY B 154 -0.76 -22.65 -14.44
N ARG B 155 -1.06 -22.38 -15.71
CA ARG B 155 -0.04 -22.24 -16.76
C ARG B 155 0.25 -20.76 -16.94
N PRO B 156 1.51 -20.31 -16.81
CA PRO B 156 1.88 -18.92 -17.07
C PRO B 156 1.45 -18.50 -18.49
N ILE B 157 0.76 -17.37 -18.61
CA ILE B 157 0.28 -16.83 -19.92
C ILE B 157 0.90 -15.45 -20.19
N HIS B 158 1.43 -14.76 -19.19
CA HIS B 158 2.08 -13.45 -19.43
C HIS B 158 3.08 -13.12 -18.33
N PHE B 159 4.20 -12.52 -18.72
CA PHE B 159 5.20 -11.96 -17.79
C PHE B 159 5.28 -10.46 -18.04
N ARG B 160 5.28 -9.67 -16.98
CA ARG B 160 5.59 -8.23 -17.10
C ARG B 160 6.62 -7.89 -16.04
N GLY B 161 7.75 -7.35 -16.47
CA GLY B 161 8.85 -7.02 -15.55
C GLY B 161 9.46 -5.68 -15.86
N MET B 162 9.94 -5.02 -14.82
CA MET B 162 10.63 -3.73 -14.95
C MET B 162 11.78 -3.69 -13.95
N TYR B 163 12.77 -2.85 -14.20
CA TYR B 163 13.83 -2.58 -13.20
C TYR B 163 14.20 -1.11 -13.31
N ASP B 164 13.54 -0.29 -12.51
CA ASP B 164 13.72 1.17 -12.50
C ASP B 164 14.63 1.58 -11.34
N GLU B 165 15.62 2.42 -11.63
CA GLU B 165 16.41 3.16 -10.63
C GLU B 165 16.70 4.53 -11.20
N ASP B 166 17.19 5.46 -10.37
CA ASP B 166 17.39 6.86 -10.80
C ASP B 166 18.82 7.32 -10.51
N TYR B 167 19.78 6.41 -10.38
CA TYR B 167 21.17 6.78 -9.98
C TYR B 167 21.84 7.63 -11.06
N MET B 168 21.35 7.62 -12.31
CA MET B 168 21.91 8.49 -13.39
C MET B 168 20.91 9.58 -13.81
N ALA B 169 19.81 9.78 -13.08
CA ALA B 169 18.75 10.74 -13.47
C ALA B 169 19.29 12.17 -13.45
N ASP B 170 20.19 12.49 -12.51
CA ASP B 170 20.77 13.85 -12.36
C ASP B 170 21.68 14.11 -13.55
N PRO B 171 21.32 15.05 -14.47
CA PRO B 171 22.10 15.30 -15.66
C PRO B 171 23.49 15.91 -15.36
N ASP B 172 23.69 16.39 -14.13
CA ASP B 172 24.98 16.99 -13.69
C ASP B 172 25.95 15.91 -13.24
N LEU B 173 25.50 14.66 -13.02
CA LEU B 173 26.44 13.55 -12.72
C LEU B 173 27.48 13.49 -13.83
N PRO B 174 28.79 13.43 -13.50
CA PRO B 174 29.85 13.50 -14.50
C PRO B 174 29.85 12.31 -15.47
N TRP B 175 30.36 12.55 -16.67
CA TRP B 175 30.67 11.52 -17.68
C TRP B 175 31.71 10.58 -17.09
N SER B 176 31.69 9.31 -17.49
CA SER B 176 32.70 8.29 -17.09
C SER B 176 32.90 7.33 -18.26
N TRP B 177 33.96 6.52 -18.19
CA TRP B 177 34.28 5.50 -19.21
C TRP B 177 33.17 4.45 -19.28
N ALA B 178 32.37 4.31 -18.20
CA ALA B 178 31.22 3.39 -18.14
C ALA B 178 30.14 3.79 -19.16
N LEU B 179 30.15 5.04 -19.62
CA LEU B 179 29.11 5.59 -20.54
C LEU B 179 29.58 5.51 -21.99
N THR B 180 30.71 4.86 -22.27
CA THR B 180 31.19 4.55 -23.65
C THR B 180 30.83 3.11 -23.99
N ARG B 181 30.56 2.84 -25.26
CA ARG B 181 30.26 1.46 -25.73
C ARG B 181 31.52 0.60 -25.57
N LYS B 182 32.69 1.13 -25.91
CA LYS B 182 33.92 0.31 -25.98
C LYS B 182 34.38 -0.08 -24.57
N ASP B 183 34.36 0.84 -23.61
CA ASP B 183 34.93 0.62 -22.26
C ASP B 183 33.82 0.42 -21.21
N GLY B 184 32.57 0.74 -21.55
CA GLY B 184 31.43 0.63 -20.62
C GLY B 184 30.48 -0.50 -20.99
N GLY B 185 30.48 -0.92 -22.26
CA GLY B 185 29.51 -1.89 -22.80
C GLY B 185 28.11 -1.30 -22.81
N LEU B 186 27.11 -2.09 -22.43
CA LEU B 186 25.71 -1.61 -22.40
C LEU B 186 25.52 -0.63 -21.24
N GLY B 187 24.43 0.12 -21.27
CA GLY B 187 24.04 1.05 -20.20
C GLY B 187 23.10 0.37 -19.24
N ALA B 188 21.85 0.81 -19.18
CA ALA B 188 20.83 0.28 -18.25
C ALA B 188 20.67 -1.23 -18.45
N LEU B 189 20.81 -1.74 -19.68
CA LEU B 189 20.65 -3.20 -19.95
C LEU B 189 21.75 -3.99 -19.24
N GLY B 190 22.96 -3.44 -19.16
CA GLY B 190 24.11 -4.07 -18.47
C GLY B 190 24.05 -3.91 -16.97
N ASP B 191 23.59 -2.77 -16.47
CA ASP B 191 23.55 -2.50 -15.01
C ASP B 191 22.35 -3.22 -14.38
N LEU B 192 21.20 -3.15 -15.04
CA LEU B 192 19.89 -3.53 -14.45
C LEU B 192 19.22 -4.61 -15.30
N GLY B 193 19.22 -4.48 -16.62
CA GLY B 193 18.53 -5.42 -17.52
C GLY B 193 18.94 -6.85 -17.23
N CYS B 194 20.23 -7.13 -17.03
CA CYS B 194 20.73 -8.51 -16.84
C CYS B 194 20.06 -9.11 -15.60
N HIS B 195 19.88 -8.33 -14.53
CA HIS B 195 19.18 -8.78 -13.30
C HIS B 195 17.75 -9.19 -13.64
N LEU B 196 17.03 -8.34 -14.36
CA LEU B 196 15.62 -8.63 -14.71
C LEU B 196 15.58 -9.89 -15.59
N VAL B 197 16.54 -10.06 -16.49
CA VAL B 197 16.57 -11.31 -17.30
C VAL B 197 16.78 -12.52 -16.37
N SER B 198 17.68 -12.42 -15.39
CA SER B 198 17.98 -13.59 -14.51
C SER B 198 16.70 -14.03 -13.79
N VAL B 199 15.88 -13.06 -13.35
CA VAL B 199 14.60 -13.34 -12.66
C VAL B 199 13.60 -13.88 -13.67
N MET B 200 13.47 -13.21 -14.82
CA MET B 200 12.46 -13.51 -15.86
C MET B 200 12.64 -14.95 -16.38
N VAL B 201 13.85 -15.36 -16.75
CA VAL B 201 14.03 -16.72 -17.33
C VAL B 201 13.92 -17.78 -16.22
N SER B 202 14.17 -17.42 -14.97
CA SER B 202 13.98 -18.37 -13.84
C SER B 202 12.48 -18.65 -13.64
N LEU B 203 11.63 -17.67 -13.96
CA LEU B 203 10.16 -17.78 -13.79
C LEU B 203 9.54 -18.40 -15.05
N MET B 204 9.99 -17.97 -16.23
CA MET B 204 9.26 -18.22 -17.51
C MET B 204 10.02 -19.18 -18.44
N GLY B 205 11.26 -19.54 -18.11
CA GLY B 205 12.09 -20.32 -19.04
C GLY B 205 12.76 -19.42 -20.06
N PRO B 206 13.49 -20.00 -21.04
CA PRO B 206 14.32 -19.23 -21.96
C PRO B 206 13.53 -18.30 -22.89
N VAL B 207 14.22 -17.26 -23.33
CA VAL B 207 13.71 -16.27 -24.31
C VAL B 207 13.94 -16.81 -25.72
N ALA B 208 12.91 -16.72 -26.57
CA ALA B 208 12.98 -17.13 -27.99
C ALA B 208 13.18 -15.91 -28.89
N ARG B 209 12.57 -14.78 -28.57
CA ARG B 209 12.56 -13.60 -29.47
C ARG B 209 12.39 -12.34 -28.63
N VAL B 210 13.04 -11.25 -29.04
CA VAL B 210 12.82 -9.90 -28.43
C VAL B 210 12.62 -8.90 -29.56
N TYR B 211 11.80 -7.89 -29.28
CA TYR B 211 11.73 -6.65 -30.09
C TYR B 211 11.92 -5.50 -29.10
N ALA B 212 12.96 -4.69 -29.27
CA ALA B 212 13.35 -3.70 -28.25
C ALA B 212 13.39 -2.29 -28.81
N GLN B 213 13.22 -1.34 -27.89
CA GLN B 213 13.43 0.11 -28.11
C GLN B 213 14.35 0.58 -26.98
N ALA B 214 15.14 1.62 -27.23
CA ALA B 214 16.03 2.16 -26.18
C ALA B 214 16.22 3.65 -26.41
N ASP B 215 16.62 4.36 -25.37
CA ASP B 215 16.89 5.80 -25.47
C ASP B 215 18.07 6.17 -24.58
N THR B 216 18.88 7.10 -25.07
CA THR B 216 19.78 7.91 -24.25
C THR B 216 19.04 9.21 -23.95
N VAL B 217 18.66 9.40 -22.70
CA VAL B 217 17.82 10.54 -22.24
C VAL B 217 18.73 11.74 -21.99
N ILE B 218 19.85 11.51 -21.31
CA ILE B 218 20.88 12.56 -21.08
C ILE B 218 22.08 12.22 -21.96
N THR B 219 22.21 12.92 -23.08
CA THR B 219 23.15 12.55 -24.18
C THR B 219 24.54 13.15 -23.95
N ASP B 220 24.67 14.21 -23.14
CA ASP B 220 25.98 14.86 -22.87
C ASP B 220 26.09 15.12 -21.36
N ARG B 221 27.26 14.85 -20.77
CA ARG B 221 27.49 15.08 -19.33
C ARG B 221 28.78 15.83 -19.11
N PRO B 222 28.92 16.51 -17.94
CA PRO B 222 30.13 17.25 -17.61
C PRO B 222 31.37 16.34 -17.67
N HIS B 223 32.43 16.86 -18.31
CA HIS B 223 33.73 16.18 -18.47
C HIS B 223 34.84 17.23 -18.53
N GLN B 224 35.49 17.49 -17.40
CA GLN B 224 36.74 18.30 -17.30
C GLN B 224 36.46 19.72 -17.81
N GLY B 225 35.48 20.41 -17.21
CA GLY B 225 35.10 21.77 -17.58
C GLY B 225 34.37 21.84 -18.92
N GLY B 226 34.28 20.72 -19.66
CA GLY B 226 33.52 20.60 -20.91
C GLY B 226 32.43 19.55 -20.78
N THR B 227 31.93 19.03 -21.91
CA THR B 227 30.96 17.90 -21.95
C THR B 227 31.53 16.76 -22.78
N ALA B 228 31.07 15.53 -22.53
CA ALA B 228 31.34 14.36 -23.38
C ALA B 228 30.03 13.59 -23.60
N ARG B 229 29.94 12.91 -24.73
CA ARG B 229 28.69 12.25 -25.18
C ARG B 229 28.50 10.92 -24.45
N VAL B 230 27.27 10.66 -24.01
CA VAL B 230 26.85 9.34 -23.44
C VAL B 230 26.50 8.45 -24.61
N GLU B 231 27.13 7.27 -24.71
CA GLU B 231 27.02 6.41 -25.91
C GLU B 231 26.07 5.24 -25.68
N ASN B 232 25.76 4.87 -24.43
CA ASN B 232 24.89 3.71 -24.17
C ASN B 232 23.56 4.20 -23.57
N GLU B 233 22.62 3.27 -23.45
CA GLU B 233 21.18 3.58 -23.24
C GLU B 233 20.93 3.87 -21.75
N ASP B 234 20.09 4.86 -21.48
CA ASP B 234 19.59 5.18 -20.12
C ASP B 234 18.38 4.30 -19.80
N GLN B 235 17.66 3.86 -20.82
CA GLN B 235 16.43 3.05 -20.64
C GLN B 235 16.22 2.17 -21.86
N ALA B 236 15.60 1.02 -21.67
CA ALA B 236 15.28 0.09 -22.77
C ALA B 236 14.01 -0.65 -22.41
N GLN B 237 13.20 -0.96 -23.41
CA GLN B 237 11.97 -1.75 -23.24
C GLN B 237 11.95 -2.82 -24.32
N ALA B 238 11.36 -3.97 -24.03
CA ALA B 238 11.27 -5.06 -25.03
C ALA B 238 9.96 -5.81 -24.87
N LEU B 239 9.41 -6.28 -26.00
CA LEU B 239 8.41 -7.37 -26.00
C LEU B 239 9.16 -8.68 -26.12
N ILE B 240 8.72 -9.67 -25.35
CA ILE B 240 9.38 -10.99 -25.24
C ILE B 240 8.44 -12.03 -25.82
N ARG B 241 9.00 -12.98 -26.57
CA ARG B 241 8.34 -14.28 -26.81
C ARG B 241 9.23 -15.36 -26.19
N PHE B 242 8.69 -16.15 -25.28
CA PHE B 242 9.45 -17.22 -24.59
C PHE B 242 9.44 -18.48 -25.46
N ALA B 243 10.42 -19.35 -25.22
CA ALA B 243 10.54 -20.66 -25.88
C ALA B 243 9.23 -21.44 -25.71
N SER B 244 8.52 -21.24 -24.59
CA SER B 244 7.20 -21.86 -24.27
C SER B 244 6.10 -21.32 -25.18
N GLY B 245 6.34 -20.19 -25.85
CA GLY B 245 5.34 -19.50 -26.69
C GLY B 245 4.60 -18.39 -25.93
N THR B 246 4.86 -18.23 -24.64
CA THR B 246 4.20 -17.19 -23.81
C THR B 246 4.81 -15.84 -24.11
N SER B 247 4.06 -14.78 -23.82
CA SER B 247 4.46 -13.37 -24.07
C SER B 247 5.08 -12.76 -22.82
N GLY B 248 5.88 -11.72 -23.01
CA GLY B 248 6.48 -10.95 -21.90
C GLY B 248 6.63 -9.49 -22.26
N GLU B 249 6.64 -8.66 -21.23
CA GLU B 249 7.04 -7.24 -21.30
C GLU B 249 8.23 -7.07 -20.38
N PHE B 250 9.15 -6.22 -20.79
CA PHE B 250 10.48 -6.08 -20.15
C PHE B 250 10.90 -4.62 -20.27
N SER B 251 11.42 -4.06 -19.20
CA SER B 251 12.05 -2.72 -19.27
C SER B 251 13.13 -2.59 -18.20
N CYS B 252 14.03 -1.64 -18.40
CA CYS B 252 14.96 -1.20 -17.35
C CYS B 252 15.25 0.27 -17.58
N SER B 253 15.65 0.97 -16.54
CA SER B 253 16.00 2.40 -16.62
C SER B 253 16.90 2.79 -15.46
N ARG B 254 17.91 3.61 -15.75
CA ARG B 254 18.79 4.21 -14.72
C ARG B 254 18.42 5.69 -14.55
N VAL B 255 17.32 6.16 -15.14
CA VAL B 255 16.92 7.60 -15.05
C VAL B 255 15.45 7.72 -14.59
N ALA B 256 14.89 6.68 -13.98
CA ALA B 256 13.44 6.66 -13.62
C ALA B 256 13.27 7.29 -12.24
N ARG B 257 12.92 8.58 -12.19
CA ARG B 257 13.01 9.39 -10.96
C ARG B 257 12.12 8.85 -9.86
N GLY B 258 12.69 8.66 -8.67
CA GLY B 258 11.96 8.26 -7.45
C GLY B 258 12.17 6.79 -7.15
N TYR B 259 12.65 6.03 -8.12
CA TYR B 259 12.88 4.57 -7.99
C TYR B 259 14.32 4.34 -7.58
N ARG B 260 14.54 3.43 -6.62
CA ARG B 260 15.88 3.19 -6.05
C ARG B 260 16.32 1.75 -6.30
N CYS B 261 15.41 0.80 -6.24
CA CYS B 261 15.73 -0.62 -6.54
C CYS B 261 14.46 -1.33 -6.98
N ARG B 262 13.73 -0.74 -7.93
CA ARG B 262 12.38 -1.19 -8.31
C ARG B 262 12.49 -2.26 -9.40
N LEU B 263 13.04 -3.42 -9.04
CA LEU B 263 12.95 -4.66 -9.83
C LEU B 263 11.59 -5.26 -9.49
N ALA B 264 10.62 -5.11 -10.37
CA ALA B 264 9.24 -5.51 -10.11
C ALA B 264 8.80 -6.43 -11.23
N TRP B 265 8.12 -7.52 -10.87
CA TRP B 265 7.70 -8.46 -11.91
C TRP B 265 6.35 -9.06 -11.55
N GLU B 266 5.73 -9.67 -12.54
CA GLU B 266 4.40 -10.24 -12.40
C GLU B 266 4.30 -11.42 -13.34
N VAL B 267 3.80 -12.55 -12.86
CA VAL B 267 3.47 -13.71 -13.73
C VAL B 267 1.97 -13.92 -13.66
N GLN B 268 1.29 -13.76 -14.78
CA GLN B 268 -0.16 -14.03 -14.89
C GLN B 268 -0.33 -15.43 -15.46
N GLY B 269 -1.10 -16.27 -14.78
CA GLY B 269 -1.34 -17.66 -15.20
C GLY B 269 -2.80 -17.90 -15.48
N THR B 270 -3.13 -19.10 -15.95
CA THR B 270 -4.52 -19.49 -16.23
C THR B 270 -5.32 -19.62 -14.93
N GLU B 271 -4.66 -19.79 -13.78
CA GLU B 271 -5.37 -20.04 -12.51
C GLU B 271 -4.87 -19.13 -11.39
N GLY B 272 -4.18 -18.04 -11.71
CA GLY B 272 -3.77 -17.11 -10.66
C GLY B 272 -2.74 -16.13 -11.18
N THR B 273 -2.26 -15.27 -10.29
CA THR B 273 -1.25 -14.22 -10.60
C THR B 273 -0.29 -14.14 -9.43
N LEU B 274 0.99 -14.00 -9.71
CA LEU B 274 2.05 -13.68 -8.72
C LEU B 274 2.64 -12.31 -9.04
N ARG B 275 2.85 -11.47 -8.03
CA ARG B 275 3.39 -10.11 -8.25
C ARG B 275 4.39 -9.77 -7.14
N PHE B 276 5.46 -9.08 -7.50
CA PHE B 276 6.57 -8.79 -6.56
C PHE B 276 7.21 -7.45 -6.92
N ASP B 277 7.71 -6.75 -5.90
CA ASP B 277 8.48 -5.49 -6.06
C ASP B 277 9.65 -5.55 -5.08
N GLN B 278 10.89 -5.54 -5.59
CA GLN B 278 12.11 -5.64 -4.75
C GLN B 278 12.20 -4.50 -3.72
N GLU B 279 11.56 -3.34 -3.95
CA GLU B 279 11.60 -2.24 -2.95
C GLU B 279 10.83 -2.67 -1.69
N ARG B 280 9.96 -3.68 -1.82
CA ARG B 280 9.26 -4.36 -0.70
C ARG B 280 9.56 -5.85 -0.83
N MET B 281 10.82 -6.23 -0.67
CA MET B 281 11.28 -7.59 -1.04
C MET B 281 10.71 -8.65 -0.09
N ASN B 282 10.01 -8.27 0.98
CA ASN B 282 9.44 -9.25 1.93
C ASN B 282 7.97 -9.54 1.63
N GLU B 283 7.42 -9.03 0.53
CA GLU B 283 6.00 -9.28 0.17
C GLU B 283 5.90 -9.97 -1.18
N LEU B 284 5.11 -11.03 -1.23
CA LEU B 284 4.75 -11.73 -2.48
C LEU B 284 3.23 -11.71 -2.58
N TRP B 285 2.70 -11.19 -3.68
CA TRP B 285 1.24 -11.08 -3.87
C TRP B 285 0.78 -12.27 -4.70
N LEU B 286 -0.15 -13.05 -4.16
CA LEU B 286 -0.69 -14.23 -4.89
C LEU B 286 -2.20 -14.09 -5.01
N TYR B 287 -2.71 -14.12 -6.23
CA TYR B 287 -4.15 -14.26 -6.47
C TYR B 287 -4.43 -15.67 -6.95
N GLN B 288 -5.38 -16.33 -6.29
CA GLN B 288 -6.02 -17.56 -6.82
C GLN B 288 -7.53 -17.37 -6.69
N PRO B 289 -8.33 -17.86 -7.65
CA PRO B 289 -9.78 -17.70 -7.53
C PRO B 289 -10.28 -18.20 -6.16
N GLY B 290 -11.18 -17.43 -5.56
CA GLY B 290 -11.78 -17.75 -4.25
C GLY B 290 -13.27 -17.51 -4.26
N ARG B 291 -13.97 -17.91 -3.21
CA ARG B 291 -15.43 -17.64 -3.15
C ARG B 291 -15.63 -16.13 -3.19
N PRO B 292 -16.68 -15.65 -3.87
CA PRO B 292 -16.87 -14.22 -4.12
C PRO B 292 -16.82 -13.32 -2.87
N GLU B 293 -17.27 -13.82 -1.72
CA GLU B 293 -17.32 -13.01 -0.47
C GLU B 293 -15.89 -12.67 0.00
N ILE B 294 -14.89 -13.49 -0.32
CA ILE B 294 -13.52 -13.24 0.24
C ILE B 294 -12.46 -13.17 -0.87
N ASP B 295 -12.88 -13.10 -2.12
CA ASP B 295 -11.98 -13.19 -3.29
C ASP B 295 -11.00 -12.00 -3.30
N GLY B 296 -9.72 -12.26 -3.51
CA GLY B 296 -8.73 -11.16 -3.65
C GLY B 296 -7.32 -11.66 -3.47
N PHE B 297 -6.36 -10.82 -3.87
CA PHE B 297 -4.92 -11.11 -3.70
C PHE B 297 -4.59 -11.29 -2.22
N ARG B 298 -3.68 -12.21 -1.94
CA ARG B 298 -3.07 -12.41 -0.62
C ARG B 298 -1.71 -11.72 -0.57
N ARG B 299 -1.43 -11.02 0.52
CA ARG B 299 -0.10 -10.49 0.83
C ARG B 299 0.64 -11.56 1.63
N ILE B 300 1.57 -12.27 1.00
CA ILE B 300 2.38 -13.28 1.70
C ILE B 300 3.62 -12.57 2.25
N LEU B 301 3.71 -12.45 3.57
CA LEU B 301 4.86 -11.80 4.22
C LEU B 301 5.95 -12.85 4.41
N THR B 302 7.19 -12.51 4.05
CA THR B 302 8.33 -13.45 4.10
C THR B 302 8.49 -13.96 5.54
N GLY B 303 8.69 -15.27 5.64
CA GLY B 303 8.92 -15.97 6.91
C GLY B 303 9.49 -17.36 6.64
N PRO B 304 9.57 -18.20 7.68
CA PRO B 304 10.28 -19.47 7.59
C PRO B 304 9.66 -20.51 6.65
N ALA B 305 8.44 -20.29 6.14
CA ALA B 305 7.85 -21.19 5.13
C ALA B 305 8.56 -21.00 3.78
N GLN B 306 9.30 -19.90 3.58
CA GLN B 306 9.95 -19.60 2.28
C GLN B 306 11.39 -20.07 2.28
N PRO B 307 11.91 -20.52 1.13
CA PRO B 307 13.27 -21.04 1.04
C PRO B 307 14.32 -20.06 1.58
N GLY B 308 15.23 -20.57 2.42
CA GLY B 308 16.38 -19.83 2.95
C GLY B 308 16.08 -19.04 4.21
N PHE B 309 14.83 -18.61 4.44
CA PHE B 309 14.55 -17.62 5.51
C PHE B 309 14.91 -18.21 6.88
N ALA B 310 14.57 -19.47 7.12
CA ALA B 310 14.71 -20.10 8.46
C ALA B 310 16.17 -20.13 8.91
N ALA B 311 17.13 -20.06 7.98
CA ALA B 311 18.57 -20.05 8.31
C ALA B 311 18.97 -18.70 8.94
N PHE B 312 18.13 -17.66 8.80
CA PHE B 312 18.41 -16.29 9.28
C PHE B 312 17.54 -15.89 10.46
N CYS B 313 16.37 -16.50 10.63
CA CYS B 313 15.37 -16.04 11.63
C CYS B 313 14.27 -17.09 11.73
N PRO B 314 13.86 -17.48 12.95
CA PRO B 314 12.77 -18.45 13.13
C PRO B 314 11.35 -17.86 13.04
N GLY B 315 11.23 -16.54 13.12
CA GLY B 315 9.93 -15.85 13.17
C GLY B 315 9.62 -15.10 11.90
N GLY B 316 8.44 -15.31 11.33
CA GLY B 316 8.03 -14.59 10.11
C GLY B 316 7.88 -13.11 10.35
N GLY B 317 7.96 -12.30 9.28
CA GLY B 317 7.70 -10.86 9.34
C GLY B 317 8.89 -10.06 9.83
N HIS B 318 9.99 -10.70 10.24
CA HIS B 318 11.27 -10.03 10.54
C HIS B 318 12.01 -9.85 9.22
N ASN B 319 11.96 -8.66 8.64
CA ASN B 319 12.27 -8.45 7.21
C ASN B 319 13.69 -8.95 6.87
N PHE B 320 13.76 -9.82 5.89
CA PHE B 320 14.99 -10.30 5.21
C PHE B 320 15.57 -9.13 4.41
N GLY B 321 16.88 -8.98 4.39
CA GLY B 321 17.54 -7.80 3.79
C GLY B 321 18.23 -8.12 2.49
N PHE B 322 18.55 -7.09 1.71
CA PHE B 322 19.28 -7.21 0.44
C PHE B 322 20.59 -7.99 0.67
N ASN B 323 21.32 -7.64 1.71
CA ASN B 323 22.67 -8.22 1.95
C ASN B 323 22.53 -9.73 2.21
N GLU B 324 21.44 -10.19 2.83
CA GLU B 324 21.27 -11.62 3.15
C GLU B 324 21.02 -12.43 1.86
N GLN B 325 20.57 -11.80 0.77
CA GLN B 325 20.53 -12.51 -0.53
C GLN B 325 21.94 -13.03 -0.87
N LYS B 326 22.97 -12.30 -0.49
CA LYS B 326 24.37 -12.64 -0.86
C LYS B 326 24.86 -13.80 0.01
N VAL B 327 24.34 -13.90 1.23
CA VAL B 327 24.69 -15.06 2.11
C VAL B 327 24.08 -16.32 1.50
N VAL B 328 22.84 -16.25 1.00
CA VAL B 328 22.20 -17.40 0.30
C VAL B 328 23.04 -17.75 -0.94
N GLU B 329 23.48 -16.75 -1.69
CA GLU B 329 24.30 -16.93 -2.91
C GLU B 329 25.60 -17.66 -2.54
N ALA B 330 26.25 -17.25 -1.46
CA ALA B 330 27.51 -17.88 -1.00
C ALA B 330 27.25 -19.35 -0.66
N GLU B 331 26.15 -19.64 0.02
CA GLU B 331 25.82 -21.02 0.44
C GLU B 331 25.59 -21.88 -0.80
N MET B 332 24.94 -21.32 -1.82
CA MET B 332 24.66 -22.09 -3.05
C MET B 332 25.98 -22.45 -3.73
N LEU B 333 26.94 -21.53 -3.77
CA LEU B 333 28.29 -21.81 -4.34
C LEU B 333 29.01 -22.83 -3.46
N ARG B 334 28.97 -22.68 -2.13
CA ARG B 334 29.60 -23.63 -1.18
C ARG B 334 29.13 -25.06 -1.46
N GLN B 335 27.81 -25.24 -1.57
CA GLN B 335 27.16 -26.57 -1.75
C GLN B 335 27.54 -27.11 -3.14
N ALA B 336 27.63 -26.25 -4.16
CA ALA B 336 28.07 -26.65 -5.52
C ALA B 336 29.52 -27.17 -5.45
N ILE B 337 30.40 -26.47 -4.72
CA ILE B 337 31.84 -26.83 -4.60
C ILE B 337 31.95 -28.16 -3.87
N ALA B 338 31.06 -28.43 -2.90
CA ALA B 338 31.05 -29.67 -2.11
C ALA B 338 30.39 -30.81 -2.90
N GLY B 339 29.79 -30.52 -4.06
CA GLY B 339 29.08 -31.49 -4.91
C GLY B 339 27.73 -31.88 -4.34
N ARG B 340 27.11 -30.99 -3.55
CA ARG B 340 25.82 -31.24 -2.86
C ARG B 340 24.71 -30.37 -3.44
N GLY B 341 24.96 -29.77 -4.61
CA GLY B 341 23.99 -28.89 -5.27
C GLY B 341 24.59 -28.30 -6.51
N LYS B 342 23.74 -27.93 -7.46
CA LYS B 342 24.14 -27.28 -8.72
C LYS B 342 23.84 -25.78 -8.54
N ALA B 343 24.84 -24.92 -8.76
CA ALA B 343 24.73 -23.45 -8.60
C ALA B 343 24.17 -22.85 -9.89
N TRP B 344 23.30 -21.85 -9.78
CA TRP B 344 22.73 -21.14 -10.96
C TRP B 344 22.84 -19.63 -10.73
N PRO B 345 23.22 -18.83 -11.76
CA PRO B 345 23.70 -19.34 -13.04
C PRO B 345 25.23 -19.51 -13.06
N ASP B 346 25.70 -20.62 -13.62
CA ASP B 346 27.15 -20.79 -13.93
C ASP B 346 27.46 -19.97 -15.18
N PHE B 347 28.70 -20.01 -15.67
CA PHE B 347 29.13 -19.23 -16.85
C PHE B 347 28.36 -19.67 -18.10
N THR B 348 27.90 -20.92 -18.19
CA THR B 348 27.11 -21.42 -19.36
C THR B 348 25.72 -20.77 -19.34
N ASP B 349 25.05 -20.82 -18.19
CA ASP B 349 23.72 -20.19 -17.99
C ASP B 349 23.86 -18.67 -18.16
N GLY B 350 24.96 -18.10 -17.65
CA GLY B 350 25.25 -16.66 -17.69
C GLY B 350 25.42 -16.15 -19.12
N LEU B 351 26.07 -16.94 -19.97
CA LEU B 351 26.29 -16.54 -21.39
C LEU B 351 24.94 -16.34 -22.08
N THR B 352 23.95 -17.18 -21.78
CA THR B 352 22.58 -17.07 -22.36
C THR B 352 22.00 -15.71 -21.99
N ILE B 353 22.18 -15.29 -20.74
CA ILE B 353 21.66 -13.98 -20.26
C ILE B 353 22.38 -12.86 -21.01
N GLU B 354 23.69 -12.99 -21.23
CA GLU B 354 24.48 -11.98 -22.00
C GLU B 354 23.91 -11.88 -23.43
N ARG B 355 23.61 -13.01 -24.07
CA ARG B 355 23.07 -13.00 -25.45
C ARG B 355 21.73 -12.27 -25.45
N VAL B 356 20.91 -12.44 -24.42
CA VAL B 356 19.57 -11.81 -24.40
C VAL B 356 19.74 -10.29 -24.29
N ILE B 357 20.52 -9.77 -23.34
CA ILE B 357 20.62 -8.29 -23.16
C ILE B 357 21.30 -7.68 -24.39
N HIS B 358 22.31 -8.33 -24.97
CA HIS B 358 22.97 -7.80 -26.19
C HIS B 358 22.02 -7.90 -27.38
N GLY B 359 21.18 -8.94 -27.43
CA GLY B 359 20.13 -9.07 -28.47
C GLY B 359 19.11 -7.96 -28.38
N MET B 360 18.72 -7.55 -27.16
CA MET B 360 17.81 -6.41 -26.96
C MET B 360 18.48 -5.13 -27.48
N ALA B 361 19.75 -4.92 -27.15
CA ALA B 361 20.52 -3.75 -27.62
C ALA B 361 20.56 -3.76 -29.16
N THR B 362 20.88 -4.89 -29.77
CA THR B 362 20.92 -5.04 -31.26
C THR B 362 19.55 -4.71 -31.84
N SER B 363 18.48 -5.26 -31.28
CA SER B 363 17.09 -5.03 -31.75
C SER B 363 16.77 -3.53 -31.75
N ALA B 364 17.09 -2.82 -30.67
CA ALA B 364 16.82 -1.37 -30.52
C ALA B 364 17.58 -0.59 -31.59
N GLN B 365 18.83 -0.99 -31.88
CA GLN B 365 19.69 -0.33 -32.89
C GLN B 365 19.13 -0.56 -34.30
N THR B 366 18.74 -1.78 -34.63
CA THR B 366 18.35 -2.18 -36.01
C THR B 366 16.86 -1.89 -36.26
N GLY B 367 16.04 -1.81 -35.21
CA GLY B 367 14.58 -1.69 -35.34
C GLY B 367 13.95 -3.00 -35.80
N GLN B 368 14.66 -4.12 -35.63
CA GLN B 368 14.21 -5.46 -36.08
C GLN B 368 14.16 -6.38 -34.87
N PRO B 369 13.27 -7.40 -34.86
CA PRO B 369 13.29 -8.40 -33.81
C PRO B 369 14.58 -9.21 -33.89
N VAL B 370 14.98 -9.79 -32.77
CA VAL B 370 16.14 -10.72 -32.68
C VAL B 370 15.64 -12.05 -32.12
N ASN B 371 16.03 -13.14 -32.76
CA ASN B 371 15.64 -14.54 -32.42
C ASN B 371 16.83 -15.23 -31.78
N PHE B 372 16.58 -16.18 -30.87
CA PHE B 372 17.63 -16.95 -30.15
C PHE B 372 17.48 -18.46 -30.42
N LYS C 6 -48.22 8.77 -4.66
CA LYS C 6 -47.67 7.44 -4.21
C LYS C 6 -46.13 7.42 -4.23
N ALA C 7 -45.47 8.38 -4.90
CA ALA C 7 -44.02 8.62 -4.71
C ALA C 7 -43.84 9.48 -3.46
N LEU C 8 -42.72 9.28 -2.76
CA LEU C 8 -42.35 10.04 -1.53
C LEU C 8 -42.14 11.50 -1.89
N GLY C 9 -42.81 12.40 -1.18
CA GLY C 9 -42.58 13.86 -1.27
C GLY C 9 -41.44 14.26 -0.36
N VAL C 10 -40.44 14.94 -0.89
CA VAL C 10 -39.19 15.29 -0.17
C VAL C 10 -39.12 16.79 0.06
N ALA C 11 -38.84 17.17 1.31
CA ALA C 11 -38.38 18.50 1.71
C ALA C 11 -36.90 18.38 2.09
N LEU C 12 -36.08 19.32 1.64
CA LEU C 12 -34.64 19.41 1.98
C LEU C 12 -34.38 20.76 2.64
N ILE C 13 -33.84 20.74 3.86
CA ILE C 13 -33.40 21.98 4.57
C ILE C 13 -31.88 22.00 4.55
N GLY C 14 -31.29 23.02 3.92
CA GLY C 14 -29.83 23.17 3.81
C GLY C 14 -29.35 22.64 2.48
N THR C 15 -28.26 23.22 1.98
CA THR C 15 -27.73 22.97 0.62
C THR C 15 -26.21 22.90 0.61
N GLY C 16 -25.58 22.73 1.78
CA GLY C 16 -24.12 22.72 1.92
C GLY C 16 -23.53 21.35 1.60
N PHE C 17 -22.47 20.98 2.32
CA PHE C 17 -21.79 19.66 2.18
C PHE C 17 -22.87 18.56 2.19
N MET C 18 -23.65 18.47 3.25
CA MET C 18 -24.66 17.37 3.35
C MET C 18 -25.93 17.71 2.57
N GLY C 19 -26.38 18.96 2.53
CA GLY C 19 -27.57 19.32 1.74
C GLY C 19 -27.46 18.84 0.31
N LYS C 20 -26.35 19.13 -0.35
CA LYS C 20 -26.13 18.73 -1.76
C LYS C 20 -25.98 17.20 -1.83
N CYS C 21 -25.32 16.58 -0.85
CA CYS C 21 -25.18 15.11 -0.78
C CYS C 21 -26.57 14.45 -0.72
N HIS C 22 -27.47 14.95 0.13
CA HIS C 22 -28.86 14.45 0.24
C HIS C 22 -29.59 14.67 -1.09
N ALA C 23 -29.43 15.83 -1.71
CA ALA C 23 -30.11 16.15 -2.99
C ALA C 23 -29.68 15.14 -4.07
N MET C 24 -28.38 14.86 -4.19
CA MET C 24 -27.88 13.87 -5.17
C MET C 24 -28.43 12.48 -4.85
N ALA C 25 -28.58 12.16 -3.56
CA ALA C 25 -29.07 10.83 -3.12
C ALA C 25 -30.55 10.68 -3.50
N TRP C 26 -31.38 11.66 -3.15
CA TRP C 26 -32.82 11.63 -3.45
C TRP C 26 -33.01 11.54 -4.97
N ARG C 27 -32.17 12.21 -5.76
CA ARG C 27 -32.35 12.22 -7.24
C ARG C 27 -32.05 10.85 -7.83
N ASN C 28 -31.10 10.08 -7.28
CA ASN C 28 -30.69 8.81 -7.95
C ASN C 28 -31.12 7.57 -7.16
N VAL C 29 -31.85 7.70 -6.05
CA VAL C 29 -32.18 6.50 -5.24
C VAL C 29 -33.01 5.52 -6.08
N ALA C 30 -34.00 6.00 -6.86
CA ALA C 30 -34.84 5.09 -7.68
C ALA C 30 -34.05 4.62 -8.90
N THR C 31 -33.15 5.44 -9.44
CA THR C 31 -32.28 5.02 -10.56
C THR C 31 -31.51 3.77 -10.12
N ALA C 32 -30.94 3.79 -8.91
CA ALA C 32 -30.08 2.69 -8.42
C ALA C 32 -30.94 1.49 -8.01
N PHE C 33 -31.99 1.72 -7.23
CA PHE C 33 -32.69 0.63 -6.49
C PHE C 33 -34.08 0.32 -7.06
N GLY C 34 -34.57 1.11 -8.00
CA GLY C 34 -35.89 0.88 -8.61
C GLY C 34 -37.00 1.58 -7.84
N GLY C 35 -38.25 1.30 -8.23
CA GLY C 35 -39.44 1.95 -7.67
C GLY C 35 -39.62 3.33 -8.26
N LEU C 36 -40.43 4.16 -7.61
CA LEU C 36 -40.77 5.51 -8.11
C LEU C 36 -39.76 6.52 -7.59
N PRO C 37 -39.24 7.40 -8.46
CA PRO C 37 -38.41 8.51 -8.02
C PRO C 37 -39.16 9.37 -7.01
N PRO C 38 -38.58 9.64 -5.82
CA PRO C 38 -39.15 10.62 -4.91
C PRO C 38 -39.39 11.96 -5.61
N ARG C 39 -40.47 12.65 -5.20
CA ARG C 39 -40.83 14.00 -5.68
C ARG C 39 -40.04 15.02 -4.88
N LEU C 40 -39.21 15.82 -5.54
CA LEU C 40 -38.40 16.86 -4.88
C LEU C 40 -39.27 18.12 -4.79
N GLU C 41 -39.96 18.27 -3.66
CA GLU C 41 -41.08 19.24 -3.52
C GLU C 41 -40.57 20.61 -3.08
N VAL C 42 -39.86 20.69 -1.96
CA VAL C 42 -39.46 22.01 -1.38
C VAL C 42 -38.03 21.93 -0.88
N LEU C 43 -37.24 22.94 -1.25
CA LEU C 43 -35.88 23.17 -0.73
C LEU C 43 -35.91 24.45 0.10
N ALA C 44 -35.41 24.39 1.34
CA ALA C 44 -35.33 25.52 2.26
C ALA C 44 -33.85 25.88 2.51
N ASP C 45 -33.52 27.15 2.42
CA ASP C 45 -32.15 27.67 2.65
C ASP C 45 -32.26 29.19 2.82
N MET C 46 -31.21 29.84 3.33
CA MET C 46 -31.16 31.32 3.39
C MET C 46 -29.88 31.82 2.72
N PRO C 47 -29.91 32.97 2.03
CA PRO C 47 -31.13 33.76 1.86
C PRO C 47 -32.04 33.18 0.77
N ALA C 48 -33.20 33.80 0.55
CA ALA C 48 -34.25 33.33 -0.39
C ALA C 48 -33.69 33.18 -1.81
N ASP C 49 -32.78 34.08 -2.22
CA ASP C 49 -32.19 34.09 -3.60
CA ASP C 49 -32.22 34.06 -3.61
C ASP C 49 -31.42 32.78 -3.83
N LYS C 50 -30.69 32.34 -2.80
CA LYS C 50 -29.90 31.08 -2.82
C LYS C 50 -30.87 29.88 -2.84
N ALA C 51 -31.93 29.92 -2.03
CA ALA C 51 -32.97 28.86 -1.98
C ALA C 51 -33.61 28.70 -3.35
N HIS C 52 -33.93 29.80 -4.05
CA HIS C 52 -34.58 29.75 -5.39
C HIS C 52 -33.60 29.21 -6.42
N SER C 53 -32.35 29.65 -6.35
CA SER C 53 -31.26 29.26 -7.29
C SER C 53 -30.99 27.76 -7.16
N LEU C 54 -30.81 27.27 -5.93
CA LEU C 54 -30.43 25.86 -5.69
C LEU C 54 -31.66 24.96 -5.88
N ALA C 55 -32.88 25.43 -5.60
CA ALA C 55 -34.10 24.66 -5.93
C ALA C 55 -34.12 24.38 -7.44
N SER C 56 -33.75 25.39 -8.24
CA SER C 56 -33.71 25.25 -9.72
C SER C 56 -32.66 24.20 -10.12
N SER C 57 -31.40 24.34 -9.69
CA SER C 57 -30.30 23.44 -10.12
C SER C 57 -30.45 22.04 -9.48
N PHE C 58 -31.00 21.92 -8.27
CA PHE C 58 -31.21 20.62 -7.59
C PHE C 58 -32.47 19.92 -8.11
N GLY C 59 -33.35 20.64 -8.82
CA GLY C 59 -34.59 20.07 -9.40
C GLY C 59 -35.73 19.99 -8.39
N PHE C 60 -35.75 20.86 -7.39
CA PHE C 60 -36.88 20.98 -6.42
C PHE C 60 -37.94 21.90 -7.02
N ALA C 61 -39.21 21.55 -6.84
CA ALA C 61 -40.35 22.29 -7.41
C ALA C 61 -40.36 23.73 -6.90
N ARG C 62 -40.00 23.95 -5.63
CA ARG C 62 -39.90 25.34 -5.12
C ARG C 62 -38.84 25.48 -4.04
N GLY C 63 -38.27 26.68 -3.96
CA GLY C 63 -37.35 27.13 -2.91
C GLY C 63 -38.07 28.07 -1.95
N THR C 64 -37.66 28.06 -0.69
CA THR C 64 -38.19 28.99 0.35
C THR C 64 -37.09 29.31 1.35
N ALA C 65 -37.14 30.51 1.93
CA ALA C 65 -36.23 30.96 3.01
C ALA C 65 -36.87 30.66 4.37
N ASP C 66 -38.08 30.06 4.38
CA ASP C 66 -38.84 29.73 5.60
C ASP C 66 -38.94 28.21 5.73
N TRP C 67 -38.03 27.60 6.50
CA TRP C 67 -37.99 26.12 6.67
C TRP C 67 -39.27 25.60 7.32
N ARG C 68 -39.87 26.37 8.23
CA ARG C 68 -41.07 25.92 8.99
C ARG C 68 -42.20 25.63 8.01
N GLU C 69 -42.24 26.41 6.96
CA GLU C 69 -43.29 26.34 5.93
C GLU C 69 -43.04 25.11 5.04
N ALA C 70 -41.77 24.74 4.81
CA ALA C 70 -41.38 23.54 4.03
C ALA C 70 -41.83 22.26 4.77
N VAL C 71 -41.60 22.17 6.09
CA VAL C 71 -41.86 20.92 6.87
C VAL C 71 -43.38 20.73 7.06
N SER C 72 -44.18 21.80 6.88
CA SER C 72 -45.67 21.79 7.04
C SER C 72 -46.37 21.53 5.69
N ASP C 73 -45.64 21.57 4.58
CA ASP C 73 -46.21 21.41 3.21
C ASP C 73 -46.91 20.06 3.12
N PRO C 74 -48.18 20.01 2.69
CA PRO C 74 -48.92 18.75 2.55
C PRO C 74 -48.33 17.76 1.52
N ALA C 75 -47.57 18.27 0.55
CA ALA C 75 -46.95 17.49 -0.54
C ALA C 75 -45.66 16.81 -0.04
N VAL C 76 -45.21 17.14 1.17
CA VAL C 76 -43.95 16.62 1.79
C VAL C 76 -44.32 15.45 2.72
N ASP C 77 -43.62 14.31 2.59
CA ASP C 77 -43.77 13.12 3.46
C ASP C 77 -42.52 12.94 4.32
N VAL C 78 -41.35 13.35 3.81
CA VAL C 78 -40.05 13.12 4.49
C VAL C 78 -39.22 14.41 4.38
N VAL C 79 -38.50 14.74 5.45
CA VAL C 79 -37.67 15.97 5.55
C VAL C 79 -36.22 15.54 5.76
N SER C 80 -35.34 15.96 4.85
CA SER C 80 -33.86 15.91 5.02
C SER C 80 -33.43 17.17 5.76
N ILE C 81 -32.80 17.02 6.92
CA ILE C 81 -32.31 18.16 7.74
C ILE C 81 -30.78 18.15 7.72
N THR C 82 -30.19 19.11 7.01
CA THR C 82 -28.71 19.17 6.81
C THR C 82 -28.18 20.52 7.31
N THR C 83 -28.85 21.10 8.31
CA THR C 83 -28.49 22.41 8.90
C THR C 83 -27.47 22.22 10.02
N PRO C 84 -26.85 23.32 10.50
CA PRO C 84 -25.89 23.25 11.61
C PRO C 84 -26.48 22.60 12.87
N ASN C 85 -25.61 22.03 13.71
CA ASN C 85 -25.99 21.17 14.86
C ASN C 85 -27.00 21.89 15.76
N GLY C 86 -26.80 23.19 16.02
CA GLY C 86 -27.64 23.99 16.93
C GLY C 86 -29.09 24.10 16.47
N LEU C 87 -29.40 23.81 15.20
CA LEU C 87 -30.79 23.90 14.67
C LEU C 87 -31.45 22.52 14.58
N HIS C 88 -30.73 21.42 14.81
CA HIS C 88 -31.26 20.05 14.60
C HIS C 88 -32.51 19.80 15.45
N ARG C 89 -32.45 20.10 16.75
CA ARG C 89 -33.57 19.79 17.68
C ARG C 89 -34.83 20.51 17.19
N GLU C 90 -34.75 21.83 17.02
CA GLU C 90 -35.90 22.67 16.63
C GLU C 90 -36.52 22.12 15.35
N MET C 91 -35.70 21.87 14.32
CA MET C 91 -36.22 21.45 13.00
C MET C 91 -36.73 20.01 13.02
N ALA C 92 -36.03 19.07 13.65
CA ALA C 92 -36.50 17.67 13.74
C ALA C 92 -37.81 17.61 14.53
N GLU C 93 -37.92 18.33 15.65
CA GLU C 93 -39.14 18.29 16.48
C GLU C 93 -40.33 18.84 15.67
N ALA C 94 -40.14 19.93 14.93
CA ALA C 94 -41.19 20.55 14.09
C ALA C 94 -41.63 19.59 12.98
N ALA C 95 -40.69 18.91 12.32
CA ALA C 95 -40.98 17.95 11.23
C ALA C 95 -41.79 16.77 11.78
N LEU C 96 -41.41 16.22 12.93
CA LEU C 96 -42.13 15.06 13.54
C LEU C 96 -43.54 15.51 13.94
N ALA C 97 -43.65 16.69 14.55
CA ALA C 97 -44.93 17.26 15.02
C ALA C 97 -45.87 17.47 13.82
N ALA C 98 -45.32 17.78 12.65
CA ALA C 98 -46.06 18.02 11.38
C ALA C 98 -46.38 16.68 10.69
N GLY C 99 -45.98 15.55 11.28
CA GLY C 99 -46.28 14.20 10.78
C GLY C 99 -45.36 13.79 9.64
N LYS C 100 -44.12 14.27 9.63
CA LYS C 100 -43.14 13.90 8.56
C LYS C 100 -42.11 12.92 9.12
N HIS C 101 -41.66 11.99 8.26
CA HIS C 101 -40.44 11.17 8.47
C HIS C 101 -39.23 12.09 8.41
N VAL C 102 -38.13 11.74 9.09
CA VAL C 102 -36.96 12.65 9.23
C VAL C 102 -35.67 11.88 8.92
N TRP C 103 -34.90 12.46 8.01
CA TRP C 103 -33.48 12.10 7.73
C TRP C 103 -32.62 13.20 8.32
N LEU C 104 -32.06 12.97 9.51
CA LEU C 104 -31.35 14.03 10.28
C LEU C 104 -29.84 13.82 10.16
N GLU C 105 -29.09 14.87 9.86
CA GLU C 105 -27.62 14.78 9.87
C GLU C 105 -27.12 14.63 11.31
N LYS C 106 -25.98 13.97 11.48
CA LYS C 106 -25.30 13.79 12.79
C LYS C 106 -24.57 15.09 13.15
N PRO C 107 -24.17 15.27 14.43
CA PRO C 107 -24.70 14.49 15.55
C PRO C 107 -26.14 14.97 15.79
N MET C 108 -26.90 14.32 16.66
CA MET C 108 -28.34 14.64 16.86
C MET C 108 -28.51 16.11 17.27
N ALA C 109 -27.78 16.58 18.27
CA ALA C 109 -27.89 17.96 18.80
C ALA C 109 -26.61 18.31 19.56
N LEU C 110 -26.62 19.38 20.35
CA LEU C 110 -25.40 19.83 21.08
C LEU C 110 -25.27 19.07 22.40
N SER C 111 -26.37 18.59 22.98
CA SER C 111 -26.40 18.01 24.35
C SER C 111 -27.22 16.70 24.36
N VAL C 112 -26.94 15.86 25.35
CA VAL C 112 -27.75 14.64 25.62
C VAL C 112 -29.19 15.08 25.95
N GLU C 113 -29.34 16.15 26.75
CA GLU C 113 -30.68 16.70 27.11
C GLU C 113 -31.51 16.92 25.85
N ASP C 114 -30.93 17.56 24.83
CA ASP C 114 -31.64 17.85 23.54
C ASP C 114 -31.92 16.53 22.82
N ALA C 115 -30.97 15.60 22.77
CA ALA C 115 -31.13 14.31 22.07
C ALA C 115 -32.26 13.52 22.75
N GLN C 116 -32.33 13.61 24.08
CA GLN C 116 -33.36 12.91 24.91
C GLN C 116 -34.75 13.41 24.49
N ALA C 117 -34.91 14.73 24.36
CA ALA C 117 -36.19 15.38 23.95
C ALA C 117 -36.55 14.95 22.51
N MET C 118 -35.57 14.92 21.60
CA MET C 118 -35.82 14.51 20.19
C MET C 118 -36.23 13.04 20.12
N GLU C 119 -35.59 12.19 20.93
CA GLU C 119 -35.87 10.73 20.96
C GLU C 119 -37.31 10.48 21.41
N ALA C 120 -37.78 11.21 22.43
CA ALA C 120 -39.15 11.12 22.95
C ALA C 120 -40.14 11.55 21.87
N ALA C 121 -39.82 12.62 21.13
CA ALA C 121 -40.66 13.19 20.05
C ALA C 121 -40.82 12.17 18.92
N ALA C 122 -39.71 11.56 18.48
CA ALA C 122 -39.68 10.59 17.36
C ALA C 122 -40.65 9.44 17.67
N ARG C 123 -40.54 8.97 18.90
CA ARG C 123 -41.32 7.85 19.45
C ARG C 123 -42.79 8.24 19.54
N ALA C 124 -43.09 9.37 20.18
CA ALA C 124 -44.47 9.93 20.29
C ALA C 124 -45.09 9.99 18.89
N SER C 125 -44.31 10.33 17.86
CA SER C 125 -44.78 10.29 16.45
C SER C 125 -44.68 8.84 15.99
N ASP C 126 -45.49 8.43 15.03
CA ASP C 126 -45.40 7.08 14.41
CA ASP C 126 -45.32 7.07 14.45
C ASP C 126 -44.72 7.24 13.05
N ARG C 127 -43.67 8.08 12.99
CA ARG C 127 -42.90 8.38 11.76
C ARG C 127 -41.51 7.75 11.89
N ARG C 128 -40.89 7.45 10.77
CA ARG C 128 -39.55 6.83 10.72
C ARG C 128 -38.50 7.94 10.87
N THR C 129 -37.40 7.63 11.54
CA THR C 129 -36.22 8.52 11.64
C THR C 129 -34.99 7.72 11.23
N ILE C 130 -34.02 8.42 10.65
CA ILE C 130 -32.66 7.86 10.43
C ILE C 130 -31.67 9.02 10.59
N ILE C 131 -30.50 8.72 11.13
CA ILE C 131 -29.42 9.74 11.31
C ILE C 131 -28.31 9.44 10.30
N GLY C 132 -27.67 10.49 9.79
CA GLY C 132 -26.75 10.45 8.63
C GLY C 132 -25.39 9.82 8.91
N TYR C 133 -25.36 8.64 9.53
CA TYR C 133 -24.10 7.89 9.80
C TYR C 133 -23.71 7.10 8.55
N ASN C 134 -23.27 7.83 7.54
CA ASN C 134 -23.16 7.34 6.16
C ASN C 134 -21.97 6.37 6.02
N TYR C 135 -21.03 6.30 6.97
CA TYR C 135 -19.89 5.35 6.86
C TYR C 135 -20.36 3.93 7.19
N THR C 136 -21.57 3.74 7.70
CA THR C 136 -22.14 2.38 7.88
C THR C 136 -22.77 1.86 6.60
N ARG C 137 -22.70 2.61 5.48
CA ARG C 137 -23.45 2.28 4.24
C ARG C 137 -22.54 1.75 3.14
N SER C 138 -21.22 1.79 3.31
CA SER C 138 -20.30 1.32 2.23
C SER C 138 -20.48 -0.18 2.05
N PRO C 139 -20.37 -0.70 0.81
CA PRO C 139 -20.41 -2.16 0.62
C PRO C 139 -19.35 -2.89 1.48
N ALA C 140 -18.17 -2.30 1.62
CA ALA C 140 -17.06 -2.94 2.39
C ALA C 140 -17.48 -3.08 3.86
N PHE C 141 -18.02 -2.03 4.44
CA PHE C 141 -18.42 -2.05 5.87
C PHE C 141 -19.53 -3.10 6.05
N ARG C 142 -20.54 -3.06 5.19
CA ARG C 142 -21.70 -3.97 5.29
C ARG C 142 -21.23 -5.41 5.09
N ALA C 143 -20.27 -5.63 4.19
CA ALA C 143 -19.66 -6.96 3.95
C ALA C 143 -18.95 -7.42 5.24
N ALA C 144 -18.26 -6.52 5.93
CA ALA C 144 -17.50 -6.88 7.15
C ALA C 144 -18.48 -7.30 8.25
N VAL C 145 -19.58 -6.57 8.43
CA VAL C 145 -20.59 -6.91 9.45
C VAL C 145 -21.11 -8.31 9.17
N ASP C 146 -21.42 -8.61 7.90
CA ASP C 146 -21.93 -9.94 7.51
C ASP C 146 -20.87 -11.01 7.77
N LEU C 147 -19.61 -10.75 7.43
CA LEU C 147 -18.52 -11.73 7.66
C LEU C 147 -18.41 -12.03 9.16
N ILE C 148 -18.53 -11.03 10.01
CA ILE C 148 -18.44 -11.23 11.49
C ILE C 148 -19.61 -12.12 11.91
N ALA C 149 -20.83 -11.84 11.45
CA ALA C 149 -22.05 -12.58 11.86
C ALA C 149 -21.94 -14.03 11.40
N GLU C 150 -21.29 -14.28 10.26
CA GLU C 150 -21.12 -15.62 9.66
C GLU C 150 -20.02 -16.41 10.37
N GLY C 151 -19.25 -15.78 11.27
CA GLY C 151 -18.14 -16.42 12.00
C GLY C 151 -16.83 -16.45 11.22
N ALA C 152 -16.65 -15.59 10.22
CA ALA C 152 -15.43 -15.57 9.37
C ALA C 152 -14.17 -15.25 10.20
N ILE C 153 -14.30 -14.52 11.30
CA ILE C 153 -13.09 -14.22 12.13
C ILE C 153 -13.32 -14.75 13.55
N GLY C 154 -14.27 -15.67 13.74
CA GLY C 154 -14.57 -16.20 15.07
C GLY C 154 -15.09 -15.12 15.98
N ARG C 155 -14.75 -15.18 17.27
CA ARG C 155 -15.28 -14.22 18.27
C ARG C 155 -14.37 -13.00 18.30
N PRO C 156 -14.91 -11.76 18.15
CA PRO C 156 -14.10 -10.57 18.34
C PRO C 156 -13.43 -10.56 19.73
N ILE C 157 -12.13 -10.28 19.76
CA ILE C 157 -11.32 -10.18 21.01
C ILE C 157 -10.77 -8.76 21.17
N HIS C 158 -10.76 -7.96 20.10
CA HIS C 158 -10.28 -6.57 20.22
C HIS C 158 -10.80 -5.73 19.07
N PHE C 159 -11.11 -4.47 19.37
CA PHE C 159 -11.47 -3.45 18.38
C PHE C 159 -10.46 -2.31 18.49
N ARG C 160 -9.93 -1.84 17.37
CA ARG C 160 -9.12 -0.60 17.37
C ARG C 160 -9.63 0.30 16.24
N GLY C 161 -10.05 1.51 16.60
CA GLY C 161 -10.62 2.45 15.65
C GLY C 161 -10.08 3.86 15.85
N MET C 162 -9.99 4.59 14.76
CA MET C 162 -9.54 5.99 14.76
C MET C 162 -10.35 6.74 13.71
N TYR C 163 -10.44 8.04 13.86
CA TYR C 163 -11.01 8.91 12.81
C TYR C 163 -10.22 10.22 12.84
N ASP C 164 -9.20 10.27 11.98
CA ASP C 164 -8.29 11.42 11.89
C ASP C 164 -8.65 12.25 10.67
N GLU C 165 -8.77 13.56 10.88
CA GLU C 165 -8.81 14.56 9.79
C GLU C 165 -7.97 15.77 10.21
N ASP C 166 -7.66 16.66 9.28
CA ASP C 166 -6.78 17.81 9.59
C ASP C 166 -7.44 19.14 9.24
N TYR C 167 -8.77 19.20 9.16
CA TYR C 167 -9.47 20.44 8.71
C TYR C 167 -9.28 21.58 9.72
N MET C 168 -8.85 21.31 10.96
CA MET C 168 -8.50 22.38 11.93
C MET C 168 -7.01 22.31 12.33
N ALA C 169 -6.17 21.57 11.62
CA ALA C 169 -4.79 21.32 12.08
C ALA C 169 -3.95 22.60 12.03
N ASP C 170 -4.17 23.46 11.03
CA ASP C 170 -3.36 24.68 10.81
C ASP C 170 -3.69 25.70 11.90
N PRO C 171 -2.71 26.11 12.74
CA PRO C 171 -2.97 27.13 13.76
C PRO C 171 -3.51 28.44 13.17
N ASP C 172 -3.21 28.71 11.91
CA ASP C 172 -3.64 29.95 11.20
C ASP C 172 -5.16 29.96 10.99
N LEU C 173 -5.82 28.79 10.98
CA LEU C 173 -7.27 28.73 10.67
C LEU C 173 -8.05 29.52 11.73
N PRO C 174 -8.95 30.40 11.27
CA PRO C 174 -9.68 31.30 12.15
C PRO C 174 -10.57 30.58 13.16
N TRP C 175 -10.83 31.26 14.27
CA TRP C 175 -11.83 30.89 15.29
C TRP C 175 -13.22 30.92 14.68
N SER C 176 -14.13 30.14 15.23
CA SER C 176 -15.57 30.16 14.88
C SER C 176 -16.38 29.77 16.11
N TRP C 177 -17.69 30.07 16.07
CA TRP C 177 -18.65 29.76 17.16
C TRP C 177 -18.72 28.25 17.40
N ALA C 178 -18.36 27.44 16.40
CA ALA C 178 -18.32 25.97 16.52
C ALA C 178 -17.27 25.53 17.55
N LEU C 179 -16.32 26.41 17.90
CA LEU C 179 -15.24 26.11 18.88
C LEU C 179 -15.63 26.50 20.30
N THR C 180 -16.86 26.97 20.54
CA THR C 180 -17.39 27.22 21.90
C THR C 180 -18.23 26.02 22.35
N ARG C 181 -18.26 25.76 23.65
CA ARG C 181 -19.08 24.68 24.26
C ARG C 181 -20.56 25.02 24.07
N LYS C 182 -20.95 26.27 24.32
CA LYS C 182 -22.39 26.67 24.31
C LYS C 182 -22.98 26.53 22.91
N ASP C 183 -22.31 27.05 21.88
CA ASP C 183 -22.88 27.15 20.51
C ASP C 183 -22.31 26.04 19.61
N GLY C 184 -21.14 25.49 19.94
CA GLY C 184 -20.50 24.43 19.13
C GLY C 184 -20.71 23.03 19.67
N GLY C 185 -20.98 22.89 20.97
CA GLY C 185 -21.07 21.58 21.65
C GLY C 185 -19.71 20.93 21.73
N LEU C 186 -19.63 19.63 21.45
CA LEU C 186 -18.34 18.89 21.46
C LEU C 186 -17.50 19.32 20.26
N GLY C 187 -16.21 19.05 20.33
CA GLY C 187 -15.27 19.29 19.23
C GLY C 187 -15.15 18.07 18.34
N ALA C 188 -13.97 17.49 18.28
CA ALA C 188 -13.67 16.29 17.47
C ALA C 188 -14.65 15.16 17.79
N LEU C 189 -15.09 15.01 19.04
CA LEU C 189 -16.02 13.89 19.40
C LEU C 189 -17.35 14.07 18.68
N GLY C 190 -17.81 15.30 18.52
CA GLY C 190 -19.10 15.61 17.86
C GLY C 190 -18.99 15.57 16.35
N ASP C 191 -17.86 16.01 15.77
CA ASP C 191 -17.66 16.06 14.31
C ASP C 191 -17.36 14.65 13.77
N LEU C 192 -16.47 13.94 14.46
CA LEU C 192 -15.87 12.68 13.94
C LEU C 192 -16.17 11.51 14.88
N GLY C 193 -16.04 11.71 16.20
CA GLY C 193 -16.20 10.61 17.18
C GLY C 193 -17.51 9.87 16.99
N CYS C 194 -18.63 10.60 16.80
CA CYS C 194 -19.97 9.96 16.66
C CYS C 194 -19.97 9.00 15.48
N HIS C 195 -19.33 9.36 14.37
CA HIS C 195 -19.18 8.47 13.19
C HIS C 195 -18.45 7.20 13.61
N LEU C 196 -17.32 7.34 14.30
CA LEU C 196 -16.54 6.15 14.70
C LEU C 196 -17.38 5.30 15.66
N VAL C 197 -18.14 5.91 16.56
CA VAL C 197 -19.04 5.10 17.44
C VAL C 197 -20.06 4.34 16.59
N SER C 198 -20.66 4.98 15.59
CA SER C 198 -21.71 4.34 14.73
C SER C 198 -21.14 3.06 14.10
N VAL C 199 -19.90 3.10 13.63
CA VAL C 199 -19.23 1.93 13.01
C VAL C 199 -18.85 0.91 14.08
N MET C 200 -18.25 1.38 15.16
CA MET C 200 -17.72 0.53 16.25
C MET C 200 -18.84 -0.32 16.85
N VAL C 201 -19.98 0.28 17.22
CA VAL C 201 -21.05 -0.51 17.90
C VAL C 201 -21.74 -1.43 16.89
N SER C 202 -21.69 -1.11 15.59
CA SER C 202 -22.26 -1.97 14.52
C SER C 202 -21.39 -3.22 14.39
N LEU C 203 -20.09 -3.09 14.64
CA LEU C 203 -19.14 -4.22 14.53
C LEU C 203 -19.10 -5.04 15.82
N MET C 204 -19.09 -4.38 16.99
CA MET C 204 -18.72 -5.00 18.29
C MET C 204 -19.93 -5.11 19.21
N GLY C 205 -21.04 -4.43 18.89
CA GLY C 205 -22.17 -4.34 19.83
C GLY C 205 -22.01 -3.15 20.76
N PRO C 206 -22.92 -2.99 21.74
CA PRO C 206 -22.95 -1.80 22.58
C PRO C 206 -21.75 -1.60 23.52
N VAL C 207 -21.50 -0.33 23.84
CA VAL C 207 -20.45 0.10 24.79
C VAL C 207 -20.97 0.00 26.23
N ALA C 208 -20.20 -0.64 27.10
CA ALA C 208 -20.52 -0.75 28.54
C ALA C 208 -19.75 0.31 29.34
N ARG C 209 -18.52 0.65 28.96
CA ARG C 209 -17.64 1.52 29.76
C ARG C 209 -16.65 2.22 28.86
N VAL C 210 -16.32 3.47 29.18
CA VAL C 210 -15.19 4.19 28.53
C VAL C 210 -14.30 4.79 29.61
N TYR C 211 -13.02 4.90 29.29
CA TYR C 211 -12.07 5.78 30.00
C TYR C 211 -11.39 6.61 28.94
N ALA C 212 -11.47 7.94 29.04
CA ALA C 212 -11.04 8.80 27.92
C ALA C 212 -10.09 9.90 28.39
N GLN C 213 -9.30 10.38 27.42
CA GLN C 213 -8.48 11.60 27.54
C GLN C 213 -8.84 12.47 26.35
N ALA C 214 -8.69 13.79 26.50
CA ALA C 214 -8.96 14.73 25.39
C ALA C 214 -8.02 15.91 25.55
N ASP C 215 -7.76 16.61 24.47
CA ASP C 215 -6.88 17.81 24.51
C ASP C 215 -7.39 18.84 23.54
N THR C 216 -7.25 20.11 23.93
CA THR C 216 -7.28 21.26 22.99
C THR C 216 -5.81 21.64 22.78
N VAL C 217 -5.25 21.36 21.62
CA VAL C 217 -3.78 21.47 21.40
C VAL C 217 -3.44 22.84 20.83
N ILE C 218 -4.39 23.48 20.15
CA ILE C 218 -4.29 24.89 19.68
C ILE C 218 -5.38 25.65 20.42
N THR C 219 -4.99 26.41 21.43
CA THR C 219 -5.91 26.90 22.49
C THR C 219 -6.55 28.23 22.10
N ASP C 220 -5.98 28.95 21.14
CA ASP C 220 -6.51 30.26 20.69
C ASP C 220 -6.34 30.35 19.18
N ARG C 221 -7.24 31.08 18.51
CA ARG C 221 -7.22 31.22 17.05
C ARG C 221 -7.52 32.66 16.67
N PRO C 222 -7.04 33.11 15.49
CA PRO C 222 -7.30 34.45 14.99
C PRO C 222 -8.81 34.75 14.99
N HIS C 223 -9.17 35.93 15.46
CA HIS C 223 -10.57 36.39 15.55
C HIS C 223 -10.63 37.92 15.56
N GLN C 224 -11.15 38.50 14.48
CA GLN C 224 -11.42 39.96 14.38
C GLN C 224 -10.13 40.75 14.63
N GLY C 225 -8.99 40.25 14.17
CA GLY C 225 -7.67 40.92 14.33
C GLY C 225 -7.06 40.68 15.70
N GLY C 226 -7.79 40.03 16.61
CA GLY C 226 -7.27 39.56 17.91
C GLY C 226 -7.25 38.04 17.93
N THR C 227 -7.45 37.45 19.10
CA THR C 227 -7.61 35.97 19.24
C THR C 227 -8.80 35.67 20.13
N ALA C 228 -9.34 34.45 20.00
CA ALA C 228 -10.43 33.95 20.85
C ALA C 228 -10.11 32.51 21.25
N ARG C 229 -10.60 32.09 22.41
CA ARG C 229 -10.21 30.81 23.05
C ARG C 229 -10.99 29.67 22.38
N VAL C 230 -10.29 28.59 22.06
CA VAL C 230 -10.89 27.30 21.60
C VAL C 230 -11.30 26.53 22.85
N GLU C 231 -12.59 26.22 22.99
CA GLU C 231 -13.16 25.71 24.26
C GLU C 231 -13.36 24.20 24.19
N ASN C 232 -13.49 23.62 23.00
CA ASN C 232 -13.80 22.17 22.92
C ASN C 232 -12.59 21.41 22.35
N GLU C 233 -12.66 20.08 22.35
CA GLU C 233 -11.46 19.23 22.17
C GLU C 233 -11.07 19.14 20.69
N ASP C 234 -9.77 19.20 20.43
CA ASP C 234 -9.18 18.97 19.09
C ASP C 234 -9.04 17.48 18.84
N GLN C 235 -8.84 16.69 19.89
CA GLN C 235 -8.60 15.24 19.76
C GLN C 235 -9.05 14.57 21.04
N ALA C 236 -9.40 13.29 20.95
CA ALA C 236 -9.79 12.50 22.13
C ALA C 236 -9.46 11.04 21.88
N GLN C 237 -9.10 10.33 22.93
CA GLN C 237 -8.83 8.86 22.86
C GLN C 237 -9.53 8.19 24.03
N ALA C 238 -9.96 6.94 23.85
CA ALA C 238 -10.64 6.22 24.93
C ALA C 238 -10.31 4.74 24.87
N LEU C 239 -10.21 4.11 26.04
CA LEU C 239 -10.29 2.63 26.14
C LEU C 239 -11.74 2.24 26.35
N ILE C 240 -12.17 1.16 25.72
CA ILE C 240 -13.59 0.72 25.66
C ILE C 240 -13.69 -0.66 26.30
N ARG C 241 -14.76 -0.88 27.04
CA ARG C 241 -15.26 -2.24 27.31
C ARG C 241 -16.65 -2.31 26.70
N PHE C 242 -16.88 -3.29 25.83
CA PHE C 242 -18.21 -3.58 25.26
C PHE C 242 -19.03 -4.38 26.27
N ALA C 243 -20.35 -4.40 26.09
CA ALA C 243 -21.28 -5.22 26.90
C ALA C 243 -20.85 -6.70 26.82
N SER C 244 -20.24 -7.10 25.70
CA SER C 244 -19.68 -8.46 25.49
C SER C 244 -18.53 -8.75 26.45
N GLY C 245 -17.91 -7.72 27.03
CA GLY C 245 -16.69 -7.84 27.86
C GLY C 245 -15.43 -7.52 27.07
N THR C 246 -15.56 -7.41 25.74
CA THR C 246 -14.41 -7.27 24.82
C THR C 246 -13.84 -5.87 24.95
N SER C 247 -12.53 -5.76 24.70
CA SER C 247 -11.77 -4.49 24.81
C SER C 247 -11.86 -3.72 23.49
N GLY C 248 -11.66 -2.42 23.58
CA GLY C 248 -11.54 -1.58 22.38
C GLY C 248 -10.61 -0.42 22.62
N GLU C 249 -10.05 0.10 21.52
CA GLU C 249 -9.33 1.39 21.49
C GLU C 249 -10.07 2.29 20.52
N PHE C 250 -10.12 3.58 20.83
CA PHE C 250 -10.94 4.56 20.11
C PHE C 250 -10.21 5.90 20.12
N SER C 251 -10.20 6.59 18.99
CA SER C 251 -9.67 7.97 18.94
C SER C 251 -10.37 8.76 17.84
N CYS C 252 -10.35 10.08 17.96
CA CYS C 252 -10.72 10.97 16.85
C CYS C 252 -9.86 12.23 16.96
N SER C 253 -9.68 12.91 15.85
CA SER C 253 -8.89 14.16 15.84
C SER C 253 -9.28 15.02 14.64
N ARG C 254 -9.42 16.33 14.87
CA ARG C 254 -9.61 17.33 13.78
C ARG C 254 -8.28 18.05 13.51
N VAL C 255 -7.18 17.61 14.10
CA VAL C 255 -5.87 18.32 14.00
C VAL C 255 -4.77 17.37 13.54
N ALA C 256 -5.11 16.23 12.94
CA ALA C 256 -4.14 15.16 12.60
C ALA C 256 -3.61 15.39 11.19
N ARG C 257 -2.46 16.05 11.08
CA ARG C 257 -1.90 16.57 9.81
C ARG C 257 -1.75 15.44 8.77
N GLY C 258 -2.30 15.67 7.57
CA GLY C 258 -2.13 14.80 6.40
C GLY C 258 -3.32 13.88 6.19
N TYR C 259 -4.16 13.74 7.21
CA TYR C 259 -5.38 12.87 7.15
C TYR C 259 -6.57 13.71 6.71
N ARG C 260 -7.41 13.15 5.84
CA ARG C 260 -8.53 13.89 5.22
C ARG C 260 -9.86 13.22 5.58
N CYS C 261 -9.90 11.90 5.64
CA CYS C 261 -11.15 11.17 6.00
C CYS C 261 -10.75 9.81 6.55
N ARG C 262 -9.79 9.80 7.48
CA ARG C 262 -9.12 8.55 7.92
C ARG C 262 -9.94 7.94 9.06
N LEU C 263 -11.16 7.51 8.75
CA LEU C 263 -11.96 6.61 9.61
C LEU C 263 -11.45 5.20 9.34
N ALA C 264 -10.65 4.67 10.25
CA ALA C 264 -9.97 3.38 10.06
C ALA C 264 -10.24 2.50 11.26
N TRP C 265 -10.54 1.24 11.05
CA TRP C 265 -10.88 0.36 12.18
C TRP C 265 -10.40 -1.04 11.88
N GLU C 266 -10.26 -1.83 12.92
CA GLU C 266 -10.02 -3.26 12.70
C GLU C 266 -10.65 -4.04 13.85
N VAL C 267 -11.11 -5.22 13.51
CA VAL C 267 -11.70 -6.18 14.47
C VAL C 267 -10.79 -7.41 14.46
N GLN C 268 -10.15 -7.66 15.59
CA GLN C 268 -9.31 -8.87 15.79
C GLN C 268 -10.19 -9.91 16.46
N GLY C 269 -10.25 -11.10 15.87
CA GLY C 269 -11.08 -12.21 16.37
C GLY C 269 -10.24 -13.40 16.73
N THR C 270 -10.87 -14.41 17.30
CA THR C 270 -10.19 -15.67 17.67
C THR C 270 -9.76 -16.42 16.41
N GLU C 271 -10.37 -16.16 15.25
CA GLU C 271 -10.07 -16.95 14.01
CA GLU C 271 -10.11 -16.95 14.01
C GLU C 271 -9.76 -16.06 12.81
N GLY C 272 -9.48 -14.77 13.02
CA GLY C 272 -9.09 -13.92 11.89
C GLY C 272 -9.14 -12.47 12.27
N THR C 273 -8.90 -11.59 11.31
CA THR C 273 -8.85 -10.13 11.52
C THR C 273 -9.49 -9.45 10.32
N LEU C 274 -10.27 -8.40 10.57
CA LEU C 274 -10.81 -7.52 9.50
C LEU C 274 -10.25 -6.11 9.72
N ARG C 275 -9.81 -5.46 8.65
CA ARG C 275 -9.22 -4.11 8.75
C ARG C 275 -9.71 -3.27 7.58
N PHE C 276 -9.97 -1.99 7.85
CA PHE C 276 -10.60 -1.07 6.88
C PHE C 276 -10.08 0.35 7.11
N ASP C 277 -9.92 1.11 6.02
CA ASP C 277 -9.57 2.55 6.06
C ASP C 277 -10.44 3.28 5.04
N GLN C 278 -11.31 4.18 5.51
CA GLN C 278 -12.26 4.94 4.65
C GLN C 278 -11.53 5.73 3.55
N GLU C 279 -10.25 6.07 3.72
CA GLU C 279 -9.53 6.79 2.63
C GLU C 279 -9.33 5.86 1.43
N ARG C 280 -9.42 4.55 1.64
CA ARG C 280 -9.46 3.51 0.57
C ARG C 280 -10.72 2.68 0.79
N MET C 281 -11.88 3.31 0.61
CA MET C 281 -13.16 2.74 1.08
C MET C 281 -13.58 1.53 0.26
N ASN C 282 -12.86 1.20 -0.83
CA ASN C 282 -13.19 0.02 -1.67
C ASN C 282 -12.34 -1.19 -1.29
N GLU C 283 -11.58 -1.13 -0.20
CA GLU C 283 -10.73 -2.28 0.21
C GLU C 283 -11.12 -2.74 1.61
N LEU C 284 -11.31 -4.04 1.75
CA LEU C 284 -11.53 -4.69 3.05
C LEU C 284 -10.43 -5.76 3.20
N TRP C 285 -9.68 -5.71 4.28
CA TRP C 285 -8.54 -6.64 4.50
C TRP C 285 -9.00 -7.75 5.42
N LEU C 286 -8.90 -8.99 4.98
CA LEU C 286 -9.38 -10.13 5.78
C LEU C 286 -8.23 -11.12 5.95
N TYR C 287 -7.86 -11.41 7.19
CA TYR C 287 -6.94 -12.51 7.50
C TYR C 287 -7.74 -13.67 8.07
N GLN C 288 -7.55 -14.87 7.51
CA GLN C 288 -7.97 -16.15 8.10
C GLN C 288 -6.78 -17.07 7.98
N PRO C 289 -6.52 -17.96 8.96
CA PRO C 289 -5.39 -18.88 8.88
C PRO C 289 -5.45 -19.68 7.59
N GLY C 290 -4.30 -19.86 6.97
CA GLY C 290 -4.16 -20.62 5.72
C GLY C 290 -2.90 -21.45 5.81
N ARG C 291 -2.66 -22.28 4.82
CA ARG C 291 -1.44 -23.09 4.92
C ARG C 291 -0.24 -22.16 4.72
N PRO C 292 0.88 -22.47 5.39
CA PRO C 292 2.02 -21.55 5.53
C PRO C 292 2.55 -20.94 4.23
N GLU C 293 2.52 -21.71 3.14
CA GLU C 293 3.09 -21.27 1.85
C GLU C 293 2.29 -20.10 1.27
N ILE C 294 1.01 -19.96 1.61
CA ILE C 294 0.15 -18.91 0.98
C ILE C 294 -0.50 -18.02 2.04
N ASP C 295 -0.10 -18.15 3.29
CA ASP C 295 -0.77 -17.51 4.44
C ASP C 295 -0.62 -15.99 4.35
N GLY C 296 -1.71 -15.24 4.51
CA GLY C 296 -1.63 -13.78 4.56
C GLY C 296 -2.97 -13.13 4.44
N PHE C 297 -3.02 -11.83 4.72
CA PHE C 297 -4.24 -11.02 4.53
C PHE C 297 -4.66 -11.03 3.06
N ARG C 298 -5.98 -11.03 2.84
CA ARG C 298 -6.61 -10.88 1.51
C ARG C 298 -7.05 -9.43 1.35
N ARG C 299 -6.74 -8.82 0.21
CA ARG C 299 -7.32 -7.52 -0.20
C ARG C 299 -8.63 -7.81 -0.92
N ILE C 300 -9.76 -7.62 -0.26
CA ILE C 300 -11.08 -7.79 -0.91
C ILE C 300 -11.44 -6.45 -1.55
N LEU C 301 -11.48 -6.41 -2.88
CA LEU C 301 -11.84 -5.19 -3.62
C LEU C 301 -13.35 -5.18 -3.81
N THR C 302 -13.99 -4.06 -3.47
CA THR C 302 -15.46 -3.88 -3.51
C THR C 302 -15.97 -4.20 -4.91
N GLY C 303 -17.05 -4.97 -4.95
CA GLY C 303 -17.73 -5.39 -6.17
C GLY C 303 -19.11 -5.95 -5.82
N PRO C 304 -19.79 -6.53 -6.82
CA PRO C 304 -21.19 -6.91 -6.66
C PRO C 304 -21.49 -8.01 -5.63
N ALA C 305 -20.48 -8.69 -5.10
CA ALA C 305 -20.67 -9.66 -3.99
C ALA C 305 -21.00 -8.94 -2.69
N GLN C 306 -20.72 -7.62 -2.59
CA GLN C 306 -20.90 -6.86 -1.33
C GLN C 306 -22.24 -6.14 -1.34
N PRO C 307 -22.88 -5.98 -0.16
CA PRO C 307 -24.20 -5.36 -0.10
C PRO C 307 -24.23 -3.97 -0.73
N GLY C 308 -25.25 -3.73 -1.55
CA GLY C 308 -25.53 -2.42 -2.16
C GLY C 308 -24.83 -2.22 -3.50
N PHE C 309 -23.65 -2.81 -3.73
CA PHE C 309 -22.79 -2.41 -4.86
C PHE C 309 -23.49 -2.66 -6.20
N ALA C 310 -24.16 -3.80 -6.37
CA ALA C 310 -24.75 -4.21 -7.67
C ALA C 310 -25.83 -3.20 -8.12
N ALA C 311 -26.42 -2.42 -7.21
CA ALA C 311 -27.40 -1.37 -7.57
C ALA C 311 -26.72 -0.23 -8.32
N PHE C 312 -25.39 -0.09 -8.19
CA PHE C 312 -24.63 1.02 -8.80
C PHE C 312 -23.79 0.58 -9.98
N CYS C 313 -23.38 -0.69 -10.04
CA CYS C 313 -22.42 -1.16 -11.06
C CYS C 313 -22.41 -2.68 -11.08
N PRO C 314 -22.45 -3.35 -12.25
CA PRO C 314 -22.38 -4.81 -12.31
C PRO C 314 -20.95 -5.37 -12.25
N GLY C 315 -19.93 -4.54 -12.40
CA GLY C 315 -18.54 -4.99 -12.48
C GLY C 315 -17.75 -4.59 -11.24
N GLY C 316 -17.07 -5.55 -10.61
CA GLY C 316 -16.23 -5.26 -9.44
C GLY C 316 -15.09 -4.32 -9.78
N GLY C 317 -14.54 -3.63 -8.78
CA GLY C 317 -13.34 -2.80 -8.95
C GLY C 317 -13.61 -1.44 -9.55
N HIS C 318 -14.85 -1.13 -9.93
CA HIS C 318 -15.29 0.24 -10.32
C HIS C 318 -15.65 0.97 -9.02
N ASN C 319 -14.73 1.78 -8.51
CA ASN C 319 -14.77 2.26 -7.11
C ASN C 319 -16.12 2.91 -6.79
N PHE C 320 -16.72 2.44 -5.71
CA PHE C 320 -17.90 3.04 -5.04
C PHE C 320 -17.45 4.32 -4.33
N GLY C 321 -18.26 5.37 -4.38
CA GLY C 321 -17.88 6.69 -3.86
C GLY C 321 -18.56 7.04 -2.56
N PHE C 322 -18.00 8.03 -1.89
CA PHE C 322 -18.56 8.60 -0.64
C PHE C 322 -20.03 8.98 -0.86
N ASN C 323 -20.33 9.67 -1.96
CA ASN C 323 -21.70 10.20 -2.18
C ASN C 323 -22.69 9.03 -2.34
N GLU C 324 -22.25 7.90 -2.89
CA GLU C 324 -23.13 6.73 -3.11
C GLU C 324 -23.53 6.09 -1.78
N GLN C 325 -22.73 6.26 -0.72
CA GLN C 325 -23.15 5.86 0.65
C GLN C 325 -24.50 6.50 0.97
N LYS C 326 -24.68 7.75 0.57
CA LYS C 326 -25.90 8.52 0.89
C LYS C 326 -27.08 8.01 0.06
N VAL C 327 -26.85 7.50 -1.15
CA VAL C 327 -27.92 6.87 -1.97
C VAL C 327 -28.39 5.60 -1.25
N VAL C 328 -27.46 4.82 -0.72
CA VAL C 328 -27.81 3.61 0.08
C VAL C 328 -28.63 4.04 1.31
N GLU C 329 -28.21 5.10 1.99
CA GLU C 329 -28.89 5.60 3.21
C GLU C 329 -30.32 6.01 2.84
N ALA C 330 -30.49 6.72 1.74
CA ALA C 330 -31.83 7.15 1.26
C ALA C 330 -32.71 5.92 1.04
N GLU C 331 -32.16 4.90 0.40
CA GLU C 331 -32.91 3.65 0.08
C GLU C 331 -33.34 2.98 1.38
N MET C 332 -32.46 2.94 2.39
CA MET C 332 -32.82 2.28 3.67
C MET C 332 -33.99 3.03 4.30
N LEU C 333 -34.00 4.36 4.23
CA LEU C 333 -35.11 5.18 4.80
C LEU C 333 -36.38 4.94 3.98
N ARG C 334 -36.26 4.94 2.65
CA ARG C 334 -37.40 4.64 1.73
C ARG C 334 -38.05 3.33 2.13
N GLN C 335 -37.25 2.28 2.28
CA GLN C 335 -37.77 0.92 2.57
C GLN C 335 -38.40 0.91 3.97
N ALA C 336 -37.81 1.60 4.95
CA ALA C 336 -38.36 1.68 6.33
C ALA C 336 -39.73 2.39 6.29
N ILE C 337 -39.86 3.46 5.52
CA ILE C 337 -41.14 4.20 5.35
C ILE C 337 -42.18 3.25 4.73
N ALA C 338 -41.77 2.38 3.79
CA ALA C 338 -42.65 1.40 3.12
C ALA C 338 -42.94 0.17 4.01
N GLY C 339 -42.30 0.09 5.19
CA GLY C 339 -42.48 -1.01 6.15
C GLY C 339 -41.80 -2.30 5.72
N ARG C 340 -40.68 -2.21 4.99
CA ARG C 340 -39.99 -3.39 4.39
C ARG C 340 -38.52 -3.44 4.81
N GLY C 341 -38.23 -2.93 5.99
CA GLY C 341 -36.87 -2.90 6.57
C GLY C 341 -36.85 -1.88 7.70
N LYS C 342 -35.99 -2.08 8.69
CA LYS C 342 -35.80 -1.09 9.78
C LYS C 342 -34.60 -0.24 9.38
N ALA C 343 -34.70 1.08 9.55
CA ALA C 343 -33.58 2.01 9.28
C ALA C 343 -32.76 2.12 10.57
N TRP C 344 -31.44 2.07 10.44
CA TRP C 344 -30.51 2.22 11.58
C TRP C 344 -29.52 3.35 11.26
N PRO C 345 -29.20 4.24 12.22
CA PRO C 345 -29.85 4.29 13.51
C PRO C 345 -31.04 5.26 13.51
N ASP C 346 -32.14 4.88 14.15
CA ASP C 346 -33.27 5.82 14.43
C ASP C 346 -32.88 6.71 15.60
N PHE C 347 -33.77 7.57 16.08
CA PHE C 347 -33.44 8.53 17.16
C PHE C 347 -33.14 7.79 18.48
N THR C 348 -33.71 6.60 18.71
CA THR C 348 -33.45 5.79 19.93
C THR C 348 -32.01 5.27 19.88
N ASP C 349 -31.64 4.64 18.77
CA ASP C 349 -30.27 4.11 18.61
CA ASP C 349 -30.27 4.12 18.51
C ASP C 349 -29.28 5.29 18.55
N GLY C 350 -29.68 6.43 17.99
CA GLY C 350 -28.86 7.65 17.91
C GLY C 350 -28.58 8.24 19.27
N LEU C 351 -29.58 8.23 20.16
CA LEU C 351 -29.40 8.76 21.53
C LEU C 351 -28.31 7.96 22.25
N THR C 352 -28.25 6.65 22.05
CA THR C 352 -27.19 5.81 22.67
C THR C 352 -25.82 6.33 22.21
N ILE C 353 -25.68 6.63 20.93
CA ILE C 353 -24.39 7.15 20.37
C ILE C 353 -24.08 8.50 21.04
N GLU C 354 -25.08 9.37 21.20
CA GLU C 354 -24.88 10.69 21.85
C GLU C 354 -24.36 10.47 23.27
N ARG C 355 -24.96 9.51 23.99
CA ARG C 355 -24.55 9.23 25.38
C ARG C 355 -23.10 8.75 25.40
N VAL C 356 -22.68 7.94 24.43
CA VAL C 356 -21.29 7.42 24.41
C VAL C 356 -20.32 8.59 24.20
N ILE C 357 -20.50 9.43 23.17
CA ILE C 357 -19.50 10.51 22.89
C ILE C 357 -19.51 11.51 24.06
N HIS C 358 -20.67 11.81 24.63
CA HIS C 358 -20.77 12.75 25.77
C HIS C 358 -20.16 12.12 27.03
N GLY C 359 -20.29 10.79 27.18
CA GLY C 359 -19.62 10.04 28.27
C GLY C 359 -18.12 10.11 28.13
N MET C 360 -17.61 10.00 26.91
CA MET C 360 -16.15 10.14 26.66
C MET C 360 -15.70 11.55 27.09
N ALA C 361 -16.44 12.57 26.69
CA ALA C 361 -16.11 13.98 27.02
C ALA C 361 -16.08 14.15 28.54
N THR C 362 -17.08 13.61 29.24
CA THR C 362 -17.16 13.65 30.73
C THR C 362 -15.99 12.90 31.36
N SER C 363 -15.70 11.70 30.88
CA SER C 363 -14.57 10.88 31.39
C SER C 363 -13.27 11.69 31.27
N ALA C 364 -13.02 12.30 30.11
CA ALA C 364 -11.80 13.10 29.86
C ALA C 364 -11.76 14.27 30.85
N GLN C 365 -12.91 14.86 31.15
CA GLN C 365 -13.00 16.07 32.02
CA GLN C 365 -13.05 16.06 32.03
C GLN C 365 -12.76 15.70 33.49
N THR C 366 -13.31 14.57 33.96
CA THR C 366 -13.30 14.16 35.39
C THR C 366 -12.12 13.24 35.69
N GLY C 367 -11.48 12.64 34.68
CA GLY C 367 -10.36 11.70 34.87
C GLY C 367 -10.83 10.38 35.44
N GLN C 368 -12.11 10.06 35.25
CA GLN C 368 -12.73 8.82 35.80
C GLN C 368 -13.43 8.06 34.66
N PRO C 369 -13.50 6.72 34.75
CA PRO C 369 -14.28 5.95 33.80
C PRO C 369 -15.75 6.36 33.88
N VAL C 370 -16.48 6.16 32.79
CA VAL C 370 -17.96 6.35 32.73
C VAL C 370 -18.58 5.02 32.30
N ASN C 371 -19.55 4.54 33.06
CA ASN C 371 -20.32 3.30 32.77
C ASN C 371 -21.65 3.68 32.10
N PHE C 372 -22.12 2.85 31.16
CA PHE C 372 -23.40 3.08 30.44
C PHE C 372 -24.46 2.03 30.78
N LEU C 373 -24.08 0.92 31.43
CA LEU C 373 -25.05 -0.18 31.72
C LEU C 373 -25.17 -0.37 33.24
N LYS D 6 -34.69 26.35 -21.70
CA LYS D 6 -33.38 25.97 -22.33
C LYS D 6 -32.73 24.78 -21.61
N ALA D 7 -33.50 23.98 -20.88
CA ALA D 7 -33.00 22.68 -20.36
C ALA D 7 -32.72 21.80 -21.58
N LEU D 8 -31.63 21.04 -21.53
CA LEU D 8 -31.24 20.10 -22.59
C LEU D 8 -32.20 18.91 -22.56
N GLY D 9 -32.79 18.55 -23.70
CA GLY D 9 -33.63 17.34 -23.85
C GLY D 9 -32.77 16.13 -24.11
N VAL D 10 -32.89 15.11 -23.26
CA VAL D 10 -32.00 13.91 -23.32
C VAL D 10 -32.79 12.68 -23.80
N ALA D 11 -32.18 11.93 -24.71
CA ALA D 11 -32.59 10.56 -25.06
C ALA D 11 -31.46 9.63 -24.63
N LEU D 12 -31.82 8.44 -24.16
CA LEU D 12 -30.84 7.40 -23.77
C LEU D 12 -31.21 6.11 -24.50
N ILE D 13 -30.25 5.49 -25.20
CA ILE D 13 -30.46 4.17 -25.83
C ILE D 13 -29.61 3.16 -25.07
N GLY D 14 -30.25 2.16 -24.48
CA GLY D 14 -29.56 1.11 -23.70
C GLY D 14 -29.61 1.43 -22.22
N THR D 15 -29.67 0.40 -21.38
CA THR D 15 -29.86 0.54 -19.92
C THR D 15 -28.94 -0.39 -19.14
N GLY D 16 -27.92 -0.94 -19.79
CA GLY D 16 -26.98 -1.88 -19.15
C GLY D 16 -25.94 -1.13 -18.32
N PHE D 17 -24.74 -1.71 -18.21
CA PHE D 17 -23.62 -1.13 -17.44
C PHE D 17 -23.54 0.38 -17.76
N MET D 18 -23.34 0.73 -19.03
CA MET D 18 -23.14 2.16 -19.39
C MET D 18 -24.46 2.90 -19.47
N GLY D 19 -25.54 2.28 -19.95
CA GLY D 19 -26.86 2.93 -20.03
C GLY D 19 -27.29 3.49 -18.68
N LYS D 20 -27.22 2.68 -17.64
CA LYS D 20 -27.59 3.10 -16.28
C LYS D 20 -26.59 4.16 -15.77
N CYS D 21 -25.31 4.03 -16.12
CA CYS D 21 -24.27 5.00 -15.73
C CYS D 21 -24.59 6.37 -16.35
N HIS D 22 -24.96 6.41 -17.63
CA HIS D 22 -25.37 7.66 -18.33
C HIS D 22 -26.62 8.23 -17.66
N ALA D 23 -27.60 7.37 -17.37
CA ALA D 23 -28.87 7.77 -16.72
C ALA D 23 -28.55 8.45 -15.38
N MET D 24 -27.66 7.89 -14.56
CA MET D 24 -27.31 8.49 -13.26
C MET D 24 -26.59 9.81 -13.48
N ALA D 25 -25.79 9.93 -14.54
CA ALA D 25 -25.01 11.14 -14.85
C ALA D 25 -25.96 12.27 -15.24
N TRP D 26 -26.84 12.02 -16.20
CA TRP D 26 -27.80 13.03 -16.69
C TRP D 26 -28.69 13.49 -15.53
N ARG D 27 -29.02 12.59 -14.61
CA ARG D 27 -29.94 12.91 -13.49
C ARG D 27 -29.30 13.92 -12.54
N ASN D 28 -27.98 13.87 -12.32
CA ASN D 28 -27.35 14.73 -11.28
C ASN D 28 -26.37 15.77 -11.85
N VAL D 29 -26.25 15.92 -13.16
CA VAL D 29 -25.22 16.84 -13.72
C VAL D 29 -25.50 18.28 -13.25
N ALA D 30 -26.74 18.75 -13.20
CA ALA D 30 -27.02 20.13 -12.74
C ALA D 30 -26.95 20.20 -11.21
N THR D 31 -27.23 19.11 -10.51
CA THR D 31 -27.06 19.07 -9.03
C THR D 31 -25.60 19.41 -8.73
N ALA D 32 -24.66 18.77 -9.43
CA ALA D 32 -23.21 18.97 -9.21
C ALA D 32 -22.77 20.34 -9.74
N PHE D 33 -23.13 20.68 -10.98
CA PHE D 33 -22.46 21.78 -11.72
C PHE D 33 -23.35 23.02 -11.88
N GLY D 34 -24.63 22.94 -11.49
CA GLY D 34 -25.54 24.08 -11.57
C GLY D 34 -26.19 24.19 -12.93
N GLY D 35 -26.89 25.30 -13.19
CA GLY D 35 -27.69 25.47 -14.40
C GLY D 35 -28.99 24.69 -14.30
N LEU D 36 -29.62 24.43 -15.45
CA LEU D 36 -30.94 23.78 -15.54
C LEU D 36 -30.74 22.28 -15.63
N PRO D 37 -31.44 21.47 -14.80
CA PRO D 37 -31.42 20.02 -14.96
C PRO D 37 -31.83 19.59 -16.37
N PRO D 38 -31.02 18.79 -17.09
CA PRO D 38 -31.48 18.21 -18.36
C PRO D 38 -32.81 17.48 -18.18
N ARG D 39 -33.69 17.60 -19.16
CA ARG D 39 -34.99 16.89 -19.20
C ARG D 39 -34.75 15.48 -19.76
N LEU D 40 -35.09 14.45 -18.98
CA LEU D 40 -34.95 13.04 -19.38
C LEU D 40 -36.22 12.67 -20.17
N GLU D 41 -36.14 12.71 -21.49
CA GLU D 41 -37.33 12.66 -22.38
C GLU D 41 -37.63 11.22 -22.77
N VAL D 42 -36.68 10.54 -23.42
CA VAL D 42 -36.97 9.22 -24.04
C VAL D 42 -35.87 8.24 -23.67
N LEU D 43 -36.26 7.09 -23.12
CA LEU D 43 -35.38 5.92 -22.89
C LEU D 43 -35.77 4.84 -23.89
N ALA D 44 -34.83 4.36 -24.69
CA ALA D 44 -35.05 3.25 -25.64
C ALA D 44 -34.26 2.03 -25.16
N ASP D 45 -34.93 0.88 -25.17
CA ASP D 45 -34.35 -0.41 -24.75
C ASP D 45 -35.29 -1.52 -25.23
N MET D 46 -34.80 -2.74 -25.32
CA MET D 46 -35.63 -3.91 -25.69
C MET D 46 -35.40 -5.01 -24.65
N PRO D 47 -36.45 -5.75 -24.24
CA PRO D 47 -37.81 -5.54 -24.72
C PRO D 47 -38.56 -4.32 -24.13
N ALA D 48 -39.74 -4.02 -24.70
CA ALA D 48 -40.56 -2.85 -24.36
C ALA D 48 -40.88 -2.83 -22.86
N ASP D 49 -41.21 -3.96 -22.24
CA ASP D 49 -41.61 -3.96 -20.81
C ASP D 49 -40.40 -3.51 -19.96
N LYS D 50 -39.19 -3.85 -20.37
CA LYS D 50 -37.95 -3.39 -19.68
C LYS D 50 -37.76 -1.89 -19.90
N ALA D 51 -37.91 -1.40 -21.13
CA ALA D 51 -37.81 0.06 -21.42
C ALA D 51 -38.83 0.82 -20.56
N HIS D 52 -40.06 0.33 -20.43
CA HIS D 52 -41.12 1.01 -19.64
C HIS D 52 -40.73 1.02 -18.16
N SER D 53 -40.25 -0.12 -17.65
CA SER D 53 -39.94 -0.27 -16.21
C SER D 53 -38.77 0.66 -15.84
N LEU D 54 -37.71 0.64 -16.64
CA LEU D 54 -36.49 1.43 -16.33
C LEU D 54 -36.73 2.90 -16.65
N ALA D 55 -37.57 3.24 -17.64
CA ALA D 55 -37.93 4.65 -17.88
C ALA D 55 -38.55 5.21 -16.59
N SER D 56 -39.42 4.43 -15.96
CA SER D 56 -40.12 4.85 -14.72
C SER D 56 -39.11 5.08 -13.58
N SER D 57 -38.24 4.11 -13.32
CA SER D 57 -37.32 4.18 -12.17
C SER D 57 -36.18 5.17 -12.45
N PHE D 58 -35.75 5.30 -13.71
CA PHE D 58 -34.66 6.25 -14.11
C PHE D 58 -35.20 7.68 -14.21
N GLY D 59 -36.52 7.88 -14.22
CA GLY D 59 -37.14 9.22 -14.28
C GLY D 59 -37.21 9.78 -15.70
N PHE D 60 -37.17 8.92 -16.72
CA PHE D 60 -37.41 9.32 -18.13
C PHE D 60 -38.91 9.47 -18.33
N ALA D 61 -39.32 10.49 -19.10
CA ALA D 61 -40.75 10.82 -19.32
C ALA D 61 -41.43 9.61 -19.98
N ARG D 62 -40.71 8.84 -20.79
CA ARG D 62 -41.25 7.59 -21.37
C ARG D 62 -40.14 6.63 -21.81
N GLY D 63 -40.51 5.36 -21.93
CA GLY D 63 -39.68 4.29 -22.47
C GLY D 63 -40.28 3.79 -23.77
N THR D 64 -39.44 3.31 -24.67
CA THR D 64 -39.85 2.76 -25.97
C THR D 64 -38.88 1.65 -26.37
N ALA D 65 -39.38 0.68 -27.14
CA ALA D 65 -38.55 -0.38 -27.76
C ALA D 65 -37.99 0.11 -29.10
N ASP D 66 -38.31 1.32 -29.52
CA ASP D 66 -37.93 1.86 -30.86
C ASP D 66 -36.81 2.89 -30.67
N TRP D 67 -35.55 2.49 -30.88
CA TRP D 67 -34.40 3.42 -30.72
C TRP D 67 -34.54 4.64 -31.65
N ARG D 68 -35.17 4.50 -32.82
CA ARG D 68 -35.27 5.62 -33.78
C ARG D 68 -36.19 6.71 -33.21
N GLU D 69 -37.10 6.31 -32.34
CA GLU D 69 -37.98 7.28 -31.65
C GLU D 69 -37.12 8.22 -30.80
N ALA D 70 -36.10 7.67 -30.14
CA ALA D 70 -35.25 8.43 -29.20
C ALA D 70 -34.43 9.46 -29.99
N VAL D 71 -33.94 9.12 -31.18
CA VAL D 71 -33.03 10.02 -31.95
C VAL D 71 -33.84 11.07 -32.72
N SER D 72 -35.17 10.88 -32.89
CA SER D 72 -35.95 11.75 -33.80
CA SER D 72 -36.05 11.64 -33.81
C SER D 72 -37.00 12.60 -33.06
N ASP D 73 -37.18 12.40 -31.75
CA ASP D 73 -38.17 13.20 -30.98
C ASP D 73 -37.76 14.67 -31.00
N PRO D 74 -38.66 15.62 -31.36
CA PRO D 74 -38.32 17.04 -31.37
C PRO D 74 -37.88 17.64 -30.02
N ALA D 75 -38.26 17.00 -28.91
CA ALA D 75 -37.96 17.48 -27.54
C ALA D 75 -36.57 16.98 -27.13
N VAL D 76 -35.90 16.19 -27.98
CA VAL D 76 -34.55 15.66 -27.70
C VAL D 76 -33.52 16.54 -28.40
N ASP D 77 -32.47 16.93 -27.67
CA ASP D 77 -31.34 17.72 -28.22
C ASP D 77 -30.09 16.84 -28.29
N VAL D 78 -29.95 15.89 -27.38
CA VAL D 78 -28.70 15.07 -27.26
C VAL D 78 -29.10 13.62 -27.00
N VAL D 79 -28.37 12.69 -27.59
CA VAL D 79 -28.65 11.23 -27.48
C VAL D 79 -27.43 10.55 -26.86
N SER D 80 -27.62 9.88 -25.73
CA SER D 80 -26.66 8.92 -25.14
C SER D 80 -26.86 7.58 -25.85
N ILE D 81 -25.81 7.05 -26.48
CA ILE D 81 -25.88 5.74 -27.21
C ILE D 81 -24.97 4.74 -26.50
N THR D 82 -25.55 3.70 -25.86
CA THR D 82 -24.83 2.73 -24.97
C THR D 82 -25.17 1.29 -25.33
N THR D 83 -25.50 1.06 -26.58
CA THR D 83 -25.85 -0.28 -27.11
C THR D 83 -24.57 -1.00 -27.50
N PRO D 84 -24.68 -2.30 -27.88
CA PRO D 84 -23.51 -3.06 -28.29
C PRO D 84 -22.79 -2.38 -29.45
N ASN D 85 -21.48 -2.62 -29.54
CA ASN D 85 -20.56 -1.97 -30.50
C ASN D 85 -21.15 -2.06 -31.92
N GLY D 86 -21.75 -3.21 -32.28
CA GLY D 86 -22.21 -3.53 -33.66
C GLY D 86 -23.25 -2.55 -34.17
N LEU D 87 -23.88 -1.80 -33.26
CA LEU D 87 -25.01 -0.89 -33.56
C LEU D 87 -24.59 0.58 -33.58
N HIS D 88 -23.39 0.91 -33.10
CA HIS D 88 -22.96 2.32 -32.88
C HIS D 88 -23.05 3.12 -34.18
N ARG D 89 -22.53 2.63 -35.30
CA ARG D 89 -22.47 3.43 -36.54
C ARG D 89 -23.89 3.81 -36.97
N GLU D 90 -24.79 2.83 -37.08
CA GLU D 90 -26.17 3.08 -37.57
C GLU D 90 -26.85 4.13 -36.67
N MET D 91 -26.75 3.95 -35.35
CA MET D 91 -27.51 4.80 -34.39
C MET D 91 -26.88 6.20 -34.33
N ALA D 92 -25.55 6.31 -34.27
CA ALA D 92 -24.87 7.61 -34.21
C ALA D 92 -25.17 8.41 -35.50
N GLU D 93 -25.05 7.80 -36.67
CA GLU D 93 -25.31 8.50 -37.96
C GLU D 93 -26.77 8.98 -38.01
N ALA D 94 -27.71 8.17 -37.53
CA ALA D 94 -29.16 8.52 -37.57
C ALA D 94 -29.39 9.71 -36.64
N ALA D 95 -28.74 9.73 -35.48
CA ALA D 95 -28.88 10.83 -34.49
C ALA D 95 -28.31 12.12 -35.08
N LEU D 96 -27.14 12.05 -35.71
CA LEU D 96 -26.51 13.23 -36.34
C LEU D 96 -27.39 13.71 -37.50
N ALA D 97 -27.91 12.79 -38.30
CA ALA D 97 -28.77 13.11 -39.47
C ALA D 97 -30.07 13.79 -38.98
N ALA D 98 -30.51 13.48 -37.76
CA ALA D 98 -31.74 14.06 -37.15
C ALA D 98 -31.41 15.38 -36.44
N GLY D 99 -30.15 15.83 -36.46
CA GLY D 99 -29.72 17.11 -35.87
C GLY D 99 -29.52 17.04 -34.38
N LYS D 100 -29.15 15.87 -33.84
CA LYS D 100 -28.93 15.71 -32.39
C LYS D 100 -27.44 15.66 -32.09
N HIS D 101 -27.05 16.22 -30.95
CA HIS D 101 -25.70 16.02 -30.38
C HIS D 101 -25.61 14.56 -29.94
N VAL D 102 -24.41 13.99 -29.86
CA VAL D 102 -24.28 12.54 -29.56
C VAL D 102 -23.20 12.32 -28.51
N TRP D 103 -23.56 11.55 -27.50
CA TRP D 103 -22.66 10.98 -26.48
C TRP D 103 -22.56 9.48 -26.77
N LEU D 104 -21.50 9.05 -27.44
CA LEU D 104 -21.40 7.65 -27.93
C LEU D 104 -20.48 6.88 -27.00
N GLU D 105 -20.93 5.74 -26.49
CA GLU D 105 -20.04 4.86 -25.69
C GLU D 105 -18.92 4.34 -26.59
N LYS D 106 -17.74 4.11 -26.02
CA LYS D 106 -16.61 3.50 -26.74
C LYS D 106 -16.89 2.02 -26.96
N PRO D 107 -16.18 1.37 -27.91
CA PRO D 107 -15.44 2.09 -28.95
C PRO D 107 -16.43 2.65 -29.98
N MET D 108 -15.96 3.47 -30.92
CA MET D 108 -16.83 4.13 -31.93
C MET D 108 -17.62 3.08 -32.72
N ALA D 109 -16.94 2.09 -33.28
CA ALA D 109 -17.54 1.04 -34.13
C ALA D 109 -16.62 -0.18 -34.14
N LEU D 110 -16.92 -1.19 -34.94
CA LEU D 110 -16.11 -2.43 -34.99
C LEU D 110 -14.89 -2.27 -35.89
N SER D 111 -14.93 -1.36 -36.87
CA SER D 111 -13.83 -1.18 -37.85
C SER D 111 -13.43 0.28 -37.97
N VAL D 112 -12.21 0.53 -38.45
CA VAL D 112 -11.73 1.88 -38.82
C VAL D 112 -12.66 2.44 -39.91
N GLU D 113 -13.08 1.61 -40.86
CA GLU D 113 -13.94 2.06 -42.00
C GLU D 113 -15.27 2.62 -41.47
N ASP D 114 -15.89 1.96 -40.49
CA ASP D 114 -17.17 2.47 -39.92
C ASP D 114 -16.87 3.77 -39.15
N ALA D 115 -15.78 3.83 -38.39
CA ALA D 115 -15.42 5.03 -37.61
C ALA D 115 -15.15 6.20 -38.56
N GLN D 116 -14.53 5.95 -39.72
CA GLN D 116 -14.23 7.00 -40.72
C GLN D 116 -15.52 7.61 -41.23
N ALA D 117 -16.50 6.76 -41.54
CA ALA D 117 -17.82 7.19 -42.06
C ALA D 117 -18.51 8.05 -41.00
N MET D 118 -18.44 7.63 -39.73
CA MET D 118 -19.08 8.35 -38.60
C MET D 118 -18.39 9.71 -38.42
N GLU D 119 -17.06 9.74 -38.57
CA GLU D 119 -16.26 10.98 -38.40
C GLU D 119 -16.71 12.01 -39.44
N ALA D 120 -16.91 11.59 -40.69
CA ALA D 120 -17.35 12.46 -41.80
C ALA D 120 -18.79 12.95 -41.52
N ALA D 121 -19.66 12.07 -41.04
CA ALA D 121 -21.07 12.39 -40.72
C ALA D 121 -21.13 13.43 -39.59
N ALA D 122 -20.24 13.34 -38.59
CA ALA D 122 -20.19 14.30 -37.47
C ALA D 122 -19.77 15.68 -38.00
N ARG D 123 -18.77 15.74 -38.87
CA ARG D 123 -18.30 17.04 -39.42
C ARG D 123 -19.46 17.70 -40.18
N ALA D 124 -20.17 16.93 -41.02
CA ALA D 124 -21.27 17.43 -41.87
C ALA D 124 -22.44 17.94 -41.01
N SER D 125 -22.67 17.37 -39.82
CA SER D 125 -23.90 17.61 -39.01
C SER D 125 -23.81 18.94 -38.25
N ASP D 126 -22.61 19.45 -37.98
CA ASP D 126 -22.39 20.65 -37.11
C ASP D 126 -23.05 20.43 -35.73
N ARG D 127 -23.07 19.20 -35.24
CA ARG D 127 -23.50 18.90 -33.86
C ARG D 127 -22.26 18.50 -33.06
N ARG D 128 -22.37 18.59 -31.75
CA ARG D 128 -21.28 18.18 -30.83
C ARG D 128 -21.33 16.66 -30.68
N THR D 129 -20.15 16.05 -30.57
CA THR D 129 -19.98 14.62 -30.28
C THR D 129 -18.94 14.47 -29.19
N ILE D 130 -19.11 13.45 -28.36
CA ILE D 130 -18.07 13.00 -27.40
C ILE D 130 -18.18 11.49 -27.30
N ILE D 131 -17.07 10.81 -27.06
CA ILE D 131 -17.02 9.35 -26.81
C ILE D 131 -16.73 9.11 -25.32
N GLY D 132 -17.36 8.06 -24.76
CA GLY D 132 -17.43 7.73 -23.32
C GLY D 132 -16.15 7.17 -22.70
N TYR D 133 -15.05 7.89 -22.82
CA TYR D 133 -13.74 7.51 -22.25
C TYR D 133 -13.70 8.00 -20.80
N ASN D 134 -14.44 7.32 -19.93
CA ASN D 134 -14.71 7.91 -18.60
C ASN D 134 -13.44 7.92 -17.73
N TYR D 135 -12.39 7.17 -18.05
CA TYR D 135 -11.18 7.15 -17.19
C TYR D 135 -10.35 8.43 -17.40
N THR D 136 -10.69 9.25 -18.40
CA THR D 136 -10.07 10.58 -18.59
C THR D 136 -10.76 11.63 -17.73
N ARG D 137 -11.77 11.26 -16.92
CA ARG D 137 -12.62 12.25 -16.22
C ARG D 137 -12.36 12.30 -14.71
N SER D 138 -11.56 11.38 -14.15
CA SER D 138 -11.30 11.39 -12.69
C SER D 138 -10.57 12.68 -12.33
N PRO D 139 -10.84 13.24 -11.12
CA PRO D 139 -10.03 14.35 -10.63
C PRO D 139 -8.53 14.02 -10.63
N ALA D 140 -8.16 12.78 -10.28
CA ALA D 140 -6.74 12.38 -10.22
C ALA D 140 -6.12 12.46 -11.62
N PHE D 141 -6.79 11.92 -12.64
CA PHE D 141 -6.25 11.91 -14.01
C PHE D 141 -6.13 13.34 -14.51
N ARG D 142 -7.19 14.13 -14.36
CA ARG D 142 -7.21 15.53 -14.84
C ARG D 142 -6.12 16.32 -14.11
N ALA D 143 -5.91 16.06 -12.82
CA ALA D 143 -4.84 16.71 -12.01
C ALA D 143 -3.47 16.34 -12.57
N ALA D 144 -3.27 15.08 -12.97
CA ALA D 144 -2.00 14.59 -13.55
C ALA D 144 -1.74 15.32 -14.87
N VAL D 145 -2.75 15.45 -15.72
CA VAL D 145 -2.57 16.16 -17.02
C VAL D 145 -2.13 17.59 -16.73
N ASP D 146 -2.77 18.26 -15.78
CA ASP D 146 -2.41 19.67 -15.46
C ASP D 146 -1.00 19.74 -14.86
N LEU D 147 -0.63 18.80 -13.99
CA LEU D 147 0.73 18.79 -13.40
C LEU D 147 1.77 18.63 -14.53
N ILE D 148 1.52 17.74 -15.49
CA ILE D 148 2.46 17.56 -16.64
C ILE D 148 2.53 18.88 -17.42
N ALA D 149 1.39 19.49 -17.69
CA ALA D 149 1.31 20.75 -18.47
C ALA D 149 2.11 21.85 -17.78
N GLU D 150 2.14 21.84 -16.45
CA GLU D 150 2.80 22.88 -15.59
C GLU D 150 4.28 22.58 -15.37
N GLY D 151 4.82 21.49 -15.93
CA GLY D 151 6.25 21.14 -15.83
C GLY D 151 6.60 20.43 -14.54
N ALA D 152 5.61 19.91 -13.81
CA ALA D 152 5.83 19.29 -12.49
C ALA D 152 6.81 18.11 -12.60
N ILE D 153 6.88 17.42 -13.74
CA ILE D 153 7.82 16.27 -13.89
C ILE D 153 8.79 16.54 -15.03
N GLY D 154 8.94 17.81 -15.42
CA GLY D 154 9.82 18.15 -16.55
C GLY D 154 9.29 17.60 -17.86
N ARG D 155 10.18 17.11 -18.71
CA ARG D 155 9.84 16.55 -20.04
C ARG D 155 9.54 15.06 -19.88
N PRO D 156 8.38 14.54 -20.33
CA PRO D 156 8.16 13.08 -20.32
C PRO D 156 9.23 12.35 -21.14
N ILE D 157 9.77 11.27 -20.59
CA ILE D 157 10.81 10.42 -21.26
C ILE D 157 10.31 8.98 -21.41
N HIS D 158 9.27 8.57 -20.69
CA HIS D 158 8.72 7.20 -20.84
C HIS D 158 7.29 7.12 -20.32
N PHE D 159 6.47 6.38 -21.03
CA PHE D 159 5.10 6.02 -20.59
C PHE D 159 5.05 4.51 -20.40
N ARG D 160 4.46 4.05 -19.30
CA ARG D 160 4.15 2.60 -19.16
C ARG D 160 2.72 2.47 -18.66
N GLY D 161 1.89 1.77 -19.42
CA GLY D 161 0.45 1.65 -19.12
C GLY D 161 -0.02 0.23 -19.30
N MET D 162 -0.98 -0.18 -18.46
CA MET D 162 -1.61 -1.51 -18.55
C MET D 162 -3.11 -1.34 -18.29
N TYR D 163 -3.91 -2.27 -18.75
CA TYR D 163 -5.32 -2.33 -18.33
C TYR D 163 -5.70 -3.80 -18.24
N ASP D 164 -5.59 -4.32 -17.03
CA ASP D 164 -5.87 -5.74 -16.71
C ASP D 164 -7.24 -5.88 -16.05
N GLU D 165 -8.04 -6.79 -16.56
CA GLU D 165 -9.28 -7.30 -15.90
C GLU D 165 -9.35 -8.81 -16.11
N ASP D 166 -10.21 -9.50 -15.38
CA ASP D 166 -10.28 -10.98 -15.50
C ASP D 166 -11.69 -11.46 -15.85
N TYR D 167 -12.52 -10.60 -16.45
CA TYR D 167 -13.95 -10.95 -16.71
C TYR D 167 -14.06 -12.10 -17.72
N MET D 168 -13.02 -12.42 -18.50
CA MET D 168 -13.05 -13.58 -19.44
C MET D 168 -12.10 -14.68 -19.00
N ALA D 169 -11.52 -14.62 -17.80
CA ALA D 169 -10.49 -15.59 -17.37
C ALA D 169 -11.10 -17.00 -17.24
N ASP D 170 -12.38 -17.10 -16.87
CA ASP D 170 -13.07 -18.39 -16.68
C ASP D 170 -13.27 -19.04 -18.05
N PRO D 171 -12.63 -20.19 -18.32
CA PRO D 171 -12.75 -20.83 -19.64
C PRO D 171 -14.16 -21.38 -19.93
N ASP D 172 -15.00 -21.53 -18.90
CA ASP D 172 -16.38 -22.05 -19.03
C ASP D 172 -17.33 -20.96 -19.49
N LEU D 173 -16.93 -19.68 -19.40
CA LEU D 173 -17.83 -18.58 -19.84
C LEU D 173 -18.16 -18.82 -21.30
N PRO D 174 -19.46 -18.84 -21.67
CA PRO D 174 -19.85 -19.20 -23.03
C PRO D 174 -19.34 -18.26 -24.12
N TRP D 175 -19.24 -18.81 -25.32
CA TRP D 175 -18.96 -18.08 -26.57
C TRP D 175 -20.06 -17.03 -26.78
N SER D 176 -19.74 -15.95 -27.47
CA SER D 176 -20.72 -14.91 -27.85
C SER D 176 -20.26 -14.23 -29.14
N TRP D 177 -21.17 -13.51 -29.78
CA TRP D 177 -20.91 -12.71 -31.00
C TRP D 177 -19.74 -11.76 -30.77
N ALA D 178 -19.56 -11.28 -29.55
CA ALA D 178 -18.49 -10.32 -29.20
C ALA D 178 -17.11 -10.95 -29.42
N LEU D 179 -17.02 -12.28 -29.53
CA LEU D 179 -15.71 -13.00 -29.69
C LEU D 179 -15.44 -13.34 -31.15
N THR D 180 -16.24 -12.85 -32.10
CA THR D 180 -15.96 -12.95 -33.55
C THR D 180 -15.39 -11.62 -34.04
N ARG D 181 -14.52 -11.66 -35.06
CA ARG D 181 -14.00 -10.44 -35.73
C ARG D 181 -15.18 -9.69 -36.36
N LYS D 182 -16.01 -10.41 -37.12
CA LYS D 182 -17.06 -9.75 -37.95
C LYS D 182 -18.06 -9.02 -37.06
N ASP D 183 -18.51 -9.61 -35.96
CA ASP D 183 -19.60 -9.06 -35.12
C ASP D 183 -19.11 -8.50 -33.79
N GLY D 184 -17.86 -8.80 -33.39
CA GLY D 184 -17.30 -8.33 -32.11
C GLY D 184 -16.15 -7.35 -32.29
N GLY D 185 -15.53 -7.29 -33.48
CA GLY D 185 -14.33 -6.48 -33.72
C GLY D 185 -13.15 -6.97 -32.90
N LEU D 186 -12.41 -6.06 -32.28
CA LEU D 186 -11.24 -6.43 -31.45
C LEU D 186 -11.71 -7.03 -30.12
N GLY D 187 -10.81 -7.74 -29.44
CA GLY D 187 -11.07 -8.36 -28.13
C GLY D 187 -10.68 -7.41 -27.01
N ALA D 188 -9.66 -7.77 -26.23
CA ALA D 188 -9.16 -6.92 -25.14
C ALA D 188 -8.79 -5.53 -25.66
N LEU D 189 -8.27 -5.40 -26.89
CA LEU D 189 -7.90 -4.07 -27.43
C LEU D 189 -9.16 -3.18 -27.56
N GLY D 190 -10.31 -3.76 -27.90
CA GLY D 190 -11.57 -3.03 -28.10
C GLY D 190 -12.25 -2.71 -26.78
N ASP D 191 -12.22 -3.64 -25.83
CA ASP D 191 -12.92 -3.47 -24.52
C ASP D 191 -12.09 -2.57 -23.61
N LEU D 192 -10.77 -2.76 -23.58
CA LEU D 192 -9.87 -2.15 -22.58
C LEU D 192 -8.79 -1.30 -23.27
N GLY D 193 -8.17 -1.80 -24.33
CA GLY D 193 -7.08 -1.08 -25.00
C GLY D 193 -7.49 0.34 -25.35
N CYS D 194 -8.69 0.55 -25.90
CA CYS D 194 -9.12 1.91 -26.34
C CYS D 194 -9.13 2.85 -25.14
N HIS D 195 -9.56 2.39 -23.96
CA HIS D 195 -9.51 3.21 -22.73
C HIS D 195 -8.06 3.61 -22.43
N LEU D 196 -7.14 2.65 -22.45
CA LEU D 196 -5.72 2.95 -22.14
C LEU D 196 -5.17 3.92 -23.20
N VAL D 197 -5.56 3.79 -24.47
CA VAL D 197 -5.10 4.75 -25.50
C VAL D 197 -5.63 6.15 -25.13
N SER D 198 -6.91 6.27 -24.76
CA SER D 198 -7.51 7.59 -24.45
C SER D 198 -6.70 8.28 -23.35
N VAL D 199 -6.27 7.54 -22.34
CA VAL D 199 -5.47 8.08 -21.21
C VAL D 199 -4.06 8.37 -21.69
N MET D 200 -3.47 7.44 -22.45
CA MET D 200 -2.06 7.52 -22.87
C MET D 200 -1.85 8.75 -23.77
N VAL D 201 -2.69 8.96 -24.78
CA VAL D 201 -2.49 10.11 -25.71
C VAL D 201 -2.83 11.43 -25.01
N SER D 202 -3.69 11.42 -23.99
CA SER D 202 -3.98 12.62 -23.18
C SER D 202 -2.71 13.02 -22.39
N LEU D 203 -1.91 12.05 -21.96
CA LEU D 203 -0.69 12.31 -21.16
C LEU D 203 0.52 12.60 -22.06
N MET D 204 0.65 11.87 -23.17
CA MET D 204 1.91 11.81 -23.96
C MET D 204 1.75 12.46 -25.33
N GLY D 205 0.54 12.84 -25.74
CA GLY D 205 0.30 13.31 -27.11
C GLY D 205 0.15 12.13 -28.07
N PRO D 206 0.02 12.43 -29.38
CA PRO D 206 -0.31 11.40 -30.37
C PRO D 206 0.74 10.29 -30.53
N VAL D 207 0.26 9.12 -30.94
CA VAL D 207 1.09 7.92 -31.27
C VAL D 207 1.60 8.05 -32.70
N ALA D 208 2.91 7.87 -32.91
CA ALA D 208 3.54 7.85 -34.25
C ALA D 208 3.76 6.42 -34.74
N ARG D 209 4.01 5.47 -33.84
CA ARG D 209 4.36 4.09 -34.26
C ARG D 209 4.00 3.11 -33.14
N VAL D 210 3.53 1.94 -33.52
CA VAL D 210 3.35 0.81 -32.57
C VAL D 210 4.03 -0.43 -33.15
N TYR D 211 4.52 -1.28 -32.27
CA TYR D 211 4.87 -2.68 -32.59
C TYR D 211 4.20 -3.53 -31.54
N ALA D 212 3.34 -4.47 -31.93
CA ALA D 212 2.48 -5.19 -30.97
C ALA D 212 2.56 -6.71 -31.14
N GLN D 213 2.21 -7.37 -30.04
CA GLN D 213 2.03 -8.83 -29.93
CA GLN D 213 1.97 -8.82 -30.02
C GLN D 213 0.65 -9.07 -29.29
N ALA D 214 0.02 -10.18 -29.57
CA ALA D 214 -1.27 -10.51 -28.92
C ALA D 214 -1.34 -12.01 -28.72
N ASP D 215 -2.27 -12.42 -27.87
CA ASP D 215 -2.50 -13.86 -27.60
C ASP D 215 -3.98 -14.08 -27.36
N THR D 216 -4.45 -15.26 -27.73
CA THR D 216 -5.75 -15.82 -27.27
C THR D 216 -5.42 -17.00 -26.37
N VAL D 217 -5.72 -16.87 -25.08
CA VAL D 217 -5.40 -17.84 -24.01
C VAL D 217 -6.47 -18.93 -24.01
N ILE D 218 -7.74 -18.52 -24.08
CA ILE D 218 -8.88 -19.47 -24.17
C ILE D 218 -9.40 -19.38 -25.60
N THR D 219 -9.05 -20.38 -26.43
CA THR D 219 -9.16 -20.29 -27.90
C THR D 219 -10.54 -20.77 -28.36
N ASP D 220 -11.26 -21.52 -27.53
CA ASP D 220 -12.59 -22.10 -27.84
C ASP D 220 -13.45 -22.05 -26.58
N ARG D 221 -14.75 -21.84 -26.74
CA ARG D 221 -15.66 -21.72 -25.58
C ARG D 221 -16.95 -22.49 -25.84
N PRO D 222 -17.63 -22.91 -24.75
CA PRO D 222 -18.91 -23.60 -24.84
C PRO D 222 -19.93 -22.80 -25.67
N HIS D 223 -20.63 -23.49 -26.57
CA HIS D 223 -21.69 -22.90 -27.43
C HIS D 223 -22.77 -23.95 -27.70
N GLN D 224 -23.92 -23.83 -27.01
CA GLN D 224 -25.14 -24.61 -27.29
C GLN D 224 -24.81 -26.11 -27.36
N GLY D 225 -24.08 -26.63 -26.37
CA GLY D 225 -23.77 -28.07 -26.25
C GLY D 225 -22.51 -28.48 -27.01
N GLY D 226 -21.99 -27.60 -27.87
CA GLY D 226 -20.71 -27.79 -28.56
C GLY D 226 -19.72 -26.70 -28.15
N THR D 227 -18.83 -26.30 -29.06
CA THR D 227 -17.88 -25.19 -28.81
C THR D 227 -17.70 -24.36 -30.09
N ALA D 228 -17.27 -23.12 -29.92
CA ALA D 228 -17.04 -22.18 -31.03
C ALA D 228 -15.73 -21.47 -30.76
N ARG D 229 -15.02 -21.09 -31.83
CA ARG D 229 -13.67 -20.50 -31.73
C ARG D 229 -13.77 -19.04 -31.28
N VAL D 230 -12.89 -18.66 -30.36
CA VAL D 230 -12.67 -17.24 -29.98
C VAL D 230 -11.74 -16.63 -31.04
N GLU D 231 -12.20 -15.63 -31.78
CA GLU D 231 -11.46 -15.10 -32.95
C GLU D 231 -10.69 -13.82 -32.62
N ASN D 232 -10.89 -13.23 -31.44
CA ASN D 232 -10.15 -11.99 -31.10
C ASN D 232 -9.33 -12.23 -29.83
N GLU D 233 -8.45 -11.28 -29.53
CA GLU D 233 -7.34 -11.46 -28.57
C GLU D 233 -7.85 -11.33 -27.13
N ASP D 234 -7.27 -12.13 -26.25
CA ASP D 234 -7.50 -12.04 -24.78
C ASP D 234 -6.53 -11.04 -24.16
N GLN D 235 -5.36 -10.86 -24.76
CA GLN D 235 -4.35 -9.91 -24.25
C GLN D 235 -3.50 -9.40 -25.41
N ALA D 236 -2.93 -8.23 -25.25
CA ALA D 236 -2.04 -7.62 -26.25
C ALA D 236 -1.05 -6.72 -25.53
N GLN D 237 0.13 -6.61 -26.11
CA GLN D 237 1.17 -5.68 -25.60
C GLN D 237 1.77 -4.94 -26.80
N ALA D 238 2.25 -3.74 -26.58
CA ALA D 238 2.85 -2.94 -27.66
C ALA D 238 3.95 -2.04 -27.12
N LEU D 239 4.99 -1.82 -27.93
CA LEU D 239 5.93 -0.70 -27.73
C LEU D 239 5.48 0.46 -28.58
N ILE D 240 5.58 1.67 -28.03
CA ILE D 240 5.03 2.90 -28.63
C ILE D 240 6.20 3.83 -28.93
N ARG D 241 6.14 4.53 -30.06
CA ARG D 241 6.86 5.79 -30.27
C ARG D 241 5.81 6.86 -30.45
N PHE D 242 5.86 7.90 -29.61
CA PHE D 242 4.93 9.05 -29.71
C PHE D 242 5.46 9.99 -30.78
N ALA D 243 4.60 10.89 -31.25
CA ALA D 243 4.96 11.93 -32.25
C ALA D 243 6.11 12.78 -31.69
N SER D 244 6.23 12.91 -30.37
CA SER D 244 7.32 13.61 -29.64
C SER D 244 8.66 12.88 -29.77
N GLY D 245 8.64 11.61 -30.19
CA GLY D 245 9.83 10.72 -30.22
C GLY D 245 9.97 9.91 -28.95
N THR D 246 9.16 10.19 -27.92
CA THR D 246 9.26 9.52 -26.60
C THR D 246 8.77 8.07 -26.74
N SER D 247 9.27 7.21 -25.85
CA SER D 247 8.93 5.77 -25.80
C SER D 247 7.70 5.51 -24.92
N GLY D 248 7.06 4.37 -25.18
CA GLY D 248 5.94 3.88 -24.37
C GLY D 248 5.88 2.37 -24.34
N GLU D 249 5.32 1.85 -23.26
CA GLU D 249 4.93 0.44 -23.11
C GLU D 249 3.42 0.42 -22.88
N PHE D 250 2.74 -0.57 -23.44
CA PHE D 250 1.26 -0.61 -23.44
C PHE D 250 0.83 -2.07 -23.35
N SER D 251 -0.18 -2.38 -22.54
CA SER D 251 -0.76 -3.73 -22.55
C SER D 251 -2.22 -3.66 -22.13
N CYS D 252 -2.97 -4.67 -22.50
CA CYS D 252 -4.33 -4.89 -21.97
C CYS D 252 -4.58 -6.39 -21.89
N SER D 253 -5.47 -6.78 -21.00
CA SER D 253 -5.83 -8.20 -20.85
C SER D 253 -7.23 -8.31 -20.25
N ARG D 254 -8.02 -9.24 -20.77
CA ARG D 254 -9.35 -9.58 -20.19
C ARG D 254 -9.23 -10.92 -19.46
N VAL D 255 -8.02 -11.45 -19.23
CA VAL D 255 -7.85 -12.79 -18.58
C VAL D 255 -6.81 -12.71 -17.45
N ALA D 256 -6.53 -11.52 -16.94
CA ALA D 256 -5.48 -11.27 -15.93
C ALA D 256 -6.08 -11.48 -14.54
N ARG D 257 -5.92 -12.68 -13.99
CA ARG D 257 -6.67 -13.11 -12.78
C ARG D 257 -6.36 -12.22 -11.57
N GLY D 258 -7.42 -11.77 -10.89
CA GLY D 258 -7.35 -10.98 -9.65
C GLY D 258 -7.58 -9.50 -9.91
N TYR D 259 -7.48 -9.08 -11.18
CA TYR D 259 -7.63 -7.66 -11.55
C TYR D 259 -9.06 -7.42 -12.01
N ARG D 260 -9.66 -6.32 -11.58
CA ARG D 260 -11.09 -6.03 -11.83
C ARG D 260 -11.22 -4.76 -12.67
N CYS D 261 -10.35 -3.77 -12.45
CA CYS D 261 -10.39 -2.50 -13.21
C CYS D 261 -9.01 -1.86 -13.16
N ARG D 262 -7.98 -2.65 -13.45
CA ARG D 262 -6.58 -2.25 -13.20
C ARG D 262 -6.05 -1.51 -14.43
N LEU D 263 -6.64 -0.36 -14.73
CA LEU D 263 -6.09 0.64 -15.67
C LEU D 263 -5.03 1.40 -14.87
N ALA D 264 -3.76 1.08 -15.10
CA ALA D 264 -2.67 1.65 -14.31
C ALA D 264 -1.63 2.22 -15.26
N TRP D 265 -1.12 3.39 -14.96
CA TRP D 265 -0.15 4.03 -15.88
C TRP D 265 0.87 4.82 -15.08
N GLU D 266 1.98 5.13 -15.73
CA GLU D 266 2.95 6.05 -15.13
C GLU D 266 3.67 6.79 -16.24
N VAL D 267 3.96 8.04 -15.96
CA VAL D 267 4.73 8.93 -16.86
C VAL D 267 6.03 9.24 -16.12
N GLN D 268 7.14 8.82 -16.68
CA GLN D 268 8.47 9.14 -16.12
C GLN D 268 8.98 10.36 -16.87
N GLY D 269 9.43 11.38 -16.14
CA GLY D 269 9.91 12.62 -16.75
C GLY D 269 11.34 12.90 -16.36
N THR D 270 11.92 13.95 -16.93
CA THR D 270 13.29 14.38 -16.60
C THR D 270 13.34 14.91 -15.16
N GLU D 271 12.21 15.37 -14.59
CA GLU D 271 12.20 16.04 -13.27
C GLU D 271 11.16 15.43 -12.35
N GLY D 272 10.71 14.21 -12.64
CA GLY D 272 9.78 13.54 -11.71
C GLY D 272 9.05 12.41 -12.37
N THR D 273 8.14 11.80 -11.62
CA THR D 273 7.34 10.63 -12.06
C THR D 273 5.91 10.78 -11.52
N LEU D 274 4.93 10.48 -12.36
CA LEU D 274 3.51 10.38 -11.94
C LEU D 274 3.07 8.94 -12.15
N ARG D 275 2.31 8.40 -11.19
CA ARG D 275 1.86 6.98 -11.25
C ARG D 275 0.44 6.89 -10.71
N PHE D 276 -0.39 6.05 -11.32
CA PHE D 276 -1.83 5.96 -11.02
C PHE D 276 -2.31 4.54 -11.28
N ASP D 277 -3.28 4.11 -10.48
CA ASP D 277 -3.98 2.82 -10.65
C ASP D 277 -5.48 3.07 -10.39
N GLN D 278 -6.32 2.84 -11.40
CA GLN D 278 -7.78 3.09 -11.35
C GLN D 278 -8.44 2.27 -10.23
N GLU D 279 -7.87 1.15 -9.80
CA GLU D 279 -8.44 0.38 -8.67
C GLU D 279 -8.35 1.19 -7.38
N ARG D 280 -7.45 2.16 -7.32
CA ARG D 280 -7.38 3.16 -6.22
C ARG D 280 -7.48 4.55 -6.86
N MET D 281 -8.63 4.86 -7.45
CA MET D 281 -8.75 6.03 -8.36
C MET D 281 -8.60 7.35 -7.61
N ASN D 282 -8.55 7.34 -6.27
CA ASN D 282 -8.44 8.59 -5.49
C ASN D 282 -6.98 8.90 -5.12
N GLU D 283 -6.02 8.14 -5.64
CA GLU D 283 -4.59 8.36 -5.31
C GLU D 283 -3.79 8.64 -6.56
N LEU D 284 -2.98 9.68 -6.50
CA LEU D 284 -2.02 10.03 -7.58
C LEU D 284 -0.64 10.11 -6.94
N TRP D 285 0.31 9.33 -7.43
CA TRP D 285 1.68 9.32 -6.85
C TRP D 285 2.57 10.26 -7.65
N LEU D 286 3.20 11.20 -6.97
CA LEU D 286 4.08 12.20 -7.62
C LEU D 286 5.43 12.17 -6.95
N TYR D 287 6.47 11.88 -7.73
CA TYR D 287 7.86 12.06 -7.27
C TYR D 287 8.43 13.30 -7.95
N GLN D 288 9.03 14.17 -7.15
CA GLN D 288 9.91 15.27 -7.63
C GLN D 288 11.15 15.26 -6.77
N PRO D 289 12.33 15.60 -7.32
CA PRO D 289 13.54 15.61 -6.51
C PRO D 289 13.34 16.46 -5.24
N GLY D 290 13.83 15.96 -4.12
CA GLY D 290 13.74 16.64 -2.83
C GLY D 290 15.03 16.46 -2.07
N ARG D 291 15.19 17.16 -0.95
CA ARG D 291 16.42 17.00 -0.15
C ARG D 291 16.49 15.57 0.34
N PRO D 292 17.70 14.99 0.42
CA PRO D 292 17.88 13.57 0.70
C PRO D 292 17.14 13.07 1.96
N GLU D 293 17.01 13.92 2.98
CA GLU D 293 16.40 13.48 4.28
C GLU D 293 14.91 13.22 4.10
N ILE D 294 14.23 13.83 3.13
CA ILE D 294 12.74 13.69 3.02
C ILE D 294 12.33 13.22 1.63
N ASP D 295 13.29 12.81 0.81
CA ASP D 295 13.07 12.50 -0.62
C ASP D 295 12.13 11.28 -0.76
N GLY D 296 11.14 11.37 -1.64
CA GLY D 296 10.27 10.21 -1.95
C GLY D 296 8.98 10.61 -2.62
N PHE D 297 8.26 9.62 -3.14
CA PHE D 297 6.95 9.85 -3.79
C PHE D 297 5.96 10.42 -2.79
N ARG D 298 5.11 11.34 -3.24
CA ARG D 298 3.95 11.83 -2.46
C ARG D 298 2.71 11.05 -2.88
N ARG D 299 1.90 10.66 -1.90
CA ARG D 299 0.53 10.16 -2.12
C ARG D 299 -0.41 11.38 -2.14
N ILE D 300 -0.86 11.79 -3.33
CA ILE D 300 -1.86 12.89 -3.43
C ILE D 300 -3.24 12.25 -3.35
N LEU D 301 -3.98 12.53 -2.28
CA LEU D 301 -5.35 11.97 -2.11
C LEU D 301 -6.33 12.96 -2.74
N THR D 302 -7.25 12.46 -3.56
CA THR D 302 -8.23 13.29 -4.31
C THR D 302 -9.02 14.19 -3.34
N GLY D 303 -9.19 15.44 -3.76
CA GLY D 303 -9.93 16.45 -3.00
C GLY D 303 -10.17 17.68 -3.87
N PRO D 304 -10.68 18.77 -3.27
CA PRO D 304 -11.14 19.93 -4.03
C PRO D 304 -10.07 20.71 -4.80
N ALA D 305 -8.78 20.45 -4.59
CA ALA D 305 -7.71 21.06 -5.42
C ALA D 305 -7.73 20.46 -6.84
N GLN D 306 -8.38 19.31 -7.04
CA GLN D 306 -8.31 18.57 -8.32
C GLN D 306 -9.53 18.89 -9.17
N PRO D 307 -9.38 18.92 -10.51
CA PRO D 307 -10.49 19.29 -11.40
C PRO D 307 -11.75 18.45 -11.15
N GLY D 308 -12.90 19.15 -11.05
CA GLY D 308 -14.23 18.53 -10.97
C GLY D 308 -14.63 18.15 -9.55
N PHE D 309 -13.70 17.89 -8.63
CA PHE D 309 -14.03 17.26 -7.32
C PHE D 309 -14.96 18.17 -6.52
N ALA D 310 -14.68 19.49 -6.50
CA ALA D 310 -15.42 20.47 -5.66
C ALA D 310 -16.90 20.51 -6.03
N ALA D 311 -17.28 20.15 -7.25
CA ALA D 311 -18.70 20.10 -7.69
C ALA D 311 -19.44 18.98 -6.94
N PHE D 312 -18.71 18.02 -6.37
CA PHE D 312 -19.32 16.82 -5.74
C PHE D 312 -19.18 16.82 -4.22
N CYS D 313 -18.20 17.55 -3.69
CA CYS D 313 -17.84 17.47 -2.25
C CYS D 313 -16.82 18.55 -1.94
N PRO D 314 -17.00 19.32 -0.84
CA PRO D 314 -16.03 20.34 -0.46
C PRO D 314 -14.85 19.82 0.36
N GLY D 315 -14.89 18.56 0.82
CA GLY D 315 -13.90 18.00 1.74
C GLY D 315 -13.02 16.96 1.07
N GLY D 316 -11.71 17.12 1.12
CA GLY D 316 -10.77 16.15 0.54
C GLY D 316 -10.88 14.78 1.21
N GLY D 317 -10.50 13.74 0.49
CA GLY D 317 -10.39 12.38 1.04
C GLY D 317 -11.72 11.67 1.12
N HIS D 318 -12.84 12.32 0.76
CA HIS D 318 -14.16 11.69 0.58
C HIS D 318 -14.17 11.10 -0.83
N ASN D 319 -13.95 9.78 -0.94
CA ASN D 319 -13.55 9.16 -2.23
C ASN D 319 -14.57 9.48 -3.32
N PHE D 320 -14.05 9.96 -4.45
CA PHE D 320 -14.77 10.15 -5.73
C PHE D 320 -15.00 8.76 -6.33
N GLY D 321 -16.16 8.53 -6.93
CA GLY D 321 -16.49 7.20 -7.44
C GLY D 321 -16.42 7.09 -8.96
N PHE D 322 -16.40 5.86 -9.44
CA PHE D 322 -16.40 5.54 -10.89
C PHE D 322 -17.56 6.26 -11.56
N ASN D 323 -18.76 6.17 -11.01
CA ASN D 323 -19.98 6.69 -11.68
C ASN D 323 -19.87 8.22 -11.79
N GLU D 324 -19.21 8.90 -10.86
CA GLU D 324 -19.11 10.38 -10.89
C GLU D 324 -18.24 10.81 -12.07
N GLN D 325 -17.35 9.96 -12.57
CA GLN D 325 -16.61 10.27 -13.81
C GLN D 325 -17.59 10.58 -14.94
N LYS D 326 -18.72 9.88 -14.96
CA LYS D 326 -19.70 10.04 -16.06
C LYS D 326 -20.48 11.35 -15.88
N VAL D 327 -20.66 11.82 -14.65
CA VAL D 327 -21.31 13.14 -14.38
C VAL D 327 -20.39 14.23 -14.94
N VAL D 328 -19.08 14.11 -14.71
CA VAL D 328 -18.08 15.05 -15.28
C VAL D 328 -18.16 14.99 -16.81
N GLU D 329 -18.23 13.80 -17.39
CA GLU D 329 -18.32 13.64 -18.85
C GLU D 329 -19.60 14.33 -19.36
N ALA D 330 -20.74 14.14 -18.71
CA ALA D 330 -22.01 14.77 -19.13
C ALA D 330 -21.83 16.29 -19.11
N GLU D 331 -21.21 16.81 -18.06
CA GLU D 331 -21.01 18.28 -17.90
C GLU D 331 -20.14 18.78 -19.05
N MET D 332 -19.08 18.05 -19.42
CA MET D 332 -18.21 18.51 -20.54
C MET D 332 -19.05 18.58 -21.82
N LEU D 333 -19.95 17.63 -22.05
CA LEU D 333 -20.78 17.67 -23.27
C LEU D 333 -21.79 18.81 -23.15
N ARG D 334 -22.43 18.99 -21.99
CA ARG D 334 -23.35 20.13 -21.72
C ARG D 334 -22.67 21.44 -22.11
N GLN D 335 -21.48 21.69 -21.59
CA GLN D 335 -20.74 22.97 -21.79
C GLN D 335 -20.37 23.11 -23.27
N ALA D 336 -19.99 22.01 -23.94
CA ALA D 336 -19.65 22.03 -25.39
C ALA D 336 -20.88 22.44 -26.20
N ILE D 337 -22.04 21.85 -25.88
CA ILE D 337 -23.32 22.14 -26.58
C ILE D 337 -23.65 23.64 -26.42
N ALA D 338 -23.36 24.20 -25.24
CA ALA D 338 -23.63 25.61 -24.89
C ALA D 338 -22.57 26.53 -25.51
N GLY D 339 -21.54 25.98 -26.16
CA GLY D 339 -20.44 26.72 -26.79
C GLY D 339 -19.50 27.33 -25.74
N ARG D 340 -19.39 26.71 -24.57
CA ARG D 340 -18.61 27.21 -23.40
C ARG D 340 -17.43 26.28 -23.11
N GLY D 341 -17.09 25.39 -24.03
CA GLY D 341 -16.00 24.42 -23.85
C GLY D 341 -15.95 23.45 -25.00
N LYS D 342 -14.78 22.86 -25.25
CA LYS D 342 -14.62 21.78 -26.25
C LYS D 342 -14.71 20.45 -25.52
N ALA D 343 -15.48 19.51 -26.05
CA ALA D 343 -15.56 18.14 -25.51
C ALA D 343 -14.48 17.31 -26.20
N TRP D 344 -13.76 16.49 -25.43
CA TRP D 344 -12.74 15.57 -25.96
C TRP D 344 -13.04 14.16 -25.45
N PRO D 345 -12.90 13.11 -26.28
CA PRO D 345 -12.66 13.23 -27.72
C PRO D 345 -13.96 13.29 -28.51
N ASP D 346 -14.04 14.17 -29.50
CA ASP D 346 -15.14 14.18 -30.48
C ASP D 346 -14.87 13.06 -31.49
N PHE D 347 -15.71 12.90 -32.52
CA PHE D 347 -15.57 11.76 -33.45
C PHE D 347 -14.26 11.85 -34.22
N THR D 348 -13.72 13.05 -34.44
CA THR D 348 -12.43 13.24 -35.14
C THR D 348 -11.29 12.72 -34.25
N ASP D 349 -11.27 13.14 -32.99
CA ASP D 349 -10.20 12.68 -32.05
CA ASP D 349 -10.27 12.70 -31.97
C ASP D 349 -10.41 11.19 -31.74
N GLY D 350 -11.65 10.71 -31.73
CA GLY D 350 -11.98 9.28 -31.48
C GLY D 350 -11.50 8.40 -32.62
N LEU D 351 -11.62 8.88 -33.87
CA LEU D 351 -11.16 8.13 -35.05
C LEU D 351 -9.66 7.82 -34.89
N THR D 352 -8.87 8.79 -34.46
CA THR D 352 -7.41 8.59 -34.24
C THR D 352 -7.20 7.43 -33.26
N ILE D 353 -7.96 7.39 -32.17
CA ILE D 353 -7.85 6.33 -31.14
C ILE D 353 -8.18 4.98 -31.79
N GLU D 354 -9.23 4.92 -32.60
CA GLU D 354 -9.61 3.68 -33.32
C GLU D 354 -8.45 3.25 -34.23
N ARG D 355 -7.79 4.18 -34.91
CA ARG D 355 -6.68 3.82 -35.82
C ARG D 355 -5.53 3.20 -35.01
N VAL D 356 -5.27 3.73 -33.81
CA VAL D 356 -4.15 3.22 -32.95
C VAL D 356 -4.45 1.77 -32.54
N ILE D 357 -5.64 1.49 -31.99
CA ILE D 357 -5.92 0.11 -31.49
C ILE D 357 -5.99 -0.85 -32.67
N HIS D 358 -6.55 -0.46 -33.83
CA HIS D 358 -6.59 -1.35 -35.02
C HIS D 358 -5.18 -1.51 -35.58
N GLY D 359 -4.35 -0.47 -35.48
CA GLY D 359 -2.94 -0.53 -35.89
C GLY D 359 -2.17 -1.53 -35.03
N MET D 360 -2.46 -1.58 -33.73
CA MET D 360 -1.82 -2.58 -32.83
C MET D 360 -2.28 -3.98 -33.26
N ALA D 361 -3.56 -4.17 -33.57
CA ALA D 361 -4.09 -5.49 -34.02
C ALA D 361 -3.38 -5.89 -35.32
N THR D 362 -3.27 -4.96 -36.26
CA THR D 362 -2.56 -5.19 -37.56
C THR D 362 -1.11 -5.56 -37.30
N SER D 363 -0.41 -4.82 -36.45
CA SER D 363 1.02 -5.07 -36.14
C SER D 363 1.17 -6.49 -35.57
N ALA D 364 0.32 -6.88 -34.62
CA ALA D 364 0.38 -8.22 -33.98
C ALA D 364 0.19 -9.32 -35.03
N GLN D 365 -0.67 -9.10 -36.02
CA GLN D 365 -0.99 -10.12 -37.05
C GLN D 365 0.16 -10.20 -38.05
N THR D 366 0.70 -9.06 -38.49
CA THR D 366 1.65 -9.00 -39.65
C THR D 366 3.10 -9.07 -39.16
N GLY D 367 3.34 -8.86 -37.85
CA GLY D 367 4.69 -8.87 -37.27
C GLY D 367 5.50 -7.66 -37.69
N GLN D 368 4.85 -6.62 -38.18
CA GLN D 368 5.51 -5.37 -38.66
C GLN D 368 5.10 -4.21 -37.76
N PRO D 369 6.00 -3.22 -37.54
CA PRO D 369 5.60 -1.97 -36.90
C PRO D 369 4.55 -1.30 -37.79
N VAL D 370 3.64 -0.54 -37.18
CA VAL D 370 2.64 0.27 -37.92
C VAL D 370 2.88 1.74 -37.56
N ASN D 371 2.96 2.59 -38.60
CA ASN D 371 3.22 4.04 -38.48
C ASN D 371 1.90 4.79 -38.71
N PHE D 372 1.75 5.95 -38.07
CA PHE D 372 0.57 6.83 -38.20
C PHE D 372 1.03 8.21 -38.68
N LEU D 373 0.29 8.79 -39.64
CA LEU D 373 0.60 10.10 -40.27
C LEU D 373 2.05 10.13 -40.73
PA NAI E . 15.00 -19.06 22.72
O1A NAI E . 14.72 -18.21 21.53
O2A NAI E . 14.77 -20.55 22.69
O5B NAI E . 16.53 -18.84 23.19
C5B NAI E . 16.95 -19.38 24.45
C4B NAI E . 18.39 -19.81 24.29
O4B NAI E . 18.97 -19.86 25.59
C3B NAI E . 18.47 -21.19 23.66
O3B NAI E . 19.60 -21.31 22.80
C2B NAI E . 18.62 -22.08 24.89
O2B NAI E . 19.21 -23.35 24.63
C1B NAI E . 19.49 -21.18 25.75
N9A NAI E . 19.49 -21.51 27.18
C8A NAI E . 18.43 -21.74 27.96
N7A NAI E . 18.83 -22.00 29.22
C5A NAI E . 20.19 -21.92 29.25
C6A NAI E . 21.24 -22.09 30.25
N6A NAI E . 20.90 -22.39 31.51
N1A NAI E . 22.53 -21.92 29.86
C2A NAI E . 22.86 -21.62 28.59
N3A NAI E . 21.94 -21.45 27.62
C4A NAI E . 20.61 -21.59 27.89
O3 NAI E . 14.19 -18.61 24.05
PN NAI E . 13.31 -17.32 24.41
O1N NAI E . 13.10 -17.46 25.91
O2N NAI E . 12.07 -17.28 23.54
O5D NAI E . 14.21 -16.02 24.03
C5D NAI E . 15.47 -15.75 24.68
C4D NAI E . 15.59 -14.25 24.93
O4D NAI E . 15.57 -13.51 23.70
C3D NAI E . 14.41 -13.74 25.73
O3D NAI E . 14.88 -12.80 26.70
C2D NAI E . 13.50 -13.05 24.73
O2D NAI E . 12.77 -11.99 25.32
C1D NAI E . 14.53 -12.50 23.77
N1N NAI E . 14.07 -12.19 22.42
C2N NAI E . 14.35 -10.97 21.94
C3N NAI E . 13.99 -10.62 20.64
C7N NAI E . 14.28 -9.24 20.12
O7N NAI E . 13.77 -8.90 19.04
N7N NAI E . 15.04 -8.42 20.82
C4N NAI E . 13.32 -11.61 19.73
C5N NAI E . 13.10 -12.90 20.37
C6N NAI E . 13.50 -13.15 21.68
O1 PG4 F . 10.33 15.82 25.09
C1 PG4 F . 10.52 14.84 24.08
C2 PG4 F . 11.88 14.26 24.12
O2 PG4 F . 12.15 13.60 22.89
C3 PG4 F . 13.45 13.01 22.86
C4 PG4 F . 13.36 11.63 23.40
O3 PG4 F . 13.94 11.57 24.69
C5 PG4 F . 14.24 10.26 25.13
C6 PG4 F . 15.16 9.59 24.14
O4 PG4 F . 15.67 8.37 24.65
C7 PG4 F . 16.57 7.75 23.73
C8 PG4 F . 17.80 8.61 23.60
O5 PG4 F . 18.87 7.92 23.01
C1 8S0 G . 10.32 -10.16 20.51
C2 8S0 G . 9.96 -9.65 19.23
C3 8S0 G . 9.64 -10.73 18.22
C4 8S0 G . 8.61 -11.66 18.84
C5 8S0 G . 9.23 -12.26 20.07
C6 8S0 G . 8.22 -13.18 20.76
O1 8S0 G . 11.13 -9.57 21.23
O2 8S0 G . 11.04 -8.88 18.67
O3 8S0 G . 9.11 -10.11 17.05
O4 8S0 G . 8.28 -12.68 17.89
O5 8S0 G . 9.60 -11.23 20.99
O6 8S0 G . 8.84 -13.85 21.85
PA NAI H . 32.83 -0.16 -6.76
O1A NAI H . 33.62 0.92 -7.44
O2A NAI H . 31.98 0.12 -5.54
O5B NAI H . 33.83 -1.40 -6.45
C5B NAI H . 34.85 -1.80 -7.36
C4B NAI H . 36.01 -2.32 -6.53
O4B NAI H . 37.02 -2.91 -7.36
C3B NAI H . 36.68 -1.20 -5.73
O3B NAI H . 37.04 -1.64 -4.42
C2B NAI H . 37.96 -0.93 -6.51
O2B NAI H . 38.97 -0.32 -5.70
C1B NAI H . 38.27 -2.35 -6.94
N9A NAI H . 39.25 -2.44 -8.04
C8A NAI H . 39.24 -1.72 -9.18
N7A NAI H . 40.31 -2.09 -9.95
C5A NAI H . 41.00 -3.03 -9.28
C6A NAI H . 42.23 -3.84 -9.50
N6A NAI H . 42.93 -3.69 -10.64
N1A NAI H . 42.60 -4.72 -8.55
C2A NAI H . 41.91 -4.88 -7.40
N3A NAI H . 40.79 -4.18 -7.14
C4A NAI H . 40.30 -3.27 -8.02
O3 NAI H . 31.90 -0.80 -7.87
PN NAI H . 30.64 -1.78 -7.58
O1N NAI H . 29.37 -0.92 -7.56
O2N NAI H . 30.84 -2.82 -6.48
O5D NAI H . 30.78 -2.47 -9.05
C5D NAI H . 31.71 -3.56 -9.25
C4D NAI H . 30.98 -4.76 -9.83
O4D NAI H . 29.84 -5.13 -9.04
C3D NAI H . 30.46 -4.44 -11.22
O3D NAI H . 30.68 -5.58 -12.05
C2D NAI H . 28.97 -4.21 -11.02
O2D NAI H . 28.20 -4.53 -12.18
C1D NAI H . 28.66 -5.13 -9.86
N1N NAI H . 27.51 -4.75 -9.01
C2N NAI H . 26.61 -5.71 -8.75
C3N NAI H . 25.51 -5.48 -7.92
C7N NAI H . 24.52 -6.57 -7.66
O7N NAI H . 23.42 -6.26 -7.17
N7N NAI H . 24.84 -7.84 -7.90
C4N NAI H . 25.31 -4.14 -7.27
C5N NAI H . 26.36 -3.18 -7.62
C6N NAI H . 27.39 -3.53 -8.47
C1 8S0 I . 23.11 -3.36 -9.78
C2 8S0 I . 21.94 -3.27 -8.95
C3 8S0 I . 21.92 -2.01 -8.10
C4 8S0 I . 22.22 -0.81 -8.94
C5 8S0 I . 23.62 -0.98 -9.47
C6 8S0 I . 23.96 0.23 -10.37
O1 8S0 I . 23.52 -4.45 -10.19
O2 8S0 I . 21.80 -4.37 -8.01
O3 8S0 I . 20.62 -1.86 -7.56
O4 8S0 I . 22.14 0.37 -8.13
O5 8S0 I . 23.67 -2.19 -10.25
O6 8S0 I . 25.32 0.17 -10.81
PA NAI J . -22.72 23.77 5.53
O1A NAI J . -22.42 25.13 6.09
O2A NAI J . -21.99 23.30 4.29
O5B NAI J . -24.33 23.63 5.36
C5B NAI J . -25.27 24.18 6.30
C4B NAI J . -26.50 24.51 5.47
O4B NAI J . -27.60 24.87 6.32
C3B NAI J . -26.25 25.69 4.53
O3B NAI J . -26.84 25.46 3.25
C2B NAI J . -26.97 26.83 5.23
O2B NAI J . -27.35 27.89 4.34
C1B NAI J . -28.15 26.08 5.79
N9A NAI J . -28.86 26.80 6.87
C8A NAI J . -28.32 27.33 7.96
N7A NAI J . -29.29 27.92 8.73
C5A NAI J . -30.46 27.74 8.09
C6A NAI J . -31.87 28.09 8.34
N6A NAI J . -32.21 28.77 9.44
N1A NAI J . -32.80 27.72 7.43
C2A NAI J . -32.47 27.04 6.31
N3A NAI J . -31.19 26.68 6.03
C4A NAI J . -30.17 27.00 6.86
O3 NAI J . -22.51 22.73 6.71
PN NAI J . -22.37 21.12 6.55
O1N NAI J . -20.88 20.78 6.56
O2N NAI J . -23.28 20.54 5.46
O5D NAI J . -22.96 20.77 8.03
C5D NAI J . -24.37 20.67 8.26
C4D NAI J . -24.66 19.38 9.00
O4D NAI J . -24.13 18.25 8.28
C3D NAI J . -24.01 19.35 10.37
O3D NAI J . -24.96 18.79 11.29
C2D NAI J . -22.81 18.43 10.24
O2D NAI J . -22.49 17.77 11.47
C1D NAI J . -23.28 17.48 9.16
N1N NAI J . -22.25 16.85 8.34
C2N NAI J . -22.31 15.53 8.18
C3N NAI J . -21.40 14.85 7.38
C7N NAI J . -21.51 13.37 7.23
O7N NAI J . -20.57 12.78 6.66
N7N NAI J . -22.60 12.73 7.67
C4N NAI J . -20.32 15.59 6.63
C5N NAI J . -20.37 17.02 6.88
C6N NAI J . -21.33 17.58 7.71
C1 8S0 K . -18.15 14.82 9.17
C2 8S0 K . -17.27 13.97 8.41
C3 8S0 K . -16.36 14.73 7.46
C4 8S0 K . -15.72 15.88 8.20
C5 8S0 K . -16.84 16.78 8.65
C6 8S0 K . -16.23 18.02 9.34
O1 8S0 K . -19.25 14.41 9.56
O2 8S0 K . -17.98 13.03 7.54
O3 8S0 K . -15.39 13.84 6.98
O4 8S0 K . -14.87 16.59 7.31
O5 8S0 K . -17.68 16.06 9.58
O6 8S0 K . -17.27 18.86 9.84
PA NAI L . -24.97 -4.18 -22.21
O1A NAI L . -26.01 -5.25 -22.00
O2A NAI L . -24.07 -3.77 -21.06
O5B NAI L . -25.80 -2.90 -22.70
C5B NAI L . -26.46 -2.94 -23.96
C4B NAI L . -27.80 -2.25 -23.81
O4B NAI L . -28.33 -1.97 -25.11
C3B NAI L . -28.82 -3.14 -23.09
O3B NAI L . -29.64 -2.34 -22.24
C2B NAI L . -29.62 -3.73 -24.25
O2B NAI L . -30.93 -4.18 -23.91
C1B NAI L . -29.64 -2.52 -25.18
N9A NAI L . -29.93 -2.83 -26.60
C8A NAI L . -29.38 -3.82 -27.34
N7A NAI L . -29.88 -3.76 -28.61
C5A NAI L . -30.73 -2.71 -28.67
C6A NAI L . -31.58 -2.10 -29.71
N6A NAI L . -31.60 -2.62 -30.96
N1A NAI L . -32.32 -1.02 -29.37
C2A NAI L . -32.31 -0.49 -28.13
N3A NAI L . -31.54 -1.01 -27.12
C4A NAI L . -30.76 -2.10 -27.34
O3 NAI L . -24.15 -4.54 -23.55
PN NAI L . -22.58 -4.37 -23.87
O1N NAI L . -21.74 -5.21 -22.93
O2N NAI L . -22.47 -4.62 -25.36
O5D NAI L . -22.16 -2.81 -23.58
C5D NAI L . -22.81 -1.72 -24.25
C4D NAI L . -21.80 -0.61 -24.57
O4D NAI L . -21.22 -0.04 -23.39
C3D NAI L . -20.65 -1.12 -25.41
O3D NAI L . -20.36 -0.16 -26.43
C2D NAI L . -19.47 -1.24 -24.46
O2D NAI L . -18.21 -1.10 -25.13
C1D NAI L . -19.77 -0.08 -23.53
N1N NAI L . -19.17 -0.16 -22.19
C2N NAI L . -18.44 0.90 -21.75
C3N NAI L . -17.89 0.94 -20.47
C7N NAI L . -17.06 2.12 -20.02
O7N NAI L . -16.38 2.01 -19.01
N7N NAI L . -17.09 3.26 -20.70
C4N NAI L . -18.11 -0.22 -19.52
C5N NAI L . -18.92 -1.28 -20.10
C6N NAI L . -19.42 -1.21 -21.40
O1 PG4 M . -25.58 -17.12 -28.64
C1 PG4 M . -25.97 -16.95 -29.99
C2 PG4 M . -26.50 -18.22 -30.61
O2 PG4 M . -26.18 -18.23 -32.00
C3 PG4 M . -26.39 -19.50 -32.63
C4 PG4 M . -25.06 -20.10 -33.01
O3 PG4 M . -24.53 -19.48 -34.18
C5 PG4 M . -23.10 -19.39 -34.18
C6 PG4 M . -22.48 -20.75 -34.20
O4 PG4 M . -21.07 -20.70 -34.01
C7 PG4 M . -20.46 -21.99 -34.14
C8 PG4 M . -21.08 -22.95 -33.16
O5 PG4 M . -20.47 -24.22 -33.14
C1 8S0 N . -14.99 -1.32 -20.23
C2 8S0 N . -14.37 -1.11 -18.93
C3 8S0 N . -14.86 -2.03 -17.88
C4 8S0 N . -14.84 -3.45 -18.40
C5 8S0 N . -15.78 -3.53 -19.57
C6 8S0 N . -15.82 -4.98 -20.08
O1 8S0 N . -15.13 -0.39 -21.03
O2 8S0 N . -14.64 0.17 -18.37
O3 8S0 N . -14.02 -1.93 -16.75
O4 8S0 N . -15.26 -4.35 -17.34
O5 8S0 N . -15.30 -2.62 -20.60
O6 8S0 N . -16.59 -5.04 -21.30
#